data_8ZVV
#
_entry.id   8ZVV
#
_cell.length_a   57.548
_cell.length_b   194.332
_cell.length_c   69.369
_cell.angle_alpha   90.00
_cell.angle_beta   90.40
_cell.angle_gamma   90.00
#
_symmetry.space_group_name_H-M   'P 1 21 1'
#
loop_
_entity.id
_entity.type
_entity.pdbx_description
1 polymer 'Citrate synthase, mitochondrial'
2 non-polymer 'CITRIC ACID'
3 water water
#
_entity_poly.entity_id   1
_entity_poly.type   'polypeptide(L)'
_entity_poly.pdbx_seq_one_letter_code
;STNLKDILADLIPKEQARIKTFRQQHGKTVVGQITVDMMYGGMRGMKGLVYETSVLDPDEGIRFRGFSIPECQKLLPKAK
GGEEPLPEGLFWLLVTGHIPTEEQVSWLSKEWAKRAALPSHVVTMLDNFPTNLHPMSQLSAAVTALNSESNFARAYAQGI
SRTKYWELIYEDSMDLIAKLPCVAAKIYRNLYREGSGIGAIDSNLDWSHNFTNMLGYTDHQFTELTRLYLTIHSDHEGGN
VSAHTSHLVGSALSDPYLSFAAAMNGLAGPLHGLANQEVLVWLTQLQKEVGKDVSDEKLRDYIWNTLNSGRVVPGYGHAV
LRKTDPRYTCQREFALKHLPNDPMFKLVAQLYKIVPNVLLEQGKAKNPWPNVDAHSGVLLQYYGMTEMNYYTVLFGVSRA
LGVLAQLIWSRALGFPLERPKSMSTEGLMKFVDS
;
_entity_poly.pdbx_strand_id   A,B,C,D
#
loop_
_chem_comp.id
_chem_comp.type
_chem_comp.name
_chem_comp.formula
CIT non-polymer 'CITRIC ACID' 'C6 H8 O7'
#
# COMPACT_ATOMS: atom_id res chain seq x y z
N SER A 1 -33.10 8.73 4.46
CA SER A 1 -34.32 7.89 4.59
C SER A 1 -34.37 6.86 3.46
N THR A 2 -35.01 7.21 2.35
CA THR A 2 -34.86 6.44 1.13
C THR A 2 -34.14 7.25 0.06
N ASN A 3 -34.10 8.60 0.14
CA ASN A 3 -33.52 9.31 -0.98
C ASN A 3 -32.00 9.20 -0.94
N LEU A 4 -31.49 8.48 -1.94
CA LEU A 4 -30.08 8.19 -2.06
C LEU A 4 -29.26 9.48 -2.15
N LYS A 5 -29.78 10.50 -2.84
CA LYS A 5 -29.02 11.74 -2.94
C LYS A 5 -28.76 12.32 -1.56
N ASP A 6 -29.76 12.24 -0.66
CA ASP A 6 -29.69 12.86 0.66
C ASP A 6 -28.72 12.09 1.53
N ILE A 7 -28.73 10.78 1.39
CA ILE A 7 -27.79 9.96 2.12
C ILE A 7 -26.38 10.29 1.64
N LEU A 8 -26.21 10.47 0.34
CA LEU A 8 -24.91 10.77 -0.23
C LEU A 8 -24.42 12.15 0.20
N ALA A 9 -25.30 13.17 0.12
CA ALA A 9 -24.99 14.51 0.60
C ALA A 9 -24.38 14.48 1.99
N ASP A 10 -24.97 13.68 2.88
CA ASP A 10 -24.50 13.55 4.24
C ASP A 10 -23.12 12.91 4.33
N LEU A 11 -22.76 12.04 3.37
CA LEU A 11 -21.52 11.30 3.47
C LEU A 11 -20.31 12.11 3.00
N ILE A 12 -20.52 13.01 2.04
CA ILE A 12 -19.43 13.63 1.33
C ILE A 12 -18.56 14.46 2.25
N PRO A 13 -19.10 15.40 3.08
CA PRO A 13 -18.30 16.16 4.04
C PRO A 13 -17.36 15.30 4.88
N LYS A 14 -17.90 14.19 5.40
CA LYS A 14 -17.15 13.23 6.21
C LYS A 14 -15.90 12.77 5.46
N GLU A 15 -16.13 12.40 4.20
CA GLU A 15 -15.10 11.78 3.40
C GLU A 15 -14.13 12.86 2.92
N GLN A 16 -14.67 14.06 2.65
CA GLN A 16 -13.81 15.20 2.37
C GLN A 16 -12.86 15.35 3.54
N ALA A 17 -13.42 15.34 4.75
CA ALA A 17 -12.62 15.58 5.93
C ALA A 17 -11.61 14.45 6.09
N ARG A 18 -12.04 13.20 5.91
CA ARG A 18 -11.12 12.09 6.08
C ARG A 18 -9.91 12.28 5.17
N ILE A 19 -10.13 12.67 3.91
CA ILE A 19 -9.02 12.78 2.99
C ILE A 19 -8.13 13.98 3.30
N LYS A 20 -8.73 15.10 3.74
CA LYS A 20 -7.96 16.31 3.97
C LYS A 20 -6.88 16.00 5.01
N THR A 21 -7.30 15.33 6.08
CA THR A 21 -6.42 15.00 7.19
C THR A 21 -5.37 13.99 6.75
N PHE A 22 -5.82 12.94 6.03
CA PHE A 22 -4.93 11.93 5.51
C PHE A 22 -3.81 12.59 4.71
N ARG A 23 -4.17 13.45 3.77
CA ARG A 23 -3.19 14.05 2.89
C ARG A 23 -2.30 15.01 3.65
N GLN A 24 -2.86 15.66 4.68
CA GLN A 24 -2.10 16.57 5.51
C GLN A 24 -0.94 15.79 6.11
N GLN A 25 -1.26 14.66 6.73
CA GLN A 25 -0.31 13.91 7.53
C GLN A 25 0.56 12.99 6.66
N HIS A 26 0.02 12.54 5.51
CA HIS A 26 0.64 11.48 4.74
C HIS A 26 0.80 11.81 3.26
N GLY A 27 0.48 13.04 2.85
CA GLY A 27 0.56 13.44 1.46
C GLY A 27 1.91 13.11 0.81
N LYS A 28 3.01 13.27 1.55
CA LYS A 28 4.35 13.17 0.96
C LYS A 28 4.93 11.75 1.09
N THR A 29 4.17 10.82 1.68
CA THR A 29 4.58 9.42 1.78
C THR A 29 4.75 8.81 0.38
N VAL A 30 5.85 8.08 0.21
CA VAL A 30 6.13 7.36 -1.01
C VAL A 30 5.41 6.02 -0.89
N VAL A 31 4.60 5.70 -1.90
CA VAL A 31 3.86 4.46 -1.91
C VAL A 31 4.44 3.51 -2.95
N GLY A 32 5.24 4.02 -3.88
CA GLY A 32 5.79 3.17 -4.92
C GLY A 32 6.88 3.85 -5.73
N GLN A 33 7.63 3.02 -6.46
CA GLN A 33 8.69 3.45 -7.35
C GLN A 33 8.22 3.28 -8.79
N ILE A 34 8.90 3.95 -9.71
CA ILE A 34 8.60 3.85 -11.12
C ILE A 34 9.85 3.47 -11.88
N THR A 35 9.84 2.30 -12.54
CA THR A 35 11.01 1.90 -13.32
C THR A 35 10.77 2.24 -14.78
N VAL A 36 11.86 2.18 -15.55
CA VAL A 36 11.81 2.29 -17.00
C VAL A 36 10.87 1.22 -17.58
N ASP A 37 10.94 0.01 -17.00
CA ASP A 37 10.19 -1.12 -17.51
C ASP A 37 8.68 -0.89 -17.36
N MET A 38 8.30 -0.24 -16.27
CA MET A 38 6.90 0.02 -15.96
C MET A 38 6.35 1.05 -16.93
N MET A 39 7.17 2.06 -17.24
CA MET A 39 6.82 3.10 -18.19
C MET A 39 6.59 2.50 -19.57
N TYR A 40 7.39 1.50 -19.94
CA TYR A 40 7.19 0.78 -21.19
C TYR A 40 6.05 -0.24 -21.08
N GLY A 41 5.80 -0.78 -19.89
CA GLY A 41 4.93 -1.93 -19.71
C GLY A 41 3.51 -1.55 -19.29
N GLY A 42 3.05 -0.35 -19.65
CA GLY A 42 1.66 0.04 -19.42
C GLY A 42 1.31 0.24 -17.95
N MET A 43 2.24 0.89 -17.24
CA MET A 43 2.11 1.22 -15.84
C MET A 43 1.80 -0.02 -14.99
N ARG A 44 2.30 -1.18 -15.40
CA ARG A 44 2.04 -2.43 -14.69
C ARG A 44 2.73 -2.34 -13.33
N GLY A 45 1.98 -2.58 -12.26
CA GLY A 45 2.54 -2.48 -10.91
C GLY A 45 2.54 -1.06 -10.34
N MET A 46 2.10 -0.05 -11.09
CA MET A 46 2.14 1.32 -10.60
C MET A 46 0.88 1.62 -9.81
N LYS A 47 1.01 2.17 -8.59
CA LYS A 47 -0.14 2.68 -7.87
C LYS A 47 -0.46 4.09 -8.38
N GLY A 48 -1.47 4.18 -9.26
CA GLY A 48 -1.63 5.36 -10.08
C GLY A 48 -2.82 6.24 -9.70
N LEU A 49 -3.90 5.67 -9.16
CA LEU A 49 -5.08 6.47 -8.92
C LEU A 49 -5.84 5.98 -7.70
N VAL A 50 -6.59 6.90 -7.06
CA VAL A 50 -7.51 6.53 -6.01
C VAL A 50 -8.86 6.26 -6.67
N TYR A 51 -9.43 5.11 -6.34
CA TYR A 51 -10.71 4.67 -6.84
C TYR A 51 -11.41 4.02 -5.65
N GLU A 52 -12.61 4.52 -5.28
CA GLU A 52 -13.14 4.26 -3.95
C GLU A 52 -14.10 3.07 -3.97
N THR A 53 -14.78 2.87 -5.09
CA THR A 53 -15.93 1.99 -5.09
C THR A 53 -15.53 0.52 -4.93
N SER A 54 -14.45 0.09 -5.58
CA SER A 54 -13.96 -1.28 -5.42
C SER A 54 -12.44 -1.33 -5.47
N VAL A 55 -11.93 -2.39 -4.84
CA VAL A 55 -10.50 -2.72 -4.80
C VAL A 55 -10.31 -4.19 -5.14
N LEU A 56 -9.38 -4.47 -6.06
CA LEU A 56 -9.02 -5.81 -6.51
C LEU A 56 -7.76 -6.26 -5.80
N ASP A 57 -7.94 -7.22 -4.89
CA ASP A 57 -6.82 -7.87 -4.25
C ASP A 57 -6.24 -8.91 -5.20
N PRO A 58 -4.91 -8.96 -5.44
CA PRO A 58 -4.34 -9.98 -6.32
C PRO A 58 -4.81 -11.41 -6.03
N ASP A 59 -4.91 -11.73 -4.74
CA ASP A 59 -5.10 -13.10 -4.30
C ASP A 59 -6.59 -13.43 -4.20
N GLU A 60 -7.39 -12.51 -3.62
CA GLU A 60 -8.77 -12.81 -3.24
C GLU A 60 -9.80 -12.24 -4.22
N GLY A 61 -9.38 -11.39 -5.16
CA GLY A 61 -10.33 -10.85 -6.13
C GLY A 61 -11.10 -9.63 -5.59
N ILE A 62 -12.18 -9.29 -6.30
CA ILE A 62 -12.77 -7.97 -6.19
C ILE A 62 -13.57 -7.86 -4.90
N ARG A 63 -13.44 -6.71 -4.23
CA ARG A 63 -14.30 -6.32 -3.12
C ARG A 63 -15.01 -5.03 -3.49
N PHE A 64 -16.34 -5.04 -3.34
CA PHE A 64 -17.17 -3.87 -3.54
C PHE A 64 -17.44 -3.22 -2.19
N ARG A 65 -16.77 -2.08 -1.94
CA ARG A 65 -16.80 -1.34 -0.68
C ARG A 65 -16.51 -2.27 0.50
N GLY A 66 -15.53 -3.16 0.33
CA GLY A 66 -15.14 -4.03 1.43
C GLY A 66 -15.75 -5.43 1.32
N PHE A 67 -16.85 -5.57 0.57
CA PHE A 67 -17.60 -6.81 0.54
C PHE A 67 -17.18 -7.65 -0.67
N SER A 68 -16.83 -8.91 -0.39
CA SER A 68 -16.59 -9.90 -1.44
C SER A 68 -17.89 -10.20 -2.17
N ILE A 69 -17.80 -10.83 -3.35
CA ILE A 69 -18.99 -11.18 -4.09
C ILE A 69 -19.90 -12.13 -3.29
N PRO A 70 -19.38 -13.24 -2.72
CA PRO A 70 -20.20 -14.09 -1.86
C PRO A 70 -21.01 -13.36 -0.78
N GLU A 71 -20.35 -12.42 -0.08
CA GLU A 71 -21.02 -11.57 0.91
C GLU A 71 -22.16 -10.77 0.26
N CYS A 72 -21.93 -10.26 -0.96
CA CYS A 72 -22.97 -9.53 -1.68
C CYS A 72 -24.14 -10.44 -2.05
N GLN A 73 -23.83 -11.67 -2.46
CA GLN A 73 -24.85 -12.62 -2.81
C GLN A 73 -25.79 -12.81 -1.63
N LYS A 74 -25.25 -12.82 -0.41
CA LYS A 74 -26.05 -13.06 0.78
C LYS A 74 -26.77 -11.80 1.26
N LEU A 75 -26.05 -10.65 1.34
CA LEU A 75 -26.57 -9.46 2.00
C LEU A 75 -27.45 -8.61 1.07
N LEU A 76 -27.08 -8.50 -0.21
CA LEU A 76 -27.76 -7.55 -1.08
C LEU A 76 -29.17 -8.05 -1.34
N PRO A 77 -30.21 -7.18 -1.26
CA PRO A 77 -31.57 -7.58 -1.59
C PRO A 77 -31.70 -8.32 -2.92
N LYS A 78 -32.65 -9.28 -2.94
CA LYS A 78 -32.96 -10.03 -4.14
C LYS A 78 -34.34 -9.60 -4.61
N ALA A 79 -34.74 -9.98 -5.83
CA ALA A 79 -36.14 -9.88 -6.23
C ALA A 79 -36.96 -10.81 -5.33
N LYS A 80 -38.27 -10.58 -5.19
CA LYS A 80 -39.07 -11.42 -4.30
C LYS A 80 -38.94 -12.90 -4.65
N GLY A 81 -39.04 -13.24 -5.94
CA GLY A 81 -38.96 -14.64 -6.32
C GLY A 81 -37.53 -15.15 -6.52
N GLY A 82 -36.56 -14.58 -5.78
CA GLY A 82 -35.21 -14.46 -6.31
C GLY A 82 -34.11 -14.99 -5.39
N GLU A 83 -33.04 -15.50 -6.03
CA GLU A 83 -31.85 -15.93 -5.32
C GLU A 83 -30.69 -14.97 -5.59
N GLU A 84 -30.68 -14.28 -6.73
CA GLU A 84 -29.51 -13.52 -7.15
C GLU A 84 -29.62 -12.06 -6.68
N PRO A 85 -28.48 -11.37 -6.38
CA PRO A 85 -28.48 -9.96 -5.99
C PRO A 85 -28.88 -8.99 -7.12
N LEU A 86 -29.75 -8.04 -6.79
CA LEU A 86 -30.17 -7.06 -7.76
C LEU A 86 -29.05 -6.03 -7.93
N PRO A 87 -28.71 -5.64 -9.17
CA PRO A 87 -27.72 -4.58 -9.40
C PRO A 87 -28.07 -3.21 -8.79
N GLU A 88 -29.36 -2.91 -8.66
CA GLU A 88 -29.82 -1.77 -7.87
C GLU A 88 -29.07 -1.68 -6.54
N GLY A 89 -29.11 -2.79 -5.79
CA GLY A 89 -28.52 -2.81 -4.47
C GLY A 89 -26.99 -2.74 -4.49
N LEU A 90 -26.35 -3.32 -5.51
CA LEU A 90 -24.92 -3.10 -5.63
C LEU A 90 -24.61 -1.62 -5.84
N PHE A 91 -25.33 -0.97 -6.76
CA PHE A 91 -25.02 0.42 -7.06
C PHE A 91 -25.11 1.21 -5.75
N TRP A 92 -26.14 0.91 -4.96
CA TRP A 92 -26.39 1.61 -3.69
C TRP A 92 -25.18 1.44 -2.78
N LEU A 93 -24.69 0.22 -2.72
CA LEU A 93 -23.52 -0.06 -1.91
C LEU A 93 -22.32 0.75 -2.41
N LEU A 94 -22.08 0.80 -3.71
CA LEU A 94 -20.89 1.47 -4.18
C LEU A 94 -20.96 2.96 -3.83
N VAL A 95 -22.17 3.52 -3.96
CA VAL A 95 -22.44 4.93 -3.75
C VAL A 95 -22.33 5.28 -2.28
N THR A 96 -22.83 4.42 -1.38
CA THR A 96 -22.97 4.81 0.01
C THR A 96 -21.91 4.16 0.89
N GLY A 97 -21.36 3.03 0.44
CA GLY A 97 -20.52 2.19 1.28
C GLY A 97 -21.33 1.26 2.19
N HIS A 98 -22.65 1.20 1.97
CA HIS A 98 -23.57 0.54 2.90
C HIS A 98 -24.52 -0.38 2.17
N ILE A 99 -24.82 -1.51 2.82
CA ILE A 99 -25.74 -2.47 2.25
C ILE A 99 -27.13 -1.86 2.33
N PRO A 100 -27.88 -1.80 1.20
CA PRO A 100 -29.23 -1.25 1.21
C PRO A 100 -30.23 -2.18 1.87
N THR A 101 -31.33 -1.58 2.35
CA THR A 101 -32.48 -2.35 2.78
C THR A 101 -33.30 -2.63 1.53
N GLU A 102 -34.29 -3.53 1.68
CA GLU A 102 -35.19 -3.93 0.61
C GLU A 102 -35.97 -2.73 0.09
N GLU A 103 -36.37 -1.86 1.01
CA GLU A 103 -37.16 -0.66 0.70
C GLU A 103 -36.33 0.29 -0.15
N GLN A 104 -35.05 0.46 0.25
CA GLN A 104 -34.12 1.34 -0.45
C GLN A 104 -33.91 0.84 -1.87
N VAL A 105 -33.77 -0.49 -2.06
CA VAL A 105 -33.63 -1.09 -3.37
C VAL A 105 -34.90 -0.89 -4.17
N SER A 106 -36.04 -1.21 -3.54
CA SER A 106 -37.34 -0.97 -4.11
CA SER A 106 -37.31 -0.99 -4.19
C SER A 106 -37.43 0.46 -4.66
N TRP A 107 -36.99 1.40 -3.81
CA TRP A 107 -37.03 2.80 -4.17
C TRP A 107 -36.21 3.00 -5.45
N LEU A 108 -35.00 2.45 -5.49
CA LEU A 108 -34.11 2.69 -6.61
C LEU A 108 -34.65 2.07 -7.90
N SER A 109 -35.23 0.86 -7.86
CA SER A 109 -35.85 0.30 -9.05
C SER A 109 -36.86 1.29 -9.62
N LYS A 110 -37.64 1.89 -8.74
CA LYS A 110 -38.70 2.73 -9.29
C LYS A 110 -38.08 4.04 -9.79
N GLU A 111 -37.03 4.54 -9.12
CA GLU A 111 -36.32 5.73 -9.62
C GLU A 111 -35.83 5.49 -11.04
N TRP A 112 -35.21 4.33 -11.25
CA TRP A 112 -34.65 4.01 -12.54
C TRP A 112 -35.74 3.84 -13.57
N ALA A 113 -36.84 3.18 -13.21
CA ALA A 113 -37.90 2.94 -14.18
C ALA A 113 -38.46 4.25 -14.70
N LYS A 114 -38.47 5.27 -13.84
CA LYS A 114 -39.09 6.56 -14.16
C LYS A 114 -38.18 7.41 -15.04
N ARG A 115 -36.87 7.17 -14.96
CA ARG A 115 -35.93 8.00 -15.70
C ARG A 115 -35.64 7.39 -17.07
N ALA A 116 -36.22 6.22 -17.34
CA ALA A 116 -35.92 5.44 -18.53
C ALA A 116 -36.65 6.04 -19.72
N ALA A 117 -35.87 6.66 -20.62
CA ALA A 117 -36.44 7.48 -21.67
C ALA A 117 -35.37 7.86 -22.66
N LEU A 118 -35.61 7.60 -23.94
CA LEU A 118 -34.70 8.07 -24.98
C LEU A 118 -35.34 9.24 -25.72
N PRO A 119 -34.57 10.28 -26.10
CA PRO A 119 -35.04 11.29 -27.03
C PRO A 119 -35.03 10.81 -28.48
N SER A 120 -35.88 11.40 -29.30
CA SER A 120 -36.03 10.97 -30.67
C SER A 120 -34.72 10.95 -31.47
N HIS A 121 -33.79 11.90 -31.26
CA HIS A 121 -32.64 11.91 -32.14
C HIS A 121 -31.82 10.64 -31.93
N VAL A 122 -31.75 10.14 -30.69
CA VAL A 122 -31.02 8.92 -30.40
C VAL A 122 -31.75 7.70 -30.94
N VAL A 123 -33.08 7.63 -30.74
CA VAL A 123 -33.87 6.56 -31.32
C VAL A 123 -33.64 6.53 -32.84
N THR A 124 -33.73 7.68 -33.52
CA THR A 124 -33.55 7.75 -34.96
C THR A 124 -32.17 7.23 -35.38
N MET A 125 -31.13 7.66 -34.65
CA MET A 125 -29.77 7.33 -35.00
C MET A 125 -29.57 5.81 -34.97
N LEU A 126 -30.04 5.20 -33.88
CA LEU A 126 -29.97 3.76 -33.70
C LEU A 126 -30.74 3.08 -34.82
N ASP A 127 -31.98 3.52 -35.05
CA ASP A 127 -32.79 2.92 -36.09
C ASP A 127 -32.11 3.05 -37.48
N ASN A 128 -31.13 3.96 -37.65
CA ASN A 128 -30.58 4.21 -38.98
C ASN A 128 -29.21 3.56 -39.14
N PHE A 129 -28.62 3.07 -38.06
CA PHE A 129 -27.31 2.43 -38.13
C PHE A 129 -27.39 1.16 -38.99
N PRO A 130 -26.38 0.91 -39.87
CA PRO A 130 -26.38 -0.29 -40.69
C PRO A 130 -26.06 -1.50 -39.83
N THR A 131 -26.31 -2.70 -40.37
CA THR A 131 -26.18 -3.93 -39.62
C THR A 131 -24.72 -4.33 -39.42
N ASN A 132 -23.80 -3.75 -40.20
CA ASN A 132 -22.38 -4.07 -40.09
C ASN A 132 -21.66 -3.06 -39.20
N LEU A 133 -22.43 -2.25 -38.44
CA LEU A 133 -21.87 -1.41 -37.40
C LEU A 133 -21.92 -2.19 -36.09
N HIS A 134 -20.76 -2.44 -35.49
CA HIS A 134 -20.68 -3.31 -34.34
C HIS A 134 -21.57 -2.77 -33.21
N PRO A 135 -22.19 -3.64 -32.37
CA PRO A 135 -23.03 -3.15 -31.28
C PRO A 135 -22.33 -2.24 -30.26
N MET A 136 -21.02 -2.42 -30.04
CA MET A 136 -20.31 -1.53 -29.12
C MET A 136 -20.12 -0.13 -29.70
N SER A 137 -20.04 -0.03 -31.03
CA SER A 137 -19.94 1.25 -31.74
C SER A 137 -21.30 1.96 -31.69
N GLN A 138 -22.38 1.20 -31.88
CA GLN A 138 -23.72 1.77 -31.75
C GLN A 138 -23.96 2.26 -30.32
N LEU A 139 -23.51 1.50 -29.32
CA LEU A 139 -23.70 1.91 -27.93
C LEU A 139 -22.95 3.20 -27.61
N SER A 140 -21.66 3.23 -27.99
CA SER A 140 -20.76 4.33 -27.78
C SER A 140 -21.33 5.61 -28.41
N ALA A 141 -21.60 5.54 -29.73
CA ALA A 141 -22.13 6.68 -30.46
C ALA A 141 -23.45 7.18 -29.85
N ALA A 142 -24.34 6.24 -29.53
CA ALA A 142 -25.62 6.57 -28.90
C ALA A 142 -25.43 7.22 -27.54
N VAL A 143 -24.53 6.75 -26.69
CA VAL A 143 -24.39 7.39 -25.40
C VAL A 143 -23.79 8.80 -25.56
N THR A 144 -22.94 8.99 -26.57
CA THR A 144 -22.34 10.28 -26.85
C THR A 144 -23.44 11.26 -27.27
N ALA A 145 -24.31 10.78 -28.17
CA ALA A 145 -25.43 11.56 -28.64
C ALA A 145 -26.40 11.89 -27.51
N LEU A 146 -26.40 11.11 -26.42
CA LEU A 146 -27.27 11.37 -25.29
C LEU A 146 -26.80 12.57 -24.46
N ASN A 147 -25.57 13.09 -24.68
CA ASN A 147 -25.08 14.17 -23.84
C ASN A 147 -25.85 15.47 -24.11
N SER A 148 -26.67 15.52 -25.18
CA SER A 148 -27.58 16.62 -25.35
C SER A 148 -28.51 16.73 -24.15
N GLU A 149 -28.67 15.62 -23.41
CA GLU A 149 -29.54 15.59 -22.24
C GLU A 149 -28.79 15.89 -20.96
N SER A 150 -27.50 16.25 -21.04
CA SER A 150 -26.66 16.36 -19.85
C SER A 150 -26.99 17.60 -19.03
N ASN A 151 -27.46 17.35 -17.81
CA ASN A 151 -27.62 18.39 -16.81
C ASN A 151 -26.28 19.01 -16.47
N PHE A 152 -25.26 18.18 -16.20
CA PHE A 152 -23.97 18.70 -15.80
C PHE A 152 -23.40 19.60 -16.89
N ALA A 153 -23.46 19.20 -18.16
CA ALA A 153 -22.89 20.03 -19.22
C ALA A 153 -23.59 21.38 -19.22
N ARG A 154 -24.92 21.38 -19.12
CA ARG A 154 -25.67 22.64 -19.21
C ARG A 154 -25.32 23.54 -18.01
N ALA A 155 -25.41 22.97 -16.81
CA ALA A 155 -25.11 23.64 -15.57
C ALA A 155 -23.68 24.19 -15.55
N TYR A 156 -22.72 23.47 -16.17
CA TYR A 156 -21.36 23.96 -16.16
C TYR A 156 -21.28 25.15 -17.11
N ALA A 157 -22.00 25.09 -18.23
CA ALA A 157 -21.97 26.16 -19.20
C ALA A 157 -22.50 27.47 -18.60
N GLN A 158 -23.39 27.35 -17.62
CA GLN A 158 -24.02 28.52 -17.04
C GLN A 158 -23.21 29.00 -15.85
N GLY A 159 -22.16 28.26 -15.52
CA GLY A 159 -21.31 28.53 -14.38
C GLY A 159 -21.94 27.99 -13.11
N ILE A 160 -21.13 27.33 -12.30
CA ILE A 160 -21.60 26.71 -11.08
C ILE A 160 -20.36 26.46 -10.22
N SER A 161 -20.57 26.49 -8.92
CA SER A 161 -19.52 26.22 -7.96
C SER A 161 -18.96 24.81 -8.10
N ARG A 162 -17.62 24.67 -7.99
CA ARG A 162 -16.94 23.39 -7.91
C ARG A 162 -17.59 22.46 -6.89
N THR A 163 -17.98 23.02 -5.73
CA THR A 163 -18.60 22.30 -4.63
C THR A 163 -19.89 21.59 -5.01
N LYS A 164 -20.52 21.98 -6.13
CA LYS A 164 -21.82 21.43 -6.47
C LYS A 164 -21.76 20.52 -7.71
N TYR A 165 -20.59 20.33 -8.30
CA TYR A 165 -20.48 19.40 -9.41
C TYR A 165 -21.19 18.06 -9.12
N TRP A 166 -21.01 17.49 -7.93
CA TRP A 166 -21.42 16.11 -7.71
C TRP A 166 -22.92 15.92 -7.88
N GLU A 167 -23.74 16.94 -7.49
CA GLU A 167 -25.18 16.80 -7.54
C GLU A 167 -25.67 16.58 -8.96
N LEU A 168 -25.07 17.30 -9.93
CA LEU A 168 -25.51 17.18 -11.32
C LEU A 168 -24.87 15.95 -11.98
N ILE A 169 -23.68 15.56 -11.53
CA ILE A 169 -23.10 14.30 -11.97
C ILE A 169 -23.96 13.13 -11.47
N TYR A 170 -24.49 13.22 -10.25
CA TYR A 170 -25.40 12.24 -9.71
C TYR A 170 -26.65 12.11 -10.59
N GLU A 171 -27.29 13.24 -10.95
CA GLU A 171 -28.56 13.14 -11.68
C GLU A 171 -28.31 12.58 -13.09
N ASP A 172 -27.23 13.01 -13.72
CA ASP A 172 -26.90 12.52 -15.05
C ASP A 172 -26.59 11.03 -15.04
N SER A 173 -25.87 10.56 -14.00
CA SER A 173 -25.44 9.18 -13.90
C SER A 173 -26.65 8.28 -13.66
N MET A 174 -27.59 8.83 -12.86
CA MET A 174 -28.82 8.12 -12.59
C MET A 174 -29.66 8.02 -13.88
N ASP A 175 -29.67 9.11 -14.65
CA ASP A 175 -30.41 9.12 -15.90
C ASP A 175 -29.81 8.11 -16.90
N LEU A 176 -28.49 8.08 -16.95
CA LEU A 176 -27.80 7.24 -17.92
C LEU A 176 -27.97 5.78 -17.56
N ILE A 177 -27.72 5.38 -16.30
CA ILE A 177 -27.97 4.03 -15.86
C ILE A 177 -29.40 3.60 -16.21
N ALA A 178 -30.35 4.48 -15.89
CA ALA A 178 -31.74 4.26 -16.23
C ALA A 178 -31.93 3.91 -17.71
N LYS A 179 -31.31 4.69 -18.60
CA LYS A 179 -31.57 4.67 -20.04
C LYS A 179 -30.81 3.54 -20.74
N LEU A 180 -29.76 3.04 -20.11
CA LEU A 180 -28.82 2.17 -20.81
C LEU A 180 -29.51 0.92 -21.37
N PRO A 181 -30.32 0.18 -20.57
CA PRO A 181 -31.03 -0.99 -21.08
C PRO A 181 -31.92 -0.62 -22.26
N CYS A 182 -32.48 0.60 -22.28
CA CYS A 182 -33.24 1.02 -23.45
C CYS A 182 -32.34 1.14 -24.69
N VAL A 183 -31.14 1.71 -24.55
CA VAL A 183 -30.22 1.79 -25.67
C VAL A 183 -29.76 0.37 -26.05
N ALA A 184 -29.38 -0.42 -25.05
CA ALA A 184 -28.79 -1.72 -25.34
C ALA A 184 -29.83 -2.66 -25.99
N ALA A 185 -31.11 -2.52 -25.63
CA ALA A 185 -32.16 -3.40 -26.12
C ALA A 185 -32.62 -2.95 -27.51
N LYS A 186 -32.70 -1.64 -27.75
CA LYS A 186 -32.90 -1.15 -29.10
C LYS A 186 -31.81 -1.69 -30.02
N ILE A 187 -30.54 -1.77 -29.59
CA ILE A 187 -29.49 -2.26 -30.49
C ILE A 187 -29.74 -3.74 -30.79
N TYR A 188 -30.05 -4.55 -29.76
CA TYR A 188 -30.27 -5.97 -29.96
C TYR A 188 -31.42 -6.22 -30.93
N ARG A 189 -32.56 -5.59 -30.64
CA ARG A 189 -33.77 -5.75 -31.44
C ARG A 189 -33.53 -5.28 -32.86
N ASN A 190 -32.80 -4.17 -33.06
CA ASN A 190 -32.54 -3.68 -34.41
C ASN A 190 -31.67 -4.67 -35.19
N LEU A 191 -30.68 -5.22 -34.50
CA LEU A 191 -29.69 -6.05 -35.16
C LEU A 191 -30.24 -7.46 -35.38
N TYR A 192 -30.88 -8.04 -34.35
CA TYR A 192 -31.14 -9.46 -34.26
C TYR A 192 -32.61 -9.84 -34.21
N ARG A 193 -33.55 -8.87 -34.26
CA ARG A 193 -34.97 -9.18 -34.29
C ARG A 193 -35.66 -8.34 -35.36
N GLU A 194 -34.92 -7.93 -36.40
CA GLU A 194 -35.45 -7.16 -37.51
C GLU A 194 -36.22 -5.91 -37.05
N GLY A 195 -35.86 -5.36 -35.89
CA GLY A 195 -36.38 -4.06 -35.47
C GLY A 195 -37.75 -4.13 -34.78
N SER A 196 -38.05 -5.21 -34.05
CA SER A 196 -39.34 -5.34 -33.37
C SER A 196 -39.40 -4.44 -32.15
N GLY A 197 -40.63 -4.12 -31.71
CA GLY A 197 -40.87 -3.07 -30.73
C GLY A 197 -40.32 -3.39 -29.35
N ILE A 198 -39.27 -2.67 -28.92
CA ILE A 198 -38.47 -3.02 -27.74
C ILE A 198 -39.40 -3.21 -26.55
N GLY A 199 -40.44 -2.38 -26.47
CA GLY A 199 -41.51 -2.63 -25.51
C GLY A 199 -41.29 -1.90 -24.19
N ALA A 200 -42.23 -2.11 -23.28
CA ALA A 200 -42.50 -1.17 -22.21
C ALA A 200 -41.55 -1.38 -21.04
N ILE A 201 -41.59 -0.38 -20.14
CA ILE A 201 -40.96 -0.38 -18.84
C ILE A 201 -42.08 -0.59 -17.82
N ASP A 202 -41.94 -1.61 -16.98
CA ASP A 202 -42.89 -1.87 -15.92
C ASP A 202 -42.34 -1.20 -14.66
N SER A 203 -43.05 -0.17 -14.18
CA SER A 203 -42.50 0.67 -13.14
C SER A 203 -42.37 -0.07 -11.80
N ASN A 204 -42.89 -1.31 -11.69
CA ASN A 204 -42.78 -2.06 -10.44
C ASN A 204 -41.79 -3.22 -10.54
N LEU A 205 -41.24 -3.46 -11.74
CA LEU A 205 -40.21 -4.46 -11.99
C LEU A 205 -38.82 -3.86 -11.80
N ASP A 206 -37.85 -4.71 -11.43
CA ASP A 206 -36.47 -4.28 -11.26
C ASP A 206 -35.78 -4.06 -12.63
N TRP A 207 -34.64 -3.37 -12.56
CA TRP A 207 -33.92 -2.88 -13.74
C TRP A 207 -33.53 -4.01 -14.69
N SER A 208 -32.97 -5.11 -14.13
CA SER A 208 -32.60 -6.27 -14.92
C SER A 208 -33.84 -6.90 -15.59
N HIS A 209 -34.98 -6.90 -14.89
CA HIS A 209 -36.17 -7.60 -15.37
C HIS A 209 -36.76 -6.80 -16.54
N ASN A 210 -36.80 -5.47 -16.43
CA ASN A 210 -37.22 -4.64 -17.56
C ASN A 210 -36.25 -4.81 -18.74
N PHE A 211 -34.96 -5.02 -18.45
CA PHE A 211 -33.99 -5.24 -19.51
C PHE A 211 -34.26 -6.58 -20.22
N THR A 212 -34.37 -7.70 -19.50
CA THR A 212 -34.60 -9.00 -20.13
C THR A 212 -35.95 -9.04 -20.88
N ASN A 213 -36.98 -8.39 -20.34
CA ASN A 213 -38.21 -8.20 -21.07
C ASN A 213 -37.99 -7.45 -22.38
N MET A 214 -37.17 -6.39 -22.34
CA MET A 214 -37.03 -5.58 -23.54
C MET A 214 -36.17 -6.32 -24.58
N LEU A 215 -35.22 -7.13 -24.13
CA LEU A 215 -34.46 -7.97 -25.04
C LEU A 215 -35.36 -9.00 -25.74
N GLY A 216 -36.47 -9.37 -25.11
CA GLY A 216 -37.36 -10.37 -25.70
C GLY A 216 -37.20 -11.75 -25.06
N TYR A 217 -36.63 -11.82 -23.86
CA TYR A 217 -36.51 -13.05 -23.09
C TYR A 217 -37.54 -13.06 -21.97
N THR A 218 -37.93 -14.26 -21.54
CA THR A 218 -38.89 -14.41 -20.44
C THR A 218 -38.40 -15.31 -19.30
N ASP A 219 -37.55 -16.29 -19.60
CA ASP A 219 -37.16 -17.24 -18.57
C ASP A 219 -36.73 -16.43 -17.34
N HIS A 220 -37.47 -16.61 -16.26
CA HIS A 220 -37.05 -16.08 -14.97
C HIS A 220 -35.60 -16.41 -14.68
N GLN A 221 -35.15 -17.62 -15.06
CA GLN A 221 -33.76 -18.00 -14.80
C GLN A 221 -32.79 -17.13 -15.62
N PHE A 222 -33.20 -16.70 -16.81
CA PHE A 222 -32.35 -15.79 -17.58
C PHE A 222 -32.30 -14.41 -16.91
N THR A 223 -33.44 -14.02 -16.30
CA THR A 223 -33.49 -12.77 -15.56
C THR A 223 -32.59 -12.90 -14.35
N GLU A 224 -32.61 -14.05 -13.67
CA GLU A 224 -31.73 -14.31 -12.54
C GLU A 224 -30.27 -14.27 -13.01
N LEU A 225 -29.96 -14.86 -14.18
CA LEU A 225 -28.62 -14.78 -14.73
C LEU A 225 -28.21 -13.32 -14.91
N THR A 226 -29.13 -12.49 -15.44
CA THR A 226 -28.82 -11.10 -15.81
C THR A 226 -28.59 -10.25 -14.55
N ARG A 227 -29.41 -10.50 -13.52
CA ARG A 227 -29.20 -9.94 -12.20
C ARG A 227 -27.78 -10.23 -11.70
N LEU A 228 -27.36 -11.50 -11.70
CA LEU A 228 -26.01 -11.82 -11.25
C LEU A 228 -24.99 -11.17 -12.19
N TYR A 229 -25.16 -11.31 -13.51
CA TYR A 229 -24.18 -10.83 -14.48
C TYR A 229 -23.96 -9.32 -14.35
N LEU A 230 -25.05 -8.55 -14.20
CA LEU A 230 -24.95 -7.11 -14.15
C LEU A 230 -24.33 -6.71 -12.81
N THR A 231 -24.55 -7.55 -11.80
CA THR A 231 -24.03 -7.30 -10.48
C THR A 231 -22.51 -7.50 -10.46
N ILE A 232 -22.04 -8.62 -11.00
CA ILE A 232 -20.64 -8.99 -10.83
C ILE A 232 -19.72 -8.29 -11.83
N HIS A 233 -20.21 -7.82 -12.98
CA HIS A 233 -19.33 -7.11 -13.91
C HIS A 233 -19.34 -5.58 -13.68
N SER A 234 -19.89 -5.16 -12.54
CA SER A 234 -20.22 -3.77 -12.23
C SER A 234 -18.99 -2.89 -12.12
N ASP A 235 -17.95 -3.41 -11.44
CA ASP A 235 -16.78 -2.63 -11.13
C ASP A 235 -15.61 -3.60 -10.95
N HIS A 236 -14.41 -3.18 -11.33
CA HIS A 236 -13.22 -3.97 -11.05
C HIS A 236 -12.03 -3.05 -10.75
N GLU A 237 -12.15 -2.24 -9.68
CA GLU A 237 -11.24 -1.16 -9.28
C GLU A 237 -10.98 -0.21 -10.45
N GLY A 238 -9.98 0.67 -10.27
CA GLY A 238 -9.91 1.88 -11.08
C GLY A 238 -8.96 1.76 -12.26
N GLY A 239 -8.21 0.65 -12.31
CA GLY A 239 -7.10 0.55 -13.22
C GLY A 239 -7.42 -0.17 -14.53
N ASN A 240 -8.55 -0.91 -14.62
CA ASN A 240 -8.95 -1.56 -15.87
C ASN A 240 -9.26 -0.46 -16.89
N VAL A 241 -9.11 -0.81 -18.16
CA VAL A 241 -9.16 0.18 -19.22
C VAL A 241 -10.44 1.03 -19.17
N SER A 242 -11.59 0.38 -19.05
CA SER A 242 -12.87 1.08 -19.14
C SER A 242 -13.04 1.99 -17.92
N ALA A 243 -12.71 1.50 -16.71
CA ALA A 243 -12.87 2.33 -15.52
C ALA A 243 -11.92 3.53 -15.61
N HIS A 244 -10.67 3.27 -15.99
CA HIS A 244 -9.64 4.28 -16.07
C HIS A 244 -10.01 5.36 -17.09
N THR A 245 -10.50 4.91 -18.25
CA THR A 245 -10.96 5.79 -19.31
C THR A 245 -12.01 6.75 -18.76
N SER A 246 -13.03 6.16 -18.10
CA SER A 246 -14.10 6.99 -17.56
C SER A 246 -13.52 8.02 -16.56
N HIS A 247 -12.55 7.62 -15.72
CA HIS A 247 -11.98 8.48 -14.71
C HIS A 247 -11.16 9.62 -15.34
N LEU A 248 -10.39 9.28 -16.36
CA LEU A 248 -9.49 10.18 -17.03
C LEU A 248 -10.29 11.24 -17.80
N VAL A 249 -11.26 10.77 -18.59
CA VAL A 249 -12.11 11.68 -19.31
C VAL A 249 -12.95 12.49 -18.32
N GLY A 250 -13.54 11.84 -17.30
CA GLY A 250 -14.30 12.58 -16.30
C GLY A 250 -13.56 13.70 -15.55
N SER A 251 -12.26 13.55 -15.31
CA SER A 251 -11.43 14.47 -14.60
C SER A 251 -11.24 15.80 -15.34
N ALA A 252 -11.56 15.87 -16.65
CA ALA A 252 -11.58 17.11 -17.39
C ALA A 252 -12.97 17.76 -17.31
N LEU A 253 -13.88 17.12 -16.57
CA LEU A 253 -15.23 17.61 -16.32
C LEU A 253 -16.08 17.43 -17.59
N SER A 254 -15.71 16.46 -18.43
CA SER A 254 -16.66 15.91 -19.37
C SER A 254 -17.77 15.20 -18.59
N ASP A 255 -18.96 15.28 -19.14
CA ASP A 255 -20.14 14.81 -18.42
C ASP A 255 -20.20 13.29 -18.44
N PRO A 256 -21.04 12.68 -17.57
CA PRO A 256 -21.15 11.23 -17.48
C PRO A 256 -21.36 10.53 -18.82
N TYR A 257 -22.18 11.11 -19.70
CA TYR A 257 -22.43 10.53 -21.00
C TYR A 257 -21.13 10.39 -21.82
N LEU A 258 -20.38 11.47 -21.92
CA LEU A 258 -19.14 11.41 -22.66
C LEU A 258 -18.15 10.48 -21.95
N SER A 259 -18.14 10.51 -20.61
CA SER A 259 -17.14 9.76 -19.86
C SER A 259 -17.37 8.27 -20.07
N PHE A 260 -18.65 7.89 -20.04
CA PHE A 260 -19.07 6.52 -20.21
C PHE A 260 -18.83 6.03 -21.62
N ALA A 261 -19.19 6.83 -22.64
CA ALA A 261 -18.98 6.49 -24.04
C ALA A 261 -17.50 6.25 -24.35
N ALA A 262 -16.61 7.11 -23.82
CA ALA A 262 -15.18 6.87 -23.95
C ALA A 262 -14.82 5.52 -23.33
N ALA A 263 -15.35 5.25 -22.13
CA ALA A 263 -15.10 3.98 -21.46
C ALA A 263 -15.53 2.81 -22.35
N MET A 264 -16.68 2.94 -23.06
CA MET A 264 -17.15 1.87 -23.92
C MET A 264 -16.23 1.64 -25.12
N ASN A 265 -15.53 2.69 -25.57
CA ASN A 265 -14.57 2.55 -26.66
C ASN A 265 -13.36 1.76 -26.15
N GLY A 266 -13.00 1.94 -24.88
CA GLY A 266 -12.02 1.09 -24.24
C GLY A 266 -12.49 -0.35 -24.07
N LEU A 267 -13.69 -0.53 -23.54
CA LEU A 267 -14.26 -1.87 -23.37
C LEU A 267 -14.31 -2.67 -24.68
N ALA A 268 -14.51 -1.96 -25.81
CA ALA A 268 -14.62 -2.55 -27.13
C ALA A 268 -13.30 -3.14 -27.61
N GLY A 269 -12.22 -2.82 -26.89
CA GLY A 269 -10.88 -3.30 -27.23
C GLY A 269 -10.76 -4.80 -27.03
N PRO A 270 -10.19 -5.54 -28.01
CA PRO A 270 -9.95 -6.98 -27.86
C PRO A 270 -9.29 -7.43 -26.58
N LEU A 271 -8.38 -6.60 -26.04
CA LEU A 271 -7.66 -7.03 -24.85
C LEU A 271 -8.50 -6.76 -23.61
N HIS A 272 -9.68 -6.15 -23.78
CA HIS A 272 -10.52 -5.81 -22.64
C HIS A 272 -11.80 -6.60 -22.79
N GLY A 273 -12.82 -6.01 -23.43
CA GLY A 273 -14.17 -6.53 -23.29
C GLY A 273 -14.55 -7.60 -24.32
N LEU A 274 -13.73 -7.81 -25.36
CA LEU A 274 -14.01 -8.81 -26.39
C LEU A 274 -13.45 -10.19 -26.06
N ALA A 275 -13.11 -10.47 -24.79
CA ALA A 275 -12.54 -11.75 -24.42
C ALA A 275 -13.60 -12.85 -24.33
N ASN A 276 -14.77 -12.55 -23.74
CA ASN A 276 -15.86 -13.49 -23.57
C ASN A 276 -16.11 -14.20 -24.91
N GLN A 277 -16.01 -13.44 -26.01
CA GLN A 277 -16.26 -13.94 -27.34
C GLN A 277 -15.11 -14.82 -27.81
N GLU A 278 -13.86 -14.35 -27.65
CA GLU A 278 -12.69 -15.12 -28.02
C GLU A 278 -12.77 -16.50 -27.39
N VAL A 279 -13.15 -16.54 -26.11
CA VAL A 279 -13.30 -17.77 -25.36
C VAL A 279 -14.30 -18.67 -26.08
N LEU A 280 -15.50 -18.16 -26.35
CA LEU A 280 -16.56 -19.00 -26.89
C LEU A 280 -16.16 -19.55 -28.26
N VAL A 281 -15.52 -18.71 -29.10
CA VAL A 281 -15.06 -19.15 -30.42
C VAL A 281 -13.95 -20.17 -30.27
N TRP A 282 -13.21 -20.13 -29.16
CA TRP A 282 -12.13 -21.07 -28.94
C TRP A 282 -12.69 -22.39 -28.38
N LEU A 283 -13.64 -22.29 -27.43
CA LEU A 283 -14.34 -23.45 -26.92
C LEU A 283 -15.04 -24.17 -28.07
N THR A 284 -15.74 -23.42 -28.93
CA THR A 284 -16.53 -23.98 -30.01
C THR A 284 -15.66 -24.82 -30.93
N GLN A 285 -14.59 -24.19 -31.42
CA GLN A 285 -13.61 -24.87 -32.26
C GLN A 285 -13.15 -26.15 -31.57
N LEU A 286 -12.75 -26.01 -30.29
CA LEU A 286 -12.17 -27.11 -29.54
C LEU A 286 -13.13 -28.30 -29.47
N GLN A 287 -14.43 -28.05 -29.31
CA GLN A 287 -15.38 -29.16 -29.21
C GLN A 287 -15.60 -29.79 -30.59
N LYS A 288 -15.13 -29.13 -31.65
CA LYS A 288 -15.25 -29.64 -33.01
C LYS A 288 -13.86 -30.03 -33.54
N GLU A 289 -12.90 -30.23 -32.62
CA GLU A 289 -11.54 -30.62 -32.97
C GLU A 289 -11.15 -31.89 -32.22
N VAL A 290 -11.72 -32.07 -31.02
CA VAL A 290 -11.55 -33.29 -30.25
C VAL A 290 -12.92 -33.84 -29.89
N GLY A 291 -13.93 -33.55 -30.73
CA GLY A 291 -15.28 -34.11 -30.52
C GLY A 291 -16.00 -33.50 -29.33
N LYS A 292 -17.30 -33.76 -29.22
CA LYS A 292 -18.10 -33.25 -28.07
C LYS A 292 -17.51 -33.82 -26.77
N ASP A 293 -17.54 -35.14 -26.63
CA ASP A 293 -16.97 -35.80 -25.42
C ASP A 293 -15.45 -35.88 -25.57
N VAL A 294 -14.71 -35.60 -24.49
CA VAL A 294 -13.22 -35.71 -24.52
C VAL A 294 -12.75 -36.11 -23.12
N SER A 295 -11.90 -37.14 -22.99
CA SER A 295 -11.42 -37.49 -21.66
C SER A 295 -10.29 -36.56 -21.21
N ASP A 296 -10.10 -36.50 -19.88
CA ASP A 296 -9.15 -35.60 -19.22
C ASP A 296 -7.73 -35.80 -19.74
N GLU A 297 -7.44 -36.99 -20.30
CA GLU A 297 -6.16 -37.27 -20.94
C GLU A 297 -6.04 -36.52 -22.26
N LYS A 298 -7.07 -36.63 -23.11
CA LYS A 298 -6.99 -36.10 -24.46
C LYS A 298 -7.24 -34.58 -24.44
N LEU A 299 -7.93 -34.08 -23.41
CA LEU A 299 -8.06 -32.64 -23.26
C LEU A 299 -6.75 -32.05 -22.78
N ARG A 300 -6.18 -32.63 -21.72
CA ARG A 300 -4.88 -32.23 -21.20
C ARG A 300 -3.86 -32.16 -22.33
N ASP A 301 -3.96 -33.12 -23.26
CA ASP A 301 -3.05 -33.23 -24.39
C ASP A 301 -3.24 -32.06 -25.35
N TYR A 302 -4.50 -31.67 -25.59
CA TYR A 302 -4.78 -30.57 -26.51
C TYR A 302 -4.19 -29.29 -25.95
N ILE A 303 -4.23 -29.15 -24.62
CA ILE A 303 -3.84 -27.92 -23.96
C ILE A 303 -2.32 -27.75 -24.08
N TRP A 304 -1.58 -28.86 -23.98
CA TRP A 304 -0.13 -28.81 -23.99
C TRP A 304 0.38 -28.44 -25.39
N ASN A 305 -0.29 -28.96 -26.43
CA ASN A 305 0.09 -28.67 -27.80
C ASN A 305 -0.26 -27.23 -28.13
N THR A 306 -1.49 -26.84 -27.74
CA THR A 306 -1.91 -25.46 -27.82
C THR A 306 -0.77 -24.56 -27.35
N LEU A 307 -0.24 -24.85 -26.15
CA LEU A 307 0.80 -24.03 -25.55
C LEU A 307 2.13 -24.13 -26.32
N ASN A 308 2.38 -25.27 -26.97
CA ASN A 308 3.62 -25.48 -27.70
C ASN A 308 3.60 -24.76 -29.04
N SER A 309 2.41 -24.39 -29.54
CA SER A 309 2.29 -23.60 -30.75
C SER A 309 2.59 -22.12 -30.46
N GLY A 310 2.90 -21.80 -29.20
CA GLY A 310 3.14 -20.44 -28.78
C GLY A 310 1.82 -19.67 -28.67
N ARG A 311 0.79 -20.35 -28.14
CA ARG A 311 -0.56 -19.80 -28.06
C ARG A 311 -1.13 -20.04 -26.66
N VAL A 312 -1.83 -19.01 -26.13
CA VAL A 312 -2.40 -19.03 -24.80
C VAL A 312 -3.83 -19.58 -24.84
N VAL A 313 -4.26 -20.16 -23.72
CA VAL A 313 -5.64 -20.59 -23.52
C VAL A 313 -6.47 -19.36 -23.13
N PRO A 314 -7.41 -18.90 -23.96
CA PRO A 314 -8.20 -17.71 -23.61
C PRO A 314 -9.08 -17.87 -22.36
N GLY A 315 -9.33 -16.74 -21.69
CA GLY A 315 -10.10 -16.70 -20.46
C GLY A 315 -9.32 -17.11 -19.21
N TYR A 316 -8.02 -17.39 -19.38
CA TYR A 316 -7.13 -17.66 -18.28
C TYR A 316 -6.08 -16.56 -18.21
N GLY A 317 -5.60 -16.26 -17.00
CA GLY A 317 -4.66 -15.16 -16.81
C GLY A 317 -5.36 -13.82 -16.57
N HIS A 318 -4.60 -12.84 -16.11
CA HIS A 318 -5.13 -11.52 -15.78
C HIS A 318 -3.98 -10.56 -15.49
N ALA A 319 -4.22 -9.26 -15.68
CA ALA A 319 -3.22 -8.24 -15.44
C ALA A 319 -2.82 -8.20 -13.96
N VAL A 320 -3.78 -8.50 -13.06
CA VAL A 320 -3.62 -8.20 -11.64
C VAL A 320 -4.04 -9.37 -10.76
N LEU A 321 -5.19 -9.99 -11.07
CA LEU A 321 -5.65 -11.22 -10.44
C LEU A 321 -4.49 -12.21 -10.45
N ARG A 322 -4.19 -12.78 -9.28
CA ARG A 322 -3.17 -13.81 -9.17
C ARG A 322 -3.78 -15.15 -8.74
N LYS A 323 -5.10 -15.21 -8.63
CA LYS A 323 -5.80 -16.45 -8.28
C LYS A 323 -7.15 -16.46 -8.99
N THR A 324 -7.89 -17.56 -8.86
CA THR A 324 -9.20 -17.71 -9.46
C THR A 324 -10.06 -16.48 -9.23
N ASP A 325 -10.66 -16.01 -10.31
CA ASP A 325 -11.55 -14.86 -10.25
C ASP A 325 -12.86 -15.25 -9.57
N PRO A 326 -13.27 -14.59 -8.46
CA PRO A 326 -14.56 -14.85 -7.84
C PRO A 326 -15.78 -14.64 -8.75
N ARG A 327 -15.59 -13.88 -9.84
CA ARG A 327 -16.61 -13.71 -10.87
C ARG A 327 -16.79 -14.99 -11.69
N TYR A 328 -15.69 -15.72 -11.94
CA TYR A 328 -15.80 -17.04 -12.54
C TYR A 328 -16.51 -17.99 -11.57
N THR A 329 -16.07 -18.00 -10.31
CA THR A 329 -16.59 -18.92 -9.31
C THR A 329 -18.12 -18.84 -9.27
N CYS A 330 -18.64 -17.61 -9.24
CA CYS A 330 -20.05 -17.43 -8.98
C CYS A 330 -20.83 -17.85 -10.21
N GLN A 331 -20.24 -17.69 -11.40
CA GLN A 331 -20.88 -18.12 -12.63
C GLN A 331 -20.95 -19.66 -12.67
N ARG A 332 -19.87 -20.29 -12.20
CA ARG A 332 -19.79 -21.74 -12.13
C ARG A 332 -20.86 -22.28 -11.18
N GLU A 333 -21.00 -21.67 -10.00
CA GLU A 333 -22.02 -22.07 -9.06
C GLU A 333 -23.38 -21.99 -9.74
N PHE A 334 -23.60 -20.92 -10.53
CA PHE A 334 -24.89 -20.75 -11.17
C PHE A 334 -25.12 -21.89 -12.15
N ALA A 335 -24.08 -22.18 -12.94
CA ALA A 335 -24.07 -23.20 -13.99
C ALA A 335 -24.42 -24.59 -13.45
N LEU A 336 -23.86 -24.94 -12.28
CA LEU A 336 -23.91 -26.32 -11.82
C LEU A 336 -25.18 -26.58 -11.01
N LYS A 337 -25.88 -25.50 -10.62
CA LYS A 337 -27.17 -25.65 -9.98
C LYS A 337 -28.29 -25.33 -10.97
N HIS A 338 -27.94 -24.87 -12.19
CA HIS A 338 -28.95 -24.50 -13.18
C HIS A 338 -28.86 -25.22 -14.52
N LEU A 339 -27.66 -25.57 -15.02
CA LEU A 339 -27.56 -26.25 -16.31
C LEU A 339 -26.40 -27.23 -16.34
N PRO A 340 -26.28 -28.10 -15.31
CA PRO A 340 -25.07 -28.91 -15.12
C PRO A 340 -24.74 -29.84 -16.29
N ASN A 341 -25.77 -30.22 -17.06
CA ASN A 341 -25.65 -31.19 -18.13
C ASN A 341 -25.60 -30.51 -19.49
N ASP A 342 -25.16 -29.24 -19.54
CA ASP A 342 -25.00 -28.57 -20.81
C ASP A 342 -23.67 -29.06 -21.40
N PRO A 343 -23.59 -29.45 -22.69
CA PRO A 343 -22.32 -29.83 -23.30
C PRO A 343 -21.19 -28.79 -23.21
N MET A 344 -21.48 -27.56 -23.65
CA MET A 344 -20.49 -26.49 -23.64
C MET A 344 -20.05 -26.21 -22.20
N PHE A 345 -20.98 -26.22 -21.25
CA PHE A 345 -20.58 -25.97 -19.87
C PHE A 345 -19.68 -27.09 -19.34
N LYS A 346 -19.91 -28.33 -19.80
CA LYS A 346 -19.13 -29.47 -19.32
C LYS A 346 -17.67 -29.28 -19.71
N LEU A 347 -17.43 -28.72 -20.90
CA LEU A 347 -16.08 -28.47 -21.38
C LEU A 347 -15.41 -27.42 -20.49
N VAL A 348 -16.13 -26.32 -20.22
CA VAL A 348 -15.62 -25.20 -19.43
C VAL A 348 -15.15 -25.71 -18.07
N ALA A 349 -15.94 -26.62 -17.49
CA ALA A 349 -15.64 -27.21 -16.19
C ALA A 349 -14.45 -28.15 -16.33
N GLN A 350 -14.41 -28.88 -17.45
CA GLN A 350 -13.38 -29.87 -17.68
C GLN A 350 -12.04 -29.15 -17.76
N LEU A 351 -12.02 -27.96 -18.41
CA LEU A 351 -10.83 -27.13 -18.44
C LEU A 351 -10.49 -26.57 -17.05
N TYR A 352 -11.52 -26.36 -16.21
CA TYR A 352 -11.31 -25.85 -14.87
C TYR A 352 -10.42 -26.81 -14.06
N LYS A 353 -10.57 -28.10 -14.27
CA LYS A 353 -9.78 -29.03 -13.43
C LYS A 353 -8.39 -29.25 -14.04
N ILE A 354 -8.27 -29.09 -15.36
CA ILE A 354 -7.01 -29.46 -16.05
C ILE A 354 -6.13 -28.24 -16.37
N VAL A 355 -6.70 -27.16 -16.86
CA VAL A 355 -5.85 -26.03 -17.31
C VAL A 355 -5.03 -25.43 -16.15
N PRO A 356 -5.55 -25.21 -14.93
CA PRO A 356 -4.70 -24.64 -13.90
C PRO A 356 -3.39 -25.40 -13.60
N ASN A 357 -3.41 -26.74 -13.55
CA ASN A 357 -2.16 -27.55 -13.33
C ASN A 357 -1.23 -27.32 -14.53
N VAL A 358 -1.74 -27.35 -15.76
CA VAL A 358 -0.90 -26.93 -16.91
C VAL A 358 -0.70 -25.41 -16.70
N LEU A 359 0.10 -24.70 -17.48
CA LEU A 359 0.35 -23.25 -17.20
C LEU A 359 1.31 -23.14 -16.00
N LEU A 360 0.91 -23.69 -14.85
CA LEU A 360 1.83 -23.72 -13.69
C LEU A 360 3.13 -24.37 -14.18
N GLU A 361 3.06 -25.60 -14.66
CA GLU A 361 4.26 -26.34 -15.12
C GLU A 361 4.91 -25.60 -16.30
N GLN A 362 4.12 -24.98 -17.16
CA GLN A 362 4.75 -24.19 -18.26
C GLN A 362 5.57 -23.07 -17.62
N GLY A 363 5.00 -22.43 -16.58
CA GLY A 363 5.72 -21.35 -15.88
C GLY A 363 5.24 -19.99 -16.36
N LYS A 364 5.21 -19.84 -17.77
CA LYS A 364 4.87 -18.44 -18.11
C LYS A 364 3.36 -18.25 -17.95
N ALA A 365 2.89 -18.07 -16.61
CA ALA A 365 1.46 -17.71 -16.53
C ALA A 365 1.25 -16.55 -15.55
N LYS A 366 1.98 -16.66 -14.36
CA LYS A 366 1.71 -15.70 -13.25
C LYS A 366 0.31 -16.02 -12.70
N ASN A 367 -0.71 -15.87 -13.54
CA ASN A 367 -2.09 -16.27 -13.14
C ASN A 367 -2.51 -17.48 -13.99
N PRO A 368 -2.30 -18.72 -13.52
CA PRO A 368 -2.79 -19.91 -14.23
C PRO A 368 -4.27 -20.21 -14.02
N TRP A 369 -5.00 -19.25 -13.46
CA TRP A 369 -6.39 -19.47 -13.08
C TRP A 369 -7.30 -18.74 -14.06
N PRO A 370 -8.60 -19.10 -14.10
CA PRO A 370 -9.57 -18.46 -15.00
C PRO A 370 -10.04 -17.10 -14.53
N ASN A 371 -10.40 -16.27 -15.50
CA ASN A 371 -11.05 -15.00 -15.27
C ASN A 371 -12.53 -15.16 -15.65
N VAL A 372 -13.33 -14.12 -15.38
CA VAL A 372 -14.78 -14.13 -15.60
C VAL A 372 -15.13 -14.60 -17.02
N ASP A 373 -14.31 -14.23 -18.01
CA ASP A 373 -14.64 -14.41 -19.41
C ASP A 373 -14.52 -15.86 -19.89
N ALA A 374 -13.90 -16.71 -19.07
CA ALA A 374 -13.81 -18.14 -19.35
C ALA A 374 -15.20 -18.78 -19.26
N HIS A 375 -16.11 -18.14 -18.51
CA HIS A 375 -17.35 -18.82 -18.16
C HIS A 375 -18.58 -18.14 -18.73
N SER A 376 -18.50 -16.83 -19.00
CA SER A 376 -19.73 -16.06 -19.23
C SER A 376 -20.40 -16.44 -20.55
N GLY A 377 -19.62 -16.62 -21.60
CA GLY A 377 -20.16 -16.94 -22.92
C GLY A 377 -21.09 -18.15 -22.94
N VAL A 378 -20.69 -19.25 -22.29
CA VAL A 378 -21.46 -20.48 -22.40
C VAL A 378 -22.84 -20.31 -21.75
N LEU A 379 -22.90 -19.45 -20.71
CA LEU A 379 -24.14 -19.25 -19.97
C LEU A 379 -25.11 -18.50 -20.85
N LEU A 380 -24.62 -17.42 -21.45
CA LEU A 380 -25.49 -16.65 -22.33
C LEU A 380 -25.98 -17.53 -23.47
N GLN A 381 -25.10 -18.33 -24.06
CA GLN A 381 -25.46 -19.12 -25.21
C GLN A 381 -26.54 -20.14 -24.82
N TYR A 382 -26.44 -20.67 -23.59
CA TYR A 382 -27.39 -21.65 -23.09
C TYR A 382 -28.82 -21.12 -23.04
N TYR A 383 -29.00 -19.83 -22.76
CA TYR A 383 -30.33 -19.25 -22.61
C TYR A 383 -30.86 -18.67 -23.92
N GLY A 384 -30.10 -18.75 -25.00
CA GLY A 384 -30.61 -18.41 -26.32
C GLY A 384 -29.88 -17.24 -26.97
N MET A 385 -29.05 -16.58 -26.16
CA MET A 385 -28.34 -15.37 -26.49
C MET A 385 -27.09 -15.79 -27.26
N THR A 386 -27.30 -16.05 -28.55
CA THR A 386 -26.31 -16.66 -29.43
C THR A 386 -25.47 -15.62 -30.17
N GLU A 387 -25.90 -14.35 -30.19
CA GLU A 387 -25.23 -13.31 -30.98
C GLU A 387 -23.99 -12.80 -30.24
N MET A 388 -22.81 -13.34 -30.56
CA MET A 388 -21.62 -13.13 -29.74
C MET A 388 -21.09 -11.69 -29.79
N ASN A 389 -21.27 -11.01 -30.93
CA ASN A 389 -20.83 -9.64 -31.07
C ASN A 389 -21.54 -8.71 -30.09
N TYR A 390 -22.65 -9.17 -29.50
CA TYR A 390 -23.46 -8.31 -28.64
C TYR A 390 -23.01 -8.45 -27.19
N TYR A 391 -22.22 -9.50 -26.87
CA TYR A 391 -21.93 -9.84 -25.48
C TYR A 391 -21.31 -8.67 -24.69
N THR A 392 -20.46 -7.87 -25.32
CA THR A 392 -19.80 -6.80 -24.60
C THR A 392 -20.78 -5.70 -24.22
N VAL A 393 -21.87 -5.59 -24.97
CA VAL A 393 -22.89 -4.62 -24.64
C VAL A 393 -23.46 -4.89 -23.23
N LEU A 394 -23.67 -6.17 -22.89
CA LEU A 394 -24.09 -6.54 -21.56
C LEU A 394 -23.04 -6.12 -20.53
N PHE A 395 -21.77 -6.38 -20.84
CA PHE A 395 -20.66 -5.97 -19.99
C PHE A 395 -20.69 -4.44 -19.79
N GLY A 396 -20.97 -3.68 -20.86
CA GLY A 396 -21.03 -2.23 -20.79
C GLY A 396 -22.10 -1.72 -19.83
N VAL A 397 -23.31 -2.26 -19.98
CA VAL A 397 -24.44 -1.81 -19.18
C VAL A 397 -24.10 -2.04 -17.72
N SER A 398 -23.44 -3.16 -17.44
CA SER A 398 -23.07 -3.52 -16.09
C SER A 398 -22.05 -2.53 -15.51
N ARG A 399 -21.00 -2.28 -16.32
CA ARG A 399 -19.86 -1.48 -15.90
C ARG A 399 -20.29 -0.03 -15.62
N ALA A 400 -21.34 0.47 -16.26
CA ALA A 400 -21.85 1.79 -15.94
C ALA A 400 -22.07 1.93 -14.44
N LEU A 401 -22.54 0.87 -13.77
CA LEU A 401 -22.78 0.97 -12.34
C LEU A 401 -21.53 1.43 -11.58
N GLY A 402 -20.40 0.76 -11.82
CA GLY A 402 -19.24 1.04 -11.02
C GLY A 402 -18.60 2.39 -11.36
N VAL A 403 -18.51 2.64 -12.66
CA VAL A 403 -17.70 3.76 -13.13
C VAL A 403 -18.44 5.08 -12.87
N LEU A 404 -19.76 5.00 -12.81
CA LEU A 404 -20.57 6.18 -12.58
C LEU A 404 -20.75 6.43 -11.09
N ALA A 405 -20.73 5.33 -10.29
CA ALA A 405 -20.72 5.47 -8.85
C ALA A 405 -19.46 6.23 -8.43
N GLN A 406 -18.32 5.85 -9.03
CA GLN A 406 -17.05 6.46 -8.71
C GLN A 406 -16.98 7.86 -9.28
N LEU A 407 -17.52 8.09 -10.50
CA LEU A 407 -17.50 9.41 -11.09
C LEU A 407 -18.16 10.41 -10.14
N ILE A 408 -19.26 9.99 -9.51
CA ILE A 408 -19.96 10.86 -8.58
C ILE A 408 -19.05 11.24 -7.43
N TRP A 409 -18.31 10.24 -6.91
CA TRP A 409 -17.36 10.44 -5.84
C TRP A 409 -16.15 11.29 -6.21
N SER A 410 -15.48 10.99 -7.34
CA SER A 410 -14.42 11.84 -7.87
C SER A 410 -14.77 13.33 -7.89
N ARG A 411 -15.97 13.68 -8.35
CA ARG A 411 -16.36 15.09 -8.42
C ARG A 411 -16.78 15.65 -7.06
N ALA A 412 -17.40 14.83 -6.21
CA ALA A 412 -17.74 15.20 -4.83
C ALA A 412 -16.48 15.49 -4.01
N LEU A 413 -15.41 14.73 -4.26
CA LEU A 413 -14.15 14.86 -3.56
C LEU A 413 -13.19 15.86 -4.22
N GLY A 414 -13.57 16.44 -5.36
CA GLY A 414 -12.78 17.45 -6.02
C GLY A 414 -11.48 16.92 -6.62
N PHE A 415 -11.46 15.65 -7.10
CA PHE A 415 -10.27 15.08 -7.74
C PHE A 415 -9.97 15.91 -8.98
N PRO A 416 -8.70 16.30 -9.22
CA PRO A 416 -8.34 17.13 -10.36
C PRO A 416 -8.08 16.39 -11.68
N LEU A 417 -7.75 17.18 -12.70
CA LEU A 417 -7.33 16.66 -13.99
C LEU A 417 -6.30 15.57 -13.76
N GLU A 418 -6.56 14.41 -14.38
CA GLU A 418 -5.54 13.38 -14.49
C GLU A 418 -4.60 13.76 -15.63
N ARG A 419 -3.34 13.89 -15.28
CA ARG A 419 -2.39 14.45 -16.20
C ARG A 419 -1.01 14.07 -15.71
N PRO A 420 -0.55 12.85 -16.07
CA PRO A 420 0.83 12.45 -15.76
C PRO A 420 1.80 13.07 -16.74
N LYS A 421 3.08 12.90 -16.46
CA LYS A 421 4.16 13.31 -17.33
C LYS A 421 4.63 12.13 -18.20
N SER A 422 4.79 12.35 -19.51
CA SER A 422 5.33 11.35 -20.41
C SER A 422 6.81 11.63 -20.72
N MET A 423 7.48 10.63 -21.30
CA MET A 423 8.82 10.78 -21.79
C MET A 423 8.98 10.00 -23.09
N SER A 424 9.88 10.44 -23.98
CA SER A 424 10.23 9.65 -25.14
C SER A 424 11.35 8.69 -24.76
N THR A 425 11.66 7.78 -25.67
CA THR A 425 12.78 6.84 -25.48
C THR A 425 14.07 7.67 -25.42
N GLU A 426 14.27 8.48 -26.44
CA GLU A 426 15.40 9.39 -26.52
C GLU A 426 15.63 10.12 -25.18
N GLY A 427 14.56 10.77 -24.67
CA GLY A 427 14.60 11.55 -23.45
C GLY A 427 14.90 10.70 -22.24
N LEU A 428 14.33 9.49 -22.21
CA LEU A 428 14.41 8.63 -21.05
C LEU A 428 15.83 8.09 -20.95
N MET A 429 16.48 7.90 -22.10
CA MET A 429 17.88 7.50 -22.09
C MET A 429 18.73 8.63 -21.51
N LYS A 430 18.45 9.87 -21.94
CA LYS A 430 19.22 11.02 -21.49
C LYS A 430 19.04 11.23 -19.97
N PHE A 431 17.79 11.11 -19.49
CA PHE A 431 17.47 11.30 -18.09
C PHE A 431 18.26 10.30 -17.24
N VAL A 432 18.30 9.05 -17.73
CA VAL A 432 19.02 7.95 -17.10
C VAL A 432 20.50 8.30 -16.94
N ASP A 433 21.09 8.94 -17.98
CA ASP A 433 22.49 9.30 -17.97
C ASP A 433 22.79 10.41 -16.95
N SER A 434 21.90 11.40 -16.88
CA SER A 434 22.02 12.49 -15.94
C SER A 434 21.37 12.11 -14.59
N SER B 1 9.98 8.22 -55.66
CA SER B 1 8.55 8.06 -55.26
C SER B 1 8.48 7.99 -53.74
N THR B 2 7.64 8.86 -53.16
CA THR B 2 7.55 9.00 -51.71
C THR B 2 6.45 8.05 -51.20
N ASN B 3 6.73 7.39 -50.07
CA ASN B 3 5.73 6.58 -49.40
C ASN B 3 6.15 6.52 -47.94
N LEU B 4 5.36 7.18 -47.11
CA LEU B 4 5.62 7.26 -45.68
C LEU B 4 5.61 5.88 -45.05
N LYS B 5 4.75 4.97 -45.53
CA LYS B 5 4.72 3.61 -45.01
C LYS B 5 6.07 2.89 -45.22
N ASP B 6 6.79 3.21 -46.30
CA ASP B 6 8.07 2.55 -46.52
C ASP B 6 9.14 3.11 -45.58
N ILE B 7 9.14 4.43 -45.36
CA ILE B 7 10.07 5.01 -44.40
C ILE B 7 9.85 4.39 -43.03
N LEU B 8 8.55 4.18 -42.68
CA LEU B 8 8.23 3.66 -41.35
C LEU B 8 8.81 2.26 -41.22
N ALA B 9 8.60 1.47 -42.29
CA ALA B 9 9.09 0.10 -42.36
C ALA B 9 10.58 0.06 -42.03
N ASP B 10 11.36 1.00 -42.55
CA ASP B 10 12.78 1.07 -42.24
C ASP B 10 13.04 1.43 -40.78
N LEU B 11 12.27 2.40 -40.26
CA LEU B 11 12.62 3.04 -39.00
C LEU B 11 12.27 2.13 -37.82
N ILE B 12 11.20 1.33 -37.96
CA ILE B 12 10.63 0.61 -36.83
C ILE B 12 11.60 -0.41 -36.26
N PRO B 13 12.20 -1.32 -37.09
CA PRO B 13 13.15 -2.31 -36.56
C PRO B 13 14.32 -1.70 -35.80
N LYS B 14 14.74 -0.51 -36.22
CA LYS B 14 15.88 0.16 -35.60
C LYS B 14 15.50 0.56 -34.18
N GLU B 15 14.34 1.21 -34.02
CA GLU B 15 13.85 1.63 -32.72
C GLU B 15 13.50 0.43 -31.84
N GLN B 16 13.05 -0.69 -32.42
CA GLN B 16 12.70 -1.84 -31.60
C GLN B 16 13.97 -2.37 -30.93
N ALA B 17 15.02 -2.54 -31.73
CA ALA B 17 16.31 -3.00 -31.25
C ALA B 17 16.81 -2.08 -30.14
N ARG B 18 16.78 -0.77 -30.38
CA ARG B 18 17.31 0.20 -29.43
C ARG B 18 16.60 0.10 -28.08
N ILE B 19 15.27 0.00 -28.11
CA ILE B 19 14.49 -0.06 -26.89
C ILE B 19 14.72 -1.41 -26.22
N LYS B 20 14.99 -2.45 -26.99
CA LYS B 20 15.25 -3.74 -26.37
C LYS B 20 16.55 -3.64 -25.56
N THR B 21 17.59 -3.10 -26.20
CA THR B 21 18.90 -2.91 -25.59
C THR B 21 18.82 -2.01 -24.37
N PHE B 22 18.10 -0.90 -24.52
CA PHE B 22 17.93 0.06 -23.45
C PHE B 22 17.27 -0.60 -22.25
N ARG B 23 16.19 -1.37 -22.47
CA ARG B 23 15.49 -2.01 -21.36
C ARG B 23 16.36 -3.10 -20.74
N GLN B 24 17.11 -3.81 -21.60
CA GLN B 24 18.10 -4.79 -21.19
C GLN B 24 19.01 -4.16 -20.12
N GLN B 25 19.47 -2.92 -20.34
CA GLN B 25 20.46 -2.30 -19.46
C GLN B 25 19.80 -1.45 -18.38
N HIS B 26 18.65 -0.80 -18.66
CA HIS B 26 18.12 0.20 -17.74
C HIS B 26 16.69 -0.10 -17.27
N GLY B 27 16.12 -1.24 -17.64
CA GLY B 27 14.71 -1.55 -17.39
C GLY B 27 14.34 -1.42 -15.93
N LYS B 28 15.27 -1.84 -15.05
CA LYS B 28 15.06 -1.83 -13.62
C LYS B 28 15.40 -0.48 -12.98
N THR B 29 15.96 0.48 -13.75
CA THR B 29 16.34 1.77 -13.20
C THR B 29 15.11 2.54 -12.76
N VAL B 30 15.19 3.08 -11.54
CA VAL B 30 14.11 3.89 -11.00
C VAL B 30 14.21 5.26 -11.66
N VAL B 31 13.05 5.78 -12.12
CA VAL B 31 12.98 7.09 -12.74
C VAL B 31 12.10 8.04 -11.93
N GLY B 32 11.42 7.53 -10.89
CA GLY B 32 10.70 8.42 -9.98
C GLY B 32 9.94 7.66 -8.92
N GLN B 33 9.21 8.41 -8.10
CA GLN B 33 8.46 7.82 -7.00
C GLN B 33 6.97 8.05 -7.26
N ILE B 34 6.13 7.42 -6.44
CA ILE B 34 4.72 7.75 -6.38
C ILE B 34 4.40 8.13 -4.93
N THR B 35 3.77 9.30 -4.73
CA THR B 35 3.32 9.74 -3.42
C THR B 35 1.80 9.60 -3.30
N VAL B 36 1.31 9.63 -2.05
CA VAL B 36 -0.13 9.69 -1.78
C VAL B 36 -0.68 10.89 -2.53
N ASP B 37 -0.03 12.05 -2.34
CA ASP B 37 -0.48 13.29 -2.98
C ASP B 37 -0.64 13.11 -4.48
N MET B 38 0.33 12.44 -5.13
CA MET B 38 0.20 12.14 -6.55
C MET B 38 -1.05 11.34 -6.88
N MET B 39 -1.33 10.34 -6.05
CA MET B 39 -2.44 9.44 -6.31
C MET B 39 -3.76 10.21 -6.21
N TYR B 40 -3.86 11.11 -5.21
CA TYR B 40 -5.06 11.94 -5.07
C TYR B 40 -5.10 13.01 -6.14
N GLY B 41 -3.93 13.48 -6.60
CA GLY B 41 -3.84 14.66 -7.47
C GLY B 41 -3.63 14.33 -8.97
N GLY B 42 -4.43 13.40 -9.50
CA GLY B 42 -4.38 13.05 -10.92
C GLY B 42 -2.99 12.81 -11.50
N MET B 43 -2.12 12.17 -10.71
CA MET B 43 -0.84 11.66 -11.21
C MET B 43 0.10 12.82 -11.53
N ARG B 44 -0.03 13.95 -10.84
CA ARG B 44 0.70 15.15 -11.23
C ARG B 44 2.19 14.91 -11.01
N GLY B 45 2.96 15.04 -12.10
CA GLY B 45 4.40 14.85 -12.08
C GLY B 45 4.82 13.40 -11.87
N MET B 46 3.90 12.46 -12.10
CA MET B 46 4.27 11.05 -12.09
C MET B 46 4.62 10.65 -13.53
N LYS B 47 5.74 9.95 -13.71
CA LYS B 47 6.23 9.65 -15.04
C LYS B 47 5.63 8.32 -15.50
N GLY B 48 4.48 8.42 -16.19
CA GLY B 48 3.57 7.29 -16.28
C GLY B 48 3.67 6.52 -17.59
N LEU B 49 4.21 7.13 -18.64
CA LEU B 49 4.20 6.47 -19.92
C LEU B 49 5.26 7.04 -20.85
N VAL B 50 5.61 6.16 -21.81
CA VAL B 50 6.48 6.51 -22.90
C VAL B 50 5.58 6.94 -24.06
N TYR B 51 5.94 8.07 -24.64
CA TYR B 51 5.22 8.69 -25.75
C TYR B 51 6.28 9.40 -26.59
N GLU B 52 6.36 9.06 -27.88
CA GLU B 52 7.58 9.26 -28.66
C GLU B 52 7.52 10.57 -29.44
N THR B 53 6.33 10.98 -29.84
CA THR B 53 6.20 11.99 -30.89
C THR B 53 6.52 13.41 -30.42
N SER B 54 6.20 13.72 -29.16
CA SER B 54 6.48 15.03 -28.61
C SER B 54 6.78 14.90 -27.12
N VAL B 55 7.57 15.84 -26.61
CA VAL B 55 7.83 15.96 -25.19
C VAL B 55 7.70 17.42 -24.74
N LEU B 56 7.04 17.60 -23.59
CA LEU B 56 6.84 18.89 -22.97
C LEU B 56 7.86 19.06 -21.84
N ASP B 57 8.80 20.01 -22.01
CA ASP B 57 9.62 20.53 -20.91
C ASP B 57 8.82 21.58 -20.14
N PRO B 58 8.76 21.51 -18.79
CA PRO B 58 8.01 22.51 -18.01
C PRO B 58 8.49 23.95 -18.20
N ASP B 59 9.80 24.05 -18.46
CA ASP B 59 10.52 25.30 -18.57
C ASP B 59 10.45 25.83 -19.99
N GLU B 60 10.57 24.96 -21.01
CA GLU B 60 10.74 25.45 -22.37
C GLU B 60 9.52 25.26 -23.27
N GLY B 61 8.58 24.42 -22.84
CA GLY B 61 7.40 24.12 -23.64
C GLY B 61 7.62 22.91 -24.54
N ILE B 62 6.73 22.75 -25.51
CA ILE B 62 6.67 21.54 -26.31
C ILE B 62 7.82 21.52 -27.30
N ARG B 63 8.38 20.32 -27.47
CA ARG B 63 9.20 19.96 -28.62
C ARG B 63 8.54 18.76 -29.32
N PHE B 64 8.47 18.85 -30.65
CA PHE B 64 8.05 17.80 -31.56
C PHE B 64 9.30 17.09 -32.07
N ARG B 65 9.54 15.88 -31.57
CA ARG B 65 10.72 15.12 -31.98
C ARG B 65 11.98 15.99 -31.83
N GLY B 66 12.05 16.77 -30.76
CA GLY B 66 13.20 17.62 -30.47
C GLY B 66 13.07 19.07 -30.97
N PHE B 67 12.13 19.34 -31.88
CA PHE B 67 12.05 20.64 -32.51
C PHE B 67 11.00 21.54 -31.83
N SER B 68 11.41 22.79 -31.56
CA SER B 68 10.53 23.78 -30.94
C SER B 68 9.56 24.29 -31.99
N ILE B 69 8.54 25.02 -31.51
CA ILE B 69 7.58 25.60 -32.43
C ILE B 69 8.27 26.59 -33.36
N PRO B 70 9.07 27.57 -32.84
CA PRO B 70 9.87 28.44 -33.72
C PRO B 70 10.71 27.72 -34.75
N GLU B 71 11.44 26.67 -34.33
CA GLU B 71 12.18 25.81 -35.23
C GLU B 71 11.28 25.20 -36.31
N CYS B 72 10.09 24.70 -35.94
CA CYS B 72 9.15 24.15 -36.91
C CYS B 72 8.61 25.24 -37.84
N GLN B 73 8.45 26.45 -37.33
CA GLN B 73 7.95 27.54 -38.15
C GLN B 73 8.94 27.87 -39.26
N LYS B 74 10.25 27.70 -38.97
CA LYS B 74 11.30 27.99 -39.92
C LYS B 74 11.55 26.79 -40.83
N LEU B 75 11.68 25.60 -40.23
CA LEU B 75 12.14 24.42 -40.95
C LEU B 75 11.04 23.71 -41.75
N LEU B 76 9.80 23.71 -41.24
CA LEU B 76 8.77 22.91 -41.90
C LEU B 76 8.32 23.59 -43.18
N PRO B 77 8.10 22.80 -44.25
CA PRO B 77 7.59 23.36 -45.49
C PRO B 77 6.26 24.08 -45.29
N LYS B 78 5.95 24.90 -46.28
CA LYS B 78 4.88 25.87 -46.26
C LYS B 78 4.14 25.72 -47.59
N ALA B 79 2.92 26.25 -47.66
CA ALA B 79 2.29 26.44 -48.94
C ALA B 79 3.06 27.50 -49.72
N LYS B 80 2.94 27.42 -51.04
CA LYS B 80 3.80 28.19 -51.93
C LYS B 80 3.69 29.69 -51.65
N GLY B 81 2.46 30.23 -51.65
CA GLY B 81 2.28 31.64 -51.36
C GLY B 81 1.86 31.82 -49.91
N GLY B 82 2.63 31.18 -49.01
CA GLY B 82 2.24 31.05 -47.63
C GLY B 82 3.44 31.17 -46.72
N GLU B 83 3.16 31.42 -45.45
CA GLU B 83 4.17 31.72 -44.45
C GLU B 83 4.11 30.70 -43.31
N GLU B 84 2.93 30.16 -43.04
CA GLU B 84 2.73 29.28 -41.88
C GLU B 84 3.07 27.83 -42.24
N PRO B 85 3.48 27.00 -41.26
CA PRO B 85 3.85 25.60 -41.52
C PRO B 85 2.65 24.73 -41.86
N LEU B 86 2.81 23.86 -42.88
CA LEU B 86 1.76 22.94 -43.26
C LEU B 86 1.65 21.83 -42.22
N PRO B 87 0.44 21.53 -41.69
CA PRO B 87 0.29 20.44 -40.72
C PRO B 87 0.71 19.07 -41.27
N GLU B 88 0.50 18.82 -42.56
CA GLU B 88 1.10 17.68 -43.22
C GLU B 88 2.55 17.48 -42.79
N GLY B 89 3.40 18.53 -42.89
CA GLY B 89 4.79 18.32 -42.56
C GLY B 89 5.05 18.00 -41.10
N LEU B 90 4.24 18.54 -40.20
CA LEU B 90 4.41 18.24 -38.78
C LEU B 90 4.13 16.76 -38.52
N PHE B 91 3.06 16.29 -39.13
CA PHE B 91 2.74 14.87 -39.05
C PHE B 91 3.92 14.03 -39.51
N TRP B 92 4.46 14.38 -40.68
CA TRP B 92 5.65 13.68 -41.16
C TRP B 92 6.72 13.63 -40.07
N LEU B 93 6.98 14.79 -39.47
CA LEU B 93 8.04 14.91 -38.49
C LEU B 93 7.73 14.01 -37.30
N LEU B 94 6.49 14.11 -36.78
CA LEU B 94 6.06 13.34 -35.61
C LEU B 94 6.27 11.84 -35.86
N VAL B 95 5.95 11.40 -37.06
CA VAL B 95 5.93 10.00 -37.44
C VAL B 95 7.35 9.50 -37.67
N THR B 96 8.17 10.28 -38.36
CA THR B 96 9.48 9.80 -38.79
C THR B 96 10.61 10.32 -37.91
N GLY B 97 10.39 11.41 -37.19
CA GLY B 97 11.46 12.07 -36.46
C GLY B 97 12.32 12.97 -37.35
N HIS B 98 12.00 13.04 -38.66
CA HIS B 98 12.75 13.76 -39.68
C HIS B 98 11.90 14.90 -40.22
N ILE B 99 12.53 16.07 -40.41
CA ILE B 99 11.85 17.18 -41.07
C ILE B 99 11.59 16.71 -42.50
N PRO B 100 10.38 16.88 -43.07
CA PRO B 100 10.12 16.48 -44.45
C PRO B 100 10.64 17.46 -45.49
N THR B 101 10.76 16.96 -46.72
CA THR B 101 11.07 17.80 -47.86
C THR B 101 9.75 18.40 -48.34
N GLU B 102 9.87 19.39 -49.22
CA GLU B 102 8.70 19.94 -49.92
C GLU B 102 7.96 18.82 -50.66
N GLU B 103 8.72 17.87 -51.22
CA GLU B 103 8.17 16.78 -52.02
C GLU B 103 7.38 15.81 -51.17
N GLN B 104 7.92 15.50 -49.99
CA GLN B 104 7.28 14.55 -49.10
C GLN B 104 5.93 15.11 -48.65
N VAL B 105 5.90 16.42 -48.32
CA VAL B 105 4.68 17.07 -47.87
C VAL B 105 3.68 17.07 -49.00
N SER B 106 4.14 17.38 -50.21
CA SER B 106 3.27 17.40 -51.38
CA SER B 106 3.26 17.40 -51.37
C SER B 106 2.58 16.04 -51.51
N TRP B 107 3.37 14.95 -51.39
CA TRP B 107 2.84 13.60 -51.43
C TRP B 107 1.77 13.40 -50.37
N LEU B 108 2.02 13.85 -49.12
CA LEU B 108 1.12 13.62 -48.03
C LEU B 108 -0.20 14.35 -48.29
N SER B 109 -0.13 15.59 -48.78
CA SER B 109 -1.32 16.36 -49.13
C SER B 109 -2.15 15.57 -50.12
N LYS B 110 -1.47 15.04 -51.16
CA LYS B 110 -2.15 14.26 -52.17
C LYS B 110 -2.75 12.99 -51.58
N GLU B 111 -2.04 12.35 -50.65
CA GLU B 111 -2.53 11.12 -50.06
C GLU B 111 -3.82 11.40 -49.30
N TRP B 112 -3.88 12.49 -48.52
CA TRP B 112 -5.06 12.77 -47.70
C TRP B 112 -6.25 13.25 -48.53
N ALA B 113 -5.99 13.94 -49.64
CA ALA B 113 -7.02 14.23 -50.64
C ALA B 113 -7.69 12.94 -51.11
N LYS B 114 -6.89 11.95 -51.56
CA LYS B 114 -7.39 10.72 -52.16
C LYS B 114 -8.23 9.87 -51.19
N ARG B 115 -7.91 9.86 -49.90
CA ARG B 115 -8.61 9.00 -48.98
C ARG B 115 -9.79 9.74 -48.34
N ALA B 116 -10.05 10.96 -48.82
CA ALA B 116 -11.13 11.77 -48.24
C ALA B 116 -12.43 11.35 -48.89
N ALA B 117 -13.29 10.73 -48.10
CA ALA B 117 -14.58 10.22 -48.60
C ALA B 117 -15.33 9.67 -47.39
N LEU B 118 -16.57 10.11 -47.21
CA LEU B 118 -17.37 9.59 -46.09
C LEU B 118 -18.42 8.58 -46.57
N PRO B 119 -18.61 7.47 -45.83
CA PRO B 119 -19.73 6.56 -46.09
C PRO B 119 -21.09 7.16 -45.79
N SER B 120 -22.11 6.65 -46.50
CA SER B 120 -23.42 7.29 -46.49
C SER B 120 -24.07 7.19 -45.11
N HIS B 121 -23.77 6.14 -44.33
CA HIS B 121 -24.35 6.04 -42.98
C HIS B 121 -23.85 7.18 -42.09
N VAL B 122 -22.59 7.60 -42.24
CA VAL B 122 -22.07 8.70 -41.43
C VAL B 122 -22.66 10.02 -41.93
N VAL B 123 -22.79 10.16 -43.25
CA VAL B 123 -23.49 11.28 -43.85
C VAL B 123 -24.91 11.35 -43.29
N THR B 124 -25.63 10.21 -43.31
CA THR B 124 -26.99 10.12 -42.81
C THR B 124 -27.02 10.60 -41.36
N MET B 125 -26.09 10.09 -40.54
CA MET B 125 -26.15 10.34 -39.11
C MET B 125 -25.96 11.83 -38.84
N LEU B 126 -24.97 12.44 -39.51
CA LEU B 126 -24.66 13.84 -39.29
C LEU B 126 -25.84 14.70 -39.74
N ASP B 127 -26.35 14.45 -40.94
CA ASP B 127 -27.47 15.24 -41.46
C ASP B 127 -28.67 15.20 -40.51
N ASN B 128 -28.86 14.12 -39.73
CA ASN B 128 -30.05 13.95 -38.91
C ASN B 128 -29.86 14.45 -37.47
N PHE B 129 -28.63 14.84 -37.10
CA PHE B 129 -28.37 15.29 -35.74
C PHE B 129 -29.07 16.61 -35.46
N PRO B 130 -29.62 16.81 -34.24
CA PRO B 130 -30.29 18.07 -33.93
C PRO B 130 -29.27 19.18 -33.67
N THR B 131 -29.75 20.40 -33.85
CA THR B 131 -28.92 21.58 -33.73
C THR B 131 -28.42 21.76 -32.29
N ASN B 132 -29.00 21.05 -31.33
CA ASN B 132 -28.57 21.28 -29.95
C ASN B 132 -27.67 20.14 -29.49
N LEU B 133 -27.22 19.28 -30.40
CA LEU B 133 -26.18 18.33 -30.04
C LEU B 133 -24.85 19.01 -30.36
N HIS B 134 -24.01 19.11 -29.32
CA HIS B 134 -22.81 19.92 -29.33
C HIS B 134 -21.89 19.43 -30.44
N PRO B 135 -21.24 20.31 -31.24
CA PRO B 135 -20.32 19.86 -32.28
C PRO B 135 -19.35 18.76 -31.89
N MET B 136 -18.84 18.79 -30.66
CA MET B 136 -17.85 17.79 -30.28
C MET B 136 -18.50 16.41 -30.18
N SER B 137 -19.78 16.39 -29.84
CA SER B 137 -20.52 15.16 -29.68
C SER B 137 -20.78 14.57 -31.06
N GLN B 138 -21.18 15.43 -32.00
CA GLN B 138 -21.36 15.02 -33.36
C GLN B 138 -20.08 14.43 -33.92
N LEU B 139 -18.94 15.07 -33.61
CA LEU B 139 -17.64 14.62 -34.10
C LEU B 139 -17.29 13.24 -33.55
N SER B 140 -17.33 13.12 -32.23
CA SER B 140 -17.02 11.87 -31.55
C SER B 140 -17.97 10.78 -32.04
N ALA B 141 -19.26 11.06 -32.09
CA ALA B 141 -20.23 10.07 -32.50
C ALA B 141 -19.90 9.57 -33.91
N ALA B 142 -19.62 10.51 -34.83
CA ALA B 142 -19.42 10.21 -36.24
C ALA B 142 -18.16 9.38 -36.45
N VAL B 143 -17.14 9.68 -35.65
CA VAL B 143 -15.88 8.97 -35.72
C VAL B 143 -16.01 7.53 -35.18
N THR B 144 -16.76 7.35 -34.09
CA THR B 144 -17.12 6.04 -33.58
C THR B 144 -17.81 5.23 -34.68
N ALA B 145 -18.78 5.82 -35.36
CA ALA B 145 -19.49 5.11 -36.41
C ALA B 145 -18.62 4.85 -37.65
N LEU B 146 -17.52 5.60 -37.85
CA LEU B 146 -16.63 5.33 -38.97
C LEU B 146 -15.86 4.03 -38.74
N ASN B 147 -15.87 3.51 -37.51
CA ASN B 147 -15.08 2.33 -37.22
C ASN B 147 -15.57 1.12 -38.04
N SER B 148 -16.75 1.23 -38.65
CA SER B 148 -17.21 0.24 -39.60
C SER B 148 -16.22 0.12 -40.75
N GLU B 149 -15.42 1.16 -41.00
CA GLU B 149 -14.47 1.18 -42.10
C GLU B 149 -13.08 0.74 -41.65
N SER B 150 -12.95 0.27 -40.41
CA SER B 150 -11.65 0.01 -39.84
C SER B 150 -11.05 -1.30 -40.35
N ASN B 151 -9.83 -1.18 -40.89
CA ASN B 151 -9.08 -2.29 -41.41
C ASN B 151 -8.43 -3.06 -40.27
N PHE B 152 -8.09 -2.33 -39.21
CA PHE B 152 -7.50 -2.98 -38.06
C PHE B 152 -8.51 -3.88 -37.37
N ALA B 153 -9.73 -3.37 -37.09
CA ALA B 153 -10.71 -4.20 -36.43
C ALA B 153 -10.92 -5.48 -37.24
N ARG B 154 -11.04 -5.32 -38.55
CA ARG B 154 -11.35 -6.41 -39.46
C ARG B 154 -10.24 -7.48 -39.46
N ALA B 155 -8.99 -7.03 -39.48
CA ALA B 155 -7.84 -7.90 -39.59
C ALA B 155 -7.58 -8.61 -38.27
N TYR B 156 -7.81 -7.91 -37.16
CA TYR B 156 -7.61 -8.46 -35.83
C TYR B 156 -8.57 -9.63 -35.57
N ALA B 157 -9.81 -9.52 -36.05
CA ALA B 157 -10.78 -10.61 -35.96
C ALA B 157 -10.25 -11.86 -36.65
N GLN B 158 -9.51 -11.66 -37.75
CA GLN B 158 -9.00 -12.73 -38.59
C GLN B 158 -7.64 -13.24 -38.13
N GLY B 159 -7.10 -12.68 -37.05
CA GLY B 159 -5.96 -13.28 -36.36
C GLY B 159 -4.61 -12.78 -36.89
N ILE B 160 -4.59 -11.55 -37.39
CA ILE B 160 -3.42 -10.97 -38.03
C ILE B 160 -2.25 -10.94 -37.04
N SER B 161 -1.03 -11.13 -37.57
CA SER B 161 0.14 -11.15 -36.70
C SER B 161 0.34 -9.81 -36.00
N ARG B 162 0.80 -9.81 -34.74
CA ARG B 162 1.17 -8.59 -34.03
C ARG B 162 2.23 -7.77 -34.77
N THR B 163 3.00 -8.39 -35.68
CA THR B 163 4.03 -7.67 -36.41
C THR B 163 3.39 -6.78 -37.49
N LYS B 164 2.11 -7.01 -37.80
CA LYS B 164 1.42 -6.27 -38.84
C LYS B 164 0.52 -5.17 -38.28
N TYR B 165 0.36 -5.09 -36.96
CA TYR B 165 -0.55 -4.15 -36.33
C TYR B 165 -0.28 -2.72 -36.81
N TRP B 166 0.99 -2.33 -36.88
CA TRP B 166 1.32 -0.92 -37.15
C TRP B 166 0.88 -0.52 -38.54
N GLU B 167 1.02 -1.41 -39.53
CA GLU B 167 0.62 -1.12 -40.91
C GLU B 167 -0.89 -0.84 -40.97
N LEU B 168 -1.66 -1.53 -40.14
CA LEU B 168 -3.11 -1.42 -40.19
C LEU B 168 -3.53 -0.12 -39.52
N ILE B 169 -2.90 0.15 -38.38
CA ILE B 169 -3.11 1.42 -37.69
C ILE B 169 -2.75 2.56 -38.65
N TYR B 170 -1.65 2.40 -39.36
CA TYR B 170 -1.20 3.41 -40.30
C TYR B 170 -2.32 3.67 -41.32
N GLU B 171 -2.79 2.60 -41.95
CA GLU B 171 -3.81 2.76 -42.98
C GLU B 171 -5.08 3.39 -42.41
N ASP B 172 -5.56 2.94 -41.25
CA ASP B 172 -6.76 3.53 -40.63
C ASP B 172 -6.50 5.00 -40.24
N SER B 173 -5.30 5.30 -39.69
CA SER B 173 -4.94 6.66 -39.26
C SER B 173 -4.90 7.66 -40.42
N MET B 174 -4.27 7.24 -41.53
CA MET B 174 -4.27 8.02 -42.76
C MET B 174 -5.69 8.27 -43.24
N ASP B 175 -6.57 7.26 -43.16
CA ASP B 175 -7.94 7.40 -43.67
C ASP B 175 -8.70 8.42 -42.78
N LEU B 176 -8.55 8.28 -41.47
CA LEU B 176 -9.30 9.08 -40.51
C LEU B 176 -8.86 10.54 -40.61
N ILE B 177 -7.55 10.76 -40.66
CA ILE B 177 -6.98 12.09 -40.84
C ILE B 177 -7.54 12.74 -42.09
N ALA B 178 -7.59 11.95 -43.17
CA ALA B 178 -8.12 12.40 -44.45
C ALA B 178 -9.59 12.75 -44.34
N LYS B 179 -10.33 12.03 -43.50
CA LYS B 179 -11.77 12.12 -43.47
C LYS B 179 -12.19 13.26 -42.54
N LEU B 180 -11.29 13.64 -41.64
CA LEU B 180 -11.70 14.40 -40.47
C LEU B 180 -12.31 15.73 -40.91
N PRO B 181 -11.61 16.57 -41.72
CA PRO B 181 -12.18 17.83 -42.21
C PRO B 181 -13.55 17.62 -42.85
N CYS B 182 -13.75 16.48 -43.52
CA CYS B 182 -15.04 16.20 -44.14
C CYS B 182 -16.14 16.18 -43.10
N VAL B 183 -15.92 15.45 -42.01
CA VAL B 183 -16.85 15.39 -40.89
C VAL B 183 -17.02 16.76 -40.27
N ALA B 184 -15.89 17.39 -39.95
CA ALA B 184 -15.91 18.66 -39.23
C ALA B 184 -16.67 19.72 -40.03
N ALA B 185 -16.48 19.74 -41.33
CA ALA B 185 -17.09 20.78 -42.16
C ALA B 185 -18.59 20.54 -42.32
N LYS B 186 -19.00 19.27 -42.40
CA LYS B 186 -20.43 18.95 -42.48
C LYS B 186 -21.13 19.39 -41.20
N ILE B 187 -20.47 19.17 -40.07
CA ILE B 187 -21.04 19.63 -38.81
C ILE B 187 -21.18 21.15 -38.88
N TYR B 188 -20.15 21.84 -39.38
CA TYR B 188 -20.16 23.29 -39.42
C TYR B 188 -21.28 23.77 -40.32
N ARG B 189 -21.36 23.20 -41.52
CA ARG B 189 -22.33 23.67 -42.47
C ARG B 189 -23.74 23.36 -41.97
N ASN B 190 -23.91 22.20 -41.35
CA ASN B 190 -25.24 21.78 -40.92
C ASN B 190 -25.73 22.66 -39.79
N LEU B 191 -24.85 22.97 -38.82
CA LEU B 191 -25.26 23.75 -37.67
C LEU B 191 -25.44 25.25 -38.01
N TYR B 192 -24.58 25.77 -38.88
CA TYR B 192 -24.38 27.20 -38.93
C TYR B 192 -24.52 27.78 -40.33
N ARG B 193 -24.69 26.92 -41.33
CA ARG B 193 -24.89 27.39 -42.73
C ARG B 193 -26.11 26.70 -43.35
N GLU B 194 -27.11 26.36 -42.55
CA GLU B 194 -28.37 25.78 -43.08
C GLU B 194 -28.12 24.54 -43.96
N GLY B 195 -26.96 23.91 -43.79
CA GLY B 195 -26.62 22.71 -44.59
C GLY B 195 -26.41 23.07 -46.04
N SER B 196 -25.48 23.96 -46.32
CA SER B 196 -25.06 24.15 -47.72
C SER B 196 -24.22 22.91 -48.00
N GLY B 197 -23.94 22.58 -49.26
CA GLY B 197 -23.22 21.32 -49.55
C GLY B 197 -21.89 21.61 -50.19
N ILE B 198 -21.59 22.89 -50.35
CA ILE B 198 -20.23 23.20 -50.88
C ILE B 198 -19.21 22.51 -49.96
N GLY B 199 -18.42 21.61 -50.54
CA GLY B 199 -17.38 20.97 -49.72
C GLY B 199 -16.59 19.95 -50.49
N ALA B 200 -15.98 20.32 -51.61
CA ALA B 200 -15.25 19.24 -52.31
C ALA B 200 -13.77 19.27 -51.95
N ILE B 201 -13.04 18.27 -52.45
CA ILE B 201 -11.62 18.18 -52.20
C ILE B 201 -10.93 18.47 -53.53
N ASP B 202 -10.06 19.47 -53.54
CA ASP B 202 -9.13 19.70 -54.63
C ASP B 202 -7.90 18.82 -54.36
N SER B 203 -7.55 17.99 -55.34
CA SER B 203 -6.50 17.00 -55.17
C SER B 203 -5.11 17.65 -55.14
N ASN B 204 -4.99 18.89 -55.59
CA ASN B 204 -3.70 19.59 -55.59
C ASN B 204 -3.58 20.63 -54.47
N LEU B 205 -4.54 20.63 -53.51
CA LEU B 205 -4.49 21.54 -52.39
C LEU B 205 -4.04 20.77 -51.15
N ASP B 206 -3.44 21.52 -50.23
CA ASP B 206 -3.10 21.03 -48.91
C ASP B 206 -4.38 20.91 -48.08
N TRP B 207 -4.26 20.14 -46.99
CA TRP B 207 -5.33 19.65 -46.13
C TRP B 207 -6.11 20.80 -45.47
N SER B 208 -5.35 21.81 -45.01
CA SER B 208 -5.88 22.96 -44.32
C SER B 208 -6.76 23.78 -45.27
N HIS B 209 -6.28 23.99 -46.50
CA HIS B 209 -6.98 24.84 -47.46
C HIS B 209 -8.28 24.17 -47.91
N ASN B 210 -8.22 22.84 -48.18
CA ASN B 210 -9.41 22.03 -48.44
C ASN B 210 -10.40 22.13 -47.30
N PHE B 211 -9.89 22.16 -46.05
CA PHE B 211 -10.74 22.33 -44.89
C PHE B 211 -11.44 23.70 -44.94
N THR B 212 -10.71 24.78 -45.24
CA THR B 212 -11.28 26.12 -45.12
C THR B 212 -12.24 26.32 -46.28
N ASN B 213 -11.96 25.67 -47.43
CA ASN B 213 -12.86 25.74 -48.58
C ASN B 213 -14.22 25.13 -48.21
N MET B 214 -14.20 23.99 -47.52
CA MET B 214 -15.41 23.28 -47.15
C MET B 214 -16.16 24.01 -46.03
N LEU B 215 -15.45 24.83 -45.26
CA LEU B 215 -16.06 25.59 -44.19
C LEU B 215 -16.78 26.82 -44.76
N GLY B 216 -16.44 27.17 -46.00
CA GLY B 216 -17.05 28.29 -46.69
C GLY B 216 -16.30 29.60 -46.55
N TYR B 217 -15.01 29.56 -46.24
CA TYR B 217 -14.19 30.75 -46.06
C TYR B 217 -13.32 30.96 -47.30
N THR B 218 -12.88 32.20 -47.54
CA THR B 218 -12.11 32.49 -48.75
C THR B 218 -10.82 33.24 -48.43
N ASP B 219 -10.78 33.95 -47.30
CA ASP B 219 -9.65 34.78 -46.93
C ASP B 219 -8.38 33.94 -46.84
N HIS B 220 -7.33 34.35 -47.57
CA HIS B 220 -6.06 33.65 -47.59
C HIS B 220 -5.45 33.59 -46.18
N GLN B 221 -5.72 34.59 -45.33
CA GLN B 221 -5.08 34.63 -44.03
C GLN B 221 -5.81 33.75 -43.02
N PHE B 222 -7.08 33.41 -43.29
CA PHE B 222 -7.79 32.41 -42.49
C PHE B 222 -7.21 31.02 -42.74
N THR B 223 -6.86 30.76 -43.99
CA THR B 223 -6.28 29.49 -44.37
C THR B 223 -4.90 29.35 -43.72
N GLU B 224 -4.11 30.42 -43.74
CA GLU B 224 -2.83 30.45 -43.03
C GLU B 224 -3.03 30.29 -41.53
N LEU B 225 -4.05 30.92 -40.95
CA LEU B 225 -4.32 30.73 -39.54
C LEU B 225 -4.61 29.25 -39.28
N THR B 226 -5.42 28.67 -40.15
CA THR B 226 -5.86 27.29 -40.03
C THR B 226 -4.62 26.39 -40.07
N ARG B 227 -3.64 26.70 -40.96
CA ARG B 227 -2.48 25.83 -41.14
C ARG B 227 -1.69 25.85 -39.84
N LEU B 228 -1.43 27.06 -39.32
CA LEU B 228 -0.74 27.23 -38.06
C LEU B 228 -1.54 26.56 -36.93
N TYR B 229 -2.83 26.87 -36.84
CA TYR B 229 -3.70 26.33 -35.78
C TYR B 229 -3.55 24.80 -35.73
N LEU B 230 -3.64 24.13 -36.89
CA LEU B 230 -3.66 22.68 -36.92
C LEU B 230 -2.25 22.14 -36.61
N THR B 231 -1.21 22.90 -36.99
CA THR B 231 0.16 22.50 -36.72
C THR B 231 0.42 22.54 -35.23
N ILE B 232 0.06 23.65 -34.55
CA ILE B 232 0.48 23.83 -33.16
C ILE B 232 -0.40 23.05 -32.19
N HIS B 233 -1.61 22.70 -32.56
CA HIS B 233 -2.48 21.94 -31.66
C HIS B 233 -2.22 20.44 -31.73
N SER B 234 -1.23 20.03 -32.55
CA SER B 234 -1.18 18.68 -33.08
C SER B 234 -0.91 17.66 -31.99
N ASP B 235 0.00 18.02 -31.07
CA ASP B 235 0.49 17.09 -30.07
C ASP B 235 1.04 17.89 -28.89
N HIS B 236 0.92 17.34 -27.68
CA HIS B 236 1.41 18.02 -26.45
C HIS B 236 1.78 16.90 -25.48
N GLU B 237 2.66 16.02 -25.94
CA GLU B 237 3.12 14.87 -25.11
C GLU B 237 1.94 13.90 -24.84
N GLY B 238 2.18 12.87 -24.05
CA GLY B 238 1.15 11.82 -23.91
C GLY B 238 0.30 11.91 -22.67
N GLY B 239 0.66 12.82 -21.79
CA GLY B 239 -0.03 12.90 -20.51
C GLY B 239 -1.21 13.87 -20.47
N ASN B 240 -1.50 14.56 -21.57
CA ASN B 240 -2.73 15.34 -21.63
C ASN B 240 -3.93 14.40 -21.83
N VAL B 241 -5.12 14.87 -21.40
CA VAL B 241 -6.26 13.97 -21.31
C VAL B 241 -6.55 13.34 -22.67
N SER B 242 -6.49 14.09 -23.78
CA SER B 242 -6.91 13.52 -25.04
C SER B 242 -5.88 12.53 -25.55
N ALA B 243 -4.60 12.88 -25.42
CA ALA B 243 -3.55 12.01 -25.89
C ALA B 243 -3.54 10.72 -25.04
N HIS B 244 -3.67 10.88 -23.73
CA HIS B 244 -3.64 9.78 -22.82
C HIS B 244 -4.86 8.87 -23.03
N THR B 245 -6.03 9.46 -23.30
CA THR B 245 -7.21 8.66 -23.54
C THR B 245 -6.95 7.78 -24.78
N SER B 246 -6.42 8.40 -25.83
CA SER B 246 -6.15 7.70 -27.08
C SER B 246 -5.22 6.52 -26.81
N HIS B 247 -4.20 6.82 -26.00
CA HIS B 247 -3.15 5.85 -25.66
C HIS B 247 -3.76 4.68 -24.88
N LEU B 248 -4.60 5.01 -23.91
CA LEU B 248 -5.20 4.02 -23.03
C LEU B 248 -6.14 3.09 -23.81
N VAL B 249 -7.06 3.69 -24.58
CA VAL B 249 -8.04 2.94 -25.36
C VAL B 249 -7.32 2.14 -26.45
N GLY B 250 -6.31 2.72 -27.08
CA GLY B 250 -5.62 1.98 -28.09
C GLY B 250 -4.75 0.86 -27.51
N SER B 251 -4.34 0.96 -26.25
CA SER B 251 -3.56 -0.13 -25.65
C SER B 251 -4.41 -1.39 -25.50
N ALA B 252 -5.75 -1.25 -25.55
CA ALA B 252 -6.67 -2.39 -25.53
C ALA B 252 -6.88 -2.99 -26.92
N LEU B 253 -6.20 -2.38 -27.91
CA LEU B 253 -6.20 -2.75 -29.31
C LEU B 253 -7.54 -2.33 -29.93
N SER B 254 -8.27 -1.41 -29.30
CA SER B 254 -9.28 -0.69 -30.05
C SER B 254 -8.64 0.02 -31.24
N ASP B 255 -9.39 0.12 -32.34
CA ASP B 255 -8.86 0.65 -33.58
C ASP B 255 -8.72 2.16 -33.49
N PRO B 256 -8.06 2.82 -34.46
CA PRO B 256 -7.85 4.26 -34.36
C PRO B 256 -9.10 5.13 -34.30
N TYR B 257 -10.19 4.68 -34.93
CA TYR B 257 -11.43 5.44 -34.87
C TYR B 257 -11.95 5.46 -33.42
N LEU B 258 -12.04 4.29 -32.77
CA LEU B 258 -12.51 4.23 -31.39
C LEU B 258 -11.60 4.99 -30.42
N SER B 259 -10.28 4.90 -30.64
CA SER B 259 -9.29 5.55 -29.80
C SER B 259 -9.38 7.07 -29.96
N PHE B 260 -9.58 7.53 -31.20
CA PHE B 260 -9.68 8.96 -31.45
C PHE B 260 -11.02 9.49 -30.90
N ALA B 261 -12.14 8.76 -31.14
CA ALA B 261 -13.43 9.22 -30.64
C ALA B 261 -13.43 9.34 -29.11
N ALA B 262 -12.79 8.40 -28.39
CA ALA B 262 -12.65 8.54 -26.97
C ALA B 262 -11.79 9.75 -26.61
N ALA B 263 -10.72 9.97 -27.37
CA ALA B 263 -9.86 11.13 -27.17
C ALA B 263 -10.67 12.44 -27.24
N MET B 264 -11.54 12.52 -28.25
CA MET B 264 -12.40 13.67 -28.43
C MET B 264 -13.37 13.83 -27.24
N ASN B 265 -13.87 12.74 -26.66
CA ASN B 265 -14.72 12.87 -25.49
C ASN B 265 -13.95 13.54 -24.36
N GLY B 266 -12.65 13.25 -24.26
CA GLY B 266 -11.83 13.90 -23.27
C GLY B 266 -11.47 15.35 -23.61
N LEU B 267 -11.18 15.61 -24.89
CA LEU B 267 -10.86 16.92 -25.39
C LEU B 267 -12.05 17.86 -25.15
N ALA B 268 -13.28 17.31 -25.07
CA ALA B 268 -14.48 18.11 -24.93
C ALA B 268 -14.71 18.55 -23.50
N GLY B 269 -13.84 18.13 -22.58
CA GLY B 269 -14.01 18.49 -21.19
C GLY B 269 -13.61 19.95 -20.96
N PRO B 270 -14.42 20.72 -20.20
CA PRO B 270 -14.06 22.09 -19.84
C PRO B 270 -12.61 22.30 -19.42
N LEU B 271 -12.01 21.40 -18.63
CA LEU B 271 -10.64 21.62 -18.24
C LEU B 271 -9.64 21.19 -19.31
N HIS B 272 -10.11 20.84 -20.49
CA HIS B 272 -9.20 20.46 -21.55
C HIS B 272 -9.53 21.38 -22.71
N GLY B 273 -9.73 20.78 -23.88
CA GLY B 273 -9.94 21.45 -25.15
C GLY B 273 -11.14 22.40 -25.15
N LEU B 274 -12.20 22.08 -24.41
CA LEU B 274 -13.39 22.93 -24.46
C LEU B 274 -13.09 24.31 -23.89
N ALA B 275 -11.99 24.45 -23.14
CA ALA B 275 -11.53 25.75 -22.67
C ALA B 275 -11.46 26.81 -23.78
N ASN B 276 -11.15 26.42 -25.05
CA ASN B 276 -11.04 27.39 -26.13
C ASN B 276 -12.42 27.96 -26.49
N GLN B 277 -13.49 27.23 -26.22
CA GLN B 277 -14.85 27.76 -26.33
C GLN B 277 -15.21 28.62 -25.11
N GLU B 278 -14.83 28.13 -23.91
CA GLU B 278 -15.20 28.76 -22.68
C GLU B 278 -14.57 30.14 -22.54
N VAL B 279 -13.35 30.30 -23.07
CA VAL B 279 -12.66 31.57 -23.10
C VAL B 279 -13.55 32.62 -23.78
N LEU B 280 -14.13 32.29 -24.93
CA LEU B 280 -14.85 33.29 -25.66
C LEU B 280 -16.24 33.53 -25.08
N VAL B 281 -16.82 32.53 -24.40
CA VAL B 281 -18.03 32.77 -23.64
C VAL B 281 -17.75 33.76 -22.51
N TRP B 282 -16.67 33.50 -21.77
CA TRP B 282 -16.24 34.32 -20.65
C TRP B 282 -15.86 35.73 -21.11
N LEU B 283 -15.29 35.87 -22.33
CA LEU B 283 -14.98 37.19 -22.88
C LEU B 283 -16.25 37.94 -23.23
N THR B 284 -17.18 37.23 -23.86
CA THR B 284 -18.46 37.80 -24.27
C THR B 284 -19.19 38.32 -23.04
N GLN B 285 -19.16 37.52 -21.97
CA GLN B 285 -19.82 37.87 -20.72
C GLN B 285 -19.19 39.14 -20.12
N LEU B 286 -17.85 39.25 -20.16
CA LEU B 286 -17.18 40.36 -19.49
C LEU B 286 -17.39 41.64 -20.29
N GLN B 287 -17.47 41.53 -21.62
CA GLN B 287 -17.72 42.68 -22.46
C GLN B 287 -19.13 43.20 -22.24
N LYS B 288 -20.08 42.28 -22.03
CA LYS B 288 -21.48 42.68 -21.79
C LYS B 288 -21.55 43.47 -20.48
N GLU B 289 -20.86 42.99 -19.44
CA GLU B 289 -20.86 43.67 -18.13
C GLU B 289 -19.66 44.62 -18.02
N VAL B 290 -19.12 45.11 -19.12
CA VAL B 290 -18.06 46.17 -19.07
C VAL B 290 -18.26 47.02 -20.32
N GLY B 291 -17.29 47.87 -20.67
CA GLY B 291 -17.38 48.53 -21.98
C GLY B 291 -16.83 47.57 -23.01
N LYS B 292 -15.98 48.03 -23.91
CA LYS B 292 -15.31 47.10 -24.83
C LYS B 292 -13.84 47.17 -24.48
N ASP B 293 -13.48 48.19 -23.69
CA ASP B 293 -12.06 48.48 -23.34
C ASP B 293 -12.04 48.92 -21.87
N VAL B 294 -12.02 47.98 -20.92
CA VAL B 294 -12.18 48.34 -19.48
C VAL B 294 -10.86 48.67 -18.79
N SER B 295 -10.95 49.29 -17.61
CA SER B 295 -9.76 49.62 -16.81
C SER B 295 -9.11 48.33 -16.30
N ASP B 296 -7.94 48.44 -15.69
CA ASP B 296 -7.25 47.23 -15.22
C ASP B 296 -7.91 46.77 -13.91
N GLU B 297 -8.44 47.70 -13.13
CA GLU B 297 -9.08 47.35 -11.84
C GLU B 297 -10.45 46.70 -12.10
N LYS B 298 -11.10 47.07 -13.21
CA LYS B 298 -12.39 46.45 -13.57
C LYS B 298 -12.18 45.03 -14.11
N LEU B 299 -11.06 44.79 -14.77
CA LEU B 299 -10.76 43.40 -15.23
C LEU B 299 -10.49 42.57 -13.97
N ARG B 300 -9.71 43.11 -13.05
CA ARG B 300 -9.37 42.40 -11.81
C ARG B 300 -10.66 42.04 -11.08
N ASP B 301 -11.63 42.92 -11.16
CA ASP B 301 -12.93 42.66 -10.51
C ASP B 301 -13.60 41.45 -11.17
N TYR B 302 -13.70 41.47 -12.49
CA TYR B 302 -14.38 40.39 -13.18
C TYR B 302 -13.67 39.06 -12.91
N ILE B 303 -12.33 39.07 -12.91
CA ILE B 303 -11.60 37.83 -12.69
C ILE B 303 -11.89 37.35 -11.27
N TRP B 304 -11.94 38.29 -10.32
CA TRP B 304 -12.11 37.94 -8.92
C TRP B 304 -13.50 37.33 -8.71
N ASN B 305 -14.51 37.86 -9.41
CA ASN B 305 -15.86 37.32 -9.28
C ASN B 305 -15.91 35.87 -9.80
N THR B 306 -15.15 35.60 -10.86
CA THR B 306 -15.02 34.24 -11.38
C THR B 306 -14.42 33.32 -10.33
N LEU B 307 -13.29 33.72 -9.76
CA LEU B 307 -12.53 32.86 -8.86
C LEU B 307 -13.26 32.66 -7.53
N ASN B 308 -13.97 33.69 -7.03
CA ASN B 308 -14.68 33.55 -5.75
C ASN B 308 -15.99 32.78 -5.92
N SER B 309 -16.41 32.52 -7.16
CA SER B 309 -17.60 31.72 -7.41
C SER B 309 -17.29 30.22 -7.55
N GLY B 310 -16.03 29.82 -7.31
CA GLY B 310 -15.63 28.42 -7.42
C GLY B 310 -15.50 27.96 -8.87
N ARG B 311 -15.19 28.93 -9.75
CA ARG B 311 -14.97 28.68 -11.16
C ARG B 311 -13.49 28.95 -11.47
N VAL B 312 -12.99 28.37 -12.58
CA VAL B 312 -11.64 28.64 -13.03
C VAL B 312 -11.69 29.75 -14.08
N VAL B 313 -10.56 30.46 -14.25
CA VAL B 313 -10.36 31.33 -15.41
C VAL B 313 -10.02 30.41 -16.59
N PRO B 314 -10.84 30.38 -17.67
CA PRO B 314 -10.54 29.54 -18.83
C PRO B 314 -9.26 29.95 -19.54
N GLY B 315 -8.48 28.95 -19.94
CA GLY B 315 -7.32 29.15 -20.77
C GLY B 315 -6.06 29.49 -19.97
N TYR B 316 -6.13 29.33 -18.65
CA TYR B 316 -5.04 29.76 -17.79
C TYR B 316 -4.67 28.58 -16.91
N GLY B 317 -3.38 28.44 -16.60
CA GLY B 317 -2.92 27.28 -15.84
C GLY B 317 -2.57 26.10 -16.74
N HIS B 318 -1.82 25.15 -16.17
CA HIS B 318 -1.43 23.97 -16.91
C HIS B 318 -0.88 22.98 -15.89
N ALA B 319 -0.99 21.67 -16.17
CA ALA B 319 -0.53 20.63 -15.25
C ALA B 319 0.98 20.56 -15.20
N VAL B 320 1.67 21.02 -16.26
CA VAL B 320 3.09 20.74 -16.43
C VAL B 320 3.88 22.00 -16.83
N LEU B 321 3.39 22.80 -17.78
CA LEU B 321 3.99 24.09 -18.13
C LEU B 321 4.12 24.98 -16.90
N ARG B 322 5.29 25.59 -16.69
CA ARG B 322 5.51 26.51 -15.57
C ARG B 322 5.86 27.92 -16.06
N LYS B 323 5.64 28.20 -17.35
CA LYS B 323 5.72 29.54 -17.91
C LYS B 323 4.61 29.64 -18.96
N THR B 324 4.67 30.74 -19.71
CA THR B 324 3.74 30.95 -20.80
C THR B 324 3.92 29.85 -21.84
N ASP B 325 2.79 29.33 -22.36
CA ASP B 325 2.78 28.32 -23.40
C ASP B 325 3.34 28.93 -24.68
N PRO B 326 4.35 28.33 -25.36
CA PRO B 326 4.77 28.85 -26.66
C PRO B 326 3.65 28.84 -27.68
N ARG B 327 2.66 27.95 -27.54
CA ARG B 327 1.55 27.94 -28.47
C ARG B 327 0.74 29.21 -28.25
N TYR B 328 0.76 29.76 -27.04
CA TYR B 328 0.15 31.08 -26.82
C TYR B 328 0.96 32.18 -27.51
N THR B 329 2.28 32.18 -27.31
CA THR B 329 3.14 33.23 -27.86
C THR B 329 3.01 33.26 -29.38
N CYS B 330 3.10 32.07 -29.99
CA CYS B 330 3.03 31.94 -31.43
C CYS B 330 1.69 32.47 -31.97
N GLN B 331 0.59 32.27 -31.23
CA GLN B 331 -0.69 32.84 -31.62
C GLN B 331 -0.70 34.35 -31.42
N ARG B 332 -0.05 34.82 -30.34
CA ARG B 332 0.17 36.25 -30.19
C ARG B 332 0.91 36.81 -31.41
N GLU B 333 1.91 36.06 -31.89
CA GLU B 333 2.69 36.52 -33.05
C GLU B 333 1.82 36.72 -34.27
N PHE B 334 0.90 35.78 -34.47
CA PHE B 334 0.03 35.84 -35.62
C PHE B 334 -0.89 37.06 -35.50
N ALA B 335 -1.48 37.26 -34.32
CA ALA B 335 -2.45 38.33 -34.14
C ALA B 335 -1.76 39.67 -34.37
N LEU B 336 -0.53 39.83 -33.85
CA LEU B 336 0.12 41.14 -33.93
C LEU B 336 0.52 41.44 -35.38
N LYS B 337 0.71 40.39 -36.20
CA LYS B 337 0.98 40.58 -37.62
C LYS B 337 -0.32 40.95 -38.34
N HIS B 338 -1.40 40.23 -38.02
CA HIS B 338 -2.55 40.19 -38.92
C HIS B 338 -3.75 40.96 -38.41
N LEU B 339 -3.94 41.03 -37.08
CA LEU B 339 -5.12 41.65 -36.50
C LEU B 339 -4.76 42.35 -35.19
N PRO B 340 -3.71 43.20 -35.16
CA PRO B 340 -3.16 43.70 -33.91
C PRO B 340 -4.13 44.59 -33.11
N ASN B 341 -5.12 45.17 -33.80
CA ASN B 341 -5.96 46.19 -33.21
C ASN B 341 -7.35 45.67 -32.85
N ASP B 342 -7.66 44.42 -33.22
CA ASP B 342 -8.97 43.84 -32.95
C ASP B 342 -9.31 43.97 -31.47
N PRO B 343 -10.56 44.35 -31.12
CA PRO B 343 -10.91 44.68 -29.73
C PRO B 343 -10.80 43.52 -28.75
N MET B 344 -11.15 42.31 -29.21
CA MET B 344 -11.14 41.15 -28.34
C MET B 344 -9.69 40.73 -28.11
N PHE B 345 -8.84 40.96 -29.11
CA PHE B 345 -7.42 40.69 -28.98
C PHE B 345 -6.75 41.62 -27.95
N LYS B 346 -7.11 42.89 -27.98
CA LYS B 346 -6.60 43.84 -26.94
C LYS B 346 -7.02 43.31 -25.57
N LEU B 347 -8.26 42.80 -25.47
CA LEU B 347 -8.72 42.28 -24.19
C LEU B 347 -7.84 41.09 -23.77
N VAL B 348 -7.65 40.12 -24.70
CA VAL B 348 -6.83 38.93 -24.45
C VAL B 348 -5.45 39.36 -24.02
N ALA B 349 -4.90 40.38 -24.72
CA ALA B 349 -3.58 40.88 -24.38
C ALA B 349 -3.67 41.52 -23.00
N GLN B 350 -4.75 42.28 -22.79
CA GLN B 350 -5.00 42.95 -21.52
C GLN B 350 -4.97 41.95 -20.37
N LEU B 351 -5.62 40.81 -20.57
CA LEU B 351 -5.73 39.82 -19.51
C LEU B 351 -4.36 39.21 -19.20
N TYR B 352 -3.48 39.13 -20.20
CA TYR B 352 -2.13 38.62 -20.00
C TYR B 352 -1.39 39.44 -18.95
N LYS B 353 -1.68 40.75 -18.88
CA LYS B 353 -0.95 41.59 -17.96
C LYS B 353 -1.55 41.51 -16.56
N ILE B 354 -2.78 41.00 -16.43
CA ILE B 354 -3.55 41.07 -15.20
C ILE B 354 -3.76 39.72 -14.53
N VAL B 355 -4.25 38.77 -15.32
CA VAL B 355 -4.66 37.45 -14.78
C VAL B 355 -3.48 36.81 -14.02
N PRO B 356 -2.27 36.69 -14.56
CA PRO B 356 -1.23 36.04 -13.80
C PRO B 356 -0.89 36.58 -12.41
N ASN B 357 -1.03 37.87 -12.14
CA ASN B 357 -0.77 38.39 -10.75
C ASN B 357 -1.95 37.99 -9.88
N VAL B 358 -3.14 37.98 -10.46
CA VAL B 358 -4.25 37.34 -9.72
C VAL B 358 -3.91 35.86 -9.96
N LEU B 359 -4.63 34.90 -9.44
CA LEU B 359 -4.17 33.49 -9.60
C LEU B 359 -2.95 33.29 -8.67
N LEU B 360 -1.86 34.03 -8.87
CA LEU B 360 -0.73 33.85 -7.93
C LEU B 360 -1.22 34.17 -6.51
N GLU B 361 -1.87 35.31 -6.38
CA GLU B 361 -2.36 35.75 -5.06
C GLU B 361 -3.57 34.91 -4.62
N GLN B 362 -4.33 34.36 -5.56
CA GLN B 362 -5.42 33.43 -5.16
C GLN B 362 -4.79 32.15 -4.59
N GLY B 363 -3.65 31.71 -5.13
CA GLY B 363 -2.92 30.57 -4.55
C GLY B 363 -3.23 29.22 -5.16
N LYS B 364 -4.39 29.05 -5.77
CA LYS B 364 -4.78 27.71 -6.25
C LYS B 364 -4.27 27.49 -7.67
N ALA B 365 -3.07 27.96 -7.97
CA ALA B 365 -2.51 27.76 -9.32
C ALA B 365 -1.01 27.65 -9.22
N LYS B 366 -0.50 26.47 -9.57
CA LYS B 366 0.96 26.26 -9.59
C LYS B 366 1.50 27.09 -10.77
N ASN B 367 0.69 27.18 -11.82
CA ASN B 367 1.09 27.92 -13.00
C ASN B 367 0.05 29.00 -13.31
N PRO B 368 0.38 30.31 -13.21
CA PRO B 368 -0.57 31.39 -13.49
C PRO B 368 -0.63 31.84 -14.95
N TRP B 369 0.12 31.15 -15.81
CA TRP B 369 0.34 31.62 -17.16
C TRP B 369 -0.71 31.01 -18.08
N PRO B 370 -0.98 31.65 -19.23
CA PRO B 370 -1.97 31.12 -20.16
C PRO B 370 -1.46 29.93 -20.96
N ASN B 371 -2.44 29.14 -21.44
CA ASN B 371 -2.21 28.02 -22.33
C ASN B 371 -2.74 28.43 -23.70
N VAL B 372 -2.63 27.51 -24.64
CA VAL B 372 -3.01 27.77 -26.02
C VAL B 372 -4.50 28.17 -26.11
N ASP B 373 -5.34 27.73 -25.15
CA ASP B 373 -6.77 27.94 -25.31
C ASP B 373 -7.15 29.40 -25.00
N ALA B 374 -6.25 30.13 -24.32
CA ALA B 374 -6.52 31.52 -24.00
C ALA B 374 -6.55 32.35 -25.29
N HIS B 375 -6.01 31.84 -26.40
CA HIS B 375 -5.72 32.75 -27.49
C HIS B 375 -6.33 32.31 -28.82
N SER B 376 -6.65 31.02 -28.95
CA SER B 376 -7.11 30.48 -30.22
C SER B 376 -8.38 31.18 -30.66
N GLY B 377 -9.32 31.35 -29.73
CA GLY B 377 -10.69 31.76 -30.05
C GLY B 377 -10.75 33.15 -30.68
N VAL B 378 -9.89 34.08 -30.23
CA VAL B 378 -9.94 35.47 -30.69
C VAL B 378 -9.49 35.55 -32.15
N LEU B 379 -8.58 34.66 -32.55
CA LEU B 379 -8.09 34.68 -33.93
C LEU B 379 -9.23 34.24 -34.85
N LEU B 380 -9.92 33.16 -34.45
CA LEU B 380 -11.03 32.62 -35.20
C LEU B 380 -12.13 33.67 -35.32
N GLN B 381 -12.61 34.20 -34.19
CA GLN B 381 -13.60 35.27 -34.14
C GLN B 381 -13.32 36.38 -35.17
N TYR B 382 -12.07 36.82 -35.25
CA TYR B 382 -11.65 37.87 -36.17
C TYR B 382 -12.05 37.57 -37.61
N TYR B 383 -11.80 36.34 -38.06
CA TYR B 383 -12.06 36.00 -39.45
C TYR B 383 -13.54 35.69 -39.72
N GLY B 384 -14.41 35.89 -38.74
CA GLY B 384 -15.82 35.63 -38.94
C GLY B 384 -16.27 34.28 -38.40
N MET B 385 -15.34 33.47 -37.86
CA MET B 385 -15.80 32.22 -37.26
C MET B 385 -16.16 32.46 -35.81
N THR B 386 -17.40 32.91 -35.63
CA THR B 386 -17.94 33.43 -34.38
C THR B 386 -18.60 32.33 -33.54
N GLU B 387 -18.69 31.11 -34.12
CA GLU B 387 -19.43 30.01 -33.51
C GLU B 387 -18.52 29.32 -32.49
N MET B 388 -18.55 29.83 -31.25
CA MET B 388 -17.61 29.45 -30.20
C MET B 388 -17.78 27.98 -29.84
N ASN B 389 -18.99 27.47 -30.02
CA ASN B 389 -19.28 26.08 -29.68
C ASN B 389 -18.64 25.13 -30.69
N TYR B 390 -17.98 25.66 -31.73
CA TYR B 390 -17.40 24.84 -32.78
C TYR B 390 -15.89 24.69 -32.60
N TYR B 391 -15.35 25.52 -31.70
CA TYR B 391 -13.93 25.78 -31.68
C TYR B 391 -13.16 24.52 -31.29
N THR B 392 -13.74 23.69 -30.43
CA THR B 392 -12.97 22.54 -29.99
C THR B 392 -12.88 21.52 -31.13
N VAL B 393 -13.84 21.53 -32.07
CA VAL B 393 -13.74 20.65 -33.24
C VAL B 393 -12.44 20.91 -34.01
N LEU B 394 -12.04 22.18 -34.21
CA LEU B 394 -10.79 22.45 -34.90
C LEU B 394 -9.61 21.87 -34.10
N PHE B 395 -9.64 22.05 -32.78
CA PHE B 395 -8.62 21.49 -31.92
C PHE B 395 -8.58 19.98 -32.15
N GLY B 396 -9.75 19.33 -32.17
CA GLY B 396 -9.84 17.89 -32.32
C GLY B 396 -9.20 17.45 -33.63
N VAL B 397 -9.54 18.16 -34.72
CA VAL B 397 -8.97 17.82 -36.00
C VAL B 397 -7.45 17.86 -35.98
N SER B 398 -6.87 18.87 -35.31
CA SER B 398 -5.43 19.01 -35.21
C SER B 398 -4.83 17.89 -34.36
N ARG B 399 -5.49 17.59 -33.23
CA ARG B 399 -4.92 16.67 -32.25
C ARG B 399 -4.92 15.21 -32.75
N ALA B 400 -5.69 14.90 -33.79
CA ALA B 400 -5.62 13.65 -34.51
C ALA B 400 -4.20 13.33 -34.99
N LEU B 401 -3.52 14.36 -35.52
CA LEU B 401 -2.20 14.22 -36.07
C LEU B 401 -1.25 13.61 -35.03
N GLY B 402 -1.22 14.18 -33.82
CA GLY B 402 -0.27 13.73 -32.83
C GLY B 402 -0.61 12.34 -32.28
N VAL B 403 -1.87 12.17 -31.88
CA VAL B 403 -2.27 10.95 -31.19
C VAL B 403 -2.18 9.76 -32.14
N LEU B 404 -2.51 9.95 -33.43
CA LEU B 404 -2.41 8.88 -34.40
C LEU B 404 -0.97 8.60 -34.81
N ALA B 405 -0.10 9.62 -34.84
CA ALA B 405 1.31 9.41 -35.06
C ALA B 405 1.84 8.48 -33.97
N GLN B 406 1.45 8.74 -32.72
CA GLN B 406 1.96 7.93 -31.64
C GLN B 406 1.36 6.53 -31.71
N LEU B 407 0.05 6.45 -31.99
CA LEU B 407 -0.63 5.16 -31.99
C LEU B 407 0.08 4.19 -32.92
N ILE B 408 0.57 4.71 -34.05
CA ILE B 408 1.27 3.90 -35.02
C ILE B 408 2.49 3.32 -34.31
N TRP B 409 3.19 4.18 -33.56
CA TRP B 409 4.41 3.78 -32.87
C TRP B 409 4.11 2.86 -31.69
N SER B 410 3.08 3.17 -30.91
CA SER B 410 2.69 2.30 -29.80
C SER B 410 2.52 0.85 -30.26
N ARG B 411 1.87 0.68 -31.42
CA ARG B 411 1.58 -0.64 -31.95
C ARG B 411 2.87 -1.20 -32.56
N ALA B 412 3.68 -0.32 -33.18
CA ALA B 412 4.90 -0.78 -33.83
C ALA B 412 5.86 -1.35 -32.80
N LEU B 413 5.81 -0.81 -31.59
CA LEU B 413 6.74 -1.13 -30.52
C LEU B 413 6.16 -2.15 -29.55
N GLY B 414 4.93 -2.60 -29.80
CA GLY B 414 4.33 -3.62 -28.97
C GLY B 414 4.04 -3.17 -27.53
N PHE B 415 3.80 -1.86 -27.32
CA PHE B 415 3.39 -1.38 -26.00
C PHE B 415 2.18 -2.18 -25.54
N PRO B 416 2.15 -2.71 -24.30
CA PRO B 416 1.03 -3.51 -23.84
C PRO B 416 -0.15 -2.70 -23.33
N LEU B 417 -1.21 -3.42 -22.93
CA LEU B 417 -2.34 -2.86 -22.20
C LEU B 417 -1.85 -1.98 -21.07
N GLU B 418 -2.40 -0.75 -20.99
CA GLU B 418 -2.19 0.13 -19.86
C GLU B 418 -3.16 -0.22 -18.73
N ARG B 419 -2.63 -0.67 -17.60
CA ARG B 419 -3.42 -1.20 -16.50
C ARG B 419 -2.68 -0.89 -15.20
N PRO B 420 -2.77 0.34 -14.67
CA PRO B 420 -2.25 0.64 -13.34
C PRO B 420 -3.11 0.02 -12.24
N LYS B 421 -2.55 0.05 -11.02
CA LYS B 421 -3.26 -0.35 -9.83
C LYS B 421 -3.94 0.85 -9.20
N SER B 422 -5.14 0.64 -8.67
CA SER B 422 -5.80 1.69 -7.93
C SER B 422 -5.90 1.29 -6.46
N MET B 423 -6.12 2.27 -5.60
CA MET B 423 -6.47 1.96 -4.22
C MET B 423 -7.62 2.85 -3.80
N SER B 424 -8.34 2.40 -2.77
CA SER B 424 -9.30 3.23 -2.05
C SER B 424 -8.54 4.02 -0.99
N THR B 425 -9.23 5.02 -0.44
CA THR B 425 -8.71 5.81 0.66
C THR B 425 -8.48 4.90 1.86
N GLU B 426 -9.49 4.08 2.16
CA GLU B 426 -9.41 3.13 3.24
C GLU B 426 -8.21 2.21 2.98
N GLY B 427 -8.11 1.69 1.75
CA GLY B 427 -7.04 0.79 1.39
C GLY B 427 -5.68 1.47 1.46
N LEU B 428 -5.64 2.74 1.07
CA LEU B 428 -4.41 3.53 1.11
C LEU B 428 -4.03 3.81 2.56
N MET B 429 -4.99 4.16 3.43
CA MET B 429 -4.69 4.43 4.83
C MET B 429 -4.03 3.22 5.49
N LYS B 430 -4.40 2.01 5.05
CA LYS B 430 -3.87 0.79 5.64
C LYS B 430 -2.51 0.45 5.03
N PHE B 431 -2.30 0.84 3.76
CA PHE B 431 -1.04 0.56 3.07
C PHE B 431 0.09 1.42 3.64
N VAL B 432 -0.23 2.67 4.02
CA VAL B 432 0.74 3.57 4.63
C VAL B 432 0.99 3.17 6.09
N ASP B 433 0.14 2.29 6.63
CA ASP B 433 0.32 1.74 7.96
C ASP B 433 0.78 0.27 7.87
N SER B 434 1.94 0.03 7.25
CA SER B 434 2.53 -1.29 7.16
C SER B 434 3.64 -1.30 6.11
N SER C 1 39.30 -5.17 -7.01
CA SER C 1 39.16 -4.07 -6.01
C SER C 1 37.97 -4.34 -5.11
N THR C 2 38.18 -4.91 -3.91
CA THR C 2 37.02 -5.32 -3.07
C THR C 2 37.04 -4.70 -1.69
N ASN C 3 38.20 -4.65 -1.02
CA ASN C 3 38.32 -3.98 0.29
C ASN C 3 37.67 -2.60 0.24
N LEU C 4 36.96 -2.22 1.31
CA LEU C 4 36.34 -0.87 1.37
C LEU C 4 37.46 0.18 1.21
N LYS C 5 38.61 -0.07 1.83
CA LYS C 5 39.66 0.93 1.80
C LYS C 5 40.16 1.19 0.37
N ASP C 6 40.17 0.17 -0.50
CA ASP C 6 40.65 0.30 -1.87
C ASP C 6 39.64 1.00 -2.76
N ILE C 7 38.37 0.67 -2.55
CA ILE C 7 37.27 1.34 -3.21
C ILE C 7 37.32 2.84 -2.88
N LEU C 8 37.61 3.13 -1.62
CA LEU C 8 37.63 4.49 -1.13
C LEU C 8 38.82 5.23 -1.75
N ALA C 9 39.99 4.57 -1.75
CA ALA C 9 41.20 5.11 -2.38
C ALA C 9 40.93 5.54 -3.83
N ASP C 10 40.12 4.76 -4.54
CA ASP C 10 39.86 5.03 -5.94
C ASP C 10 38.92 6.21 -6.13
N LEU C 11 38.02 6.42 -5.16
CA LEU C 11 37.01 7.46 -5.27
C LEU C 11 37.60 8.84 -4.94
N ILE C 12 38.60 8.85 -4.06
CA ILE C 12 39.09 10.09 -3.50
C ILE C 12 39.65 11.03 -4.56
N PRO C 13 40.54 10.60 -5.50
CA PRO C 13 41.08 11.51 -6.52
C PRO C 13 40.05 12.18 -7.42
N LYS C 14 39.01 11.41 -7.81
CA LYS C 14 37.88 11.90 -8.60
C LYS C 14 37.22 13.09 -7.90
N GLU C 15 37.11 12.98 -6.58
CA GLU C 15 36.35 13.95 -5.81
C GLU C 15 37.22 15.19 -5.57
N GLN C 16 38.51 14.99 -5.27
CA GLN C 16 39.45 16.09 -5.21
C GLN C 16 39.39 16.88 -6.51
N ALA C 17 39.42 16.16 -7.63
CA ALA C 17 39.40 16.78 -8.94
C ALA C 17 38.10 17.57 -9.12
N ARG C 18 36.98 16.97 -8.72
CA ARG C 18 35.68 17.59 -8.92
C ARG C 18 35.53 18.85 -8.08
N ILE C 19 36.15 18.89 -6.89
CA ILE C 19 36.04 20.04 -6.01
C ILE C 19 36.98 21.14 -6.49
N LYS C 20 38.20 20.75 -6.90
CA LYS C 20 39.19 21.70 -7.41
C LYS C 20 38.56 22.55 -8.51
N THR C 21 37.86 21.89 -9.44
CA THR C 21 37.33 22.52 -10.63
C THR C 21 36.19 23.47 -10.25
N PHE C 22 35.30 22.97 -9.38
CA PHE C 22 34.19 23.73 -8.83
C PHE C 22 34.69 24.99 -8.13
N ARG C 23 35.70 24.83 -7.27
CA ARG C 23 36.23 25.95 -6.54
C ARG C 23 36.91 26.91 -7.53
N GLN C 24 37.52 26.35 -8.56
CA GLN C 24 38.15 27.13 -9.61
C GLN C 24 37.09 27.97 -10.33
N GLN C 25 35.93 27.38 -10.60
CA GLN C 25 34.86 28.07 -11.31
C GLN C 25 34.07 29.01 -10.41
N HIS C 26 33.77 28.55 -9.18
CA HIS C 26 32.65 29.08 -8.42
C HIS C 26 33.03 29.36 -6.97
N GLY C 27 34.34 29.27 -6.65
CA GLY C 27 34.84 29.52 -5.31
C GLY C 27 34.35 30.85 -4.73
N LYS C 28 34.25 31.86 -5.61
CA LYS C 28 33.95 33.20 -5.16
C LYS C 28 32.46 33.48 -5.30
N THR C 29 31.68 32.50 -5.79
CA THR C 29 30.23 32.59 -5.83
C THR C 29 29.67 32.73 -4.42
N VAL C 30 28.83 33.75 -4.22
CA VAL C 30 28.25 34.05 -2.91
C VAL C 30 26.96 33.23 -2.78
N VAL C 31 26.83 32.51 -1.67
CA VAL C 31 25.73 31.57 -1.51
C VAL C 31 24.86 32.00 -0.32
N GLY C 32 25.26 33.06 0.39
CA GLY C 32 24.45 33.47 1.51
C GLY C 32 24.94 34.75 2.17
N GLN C 33 24.02 35.36 2.92
CA GLN C 33 24.29 36.63 3.58
C GLN C 33 24.37 36.34 5.08
N ILE C 34 25.10 37.16 5.82
CA ILE C 34 25.13 36.99 7.26
C ILE C 34 24.55 38.25 7.92
N THR C 35 23.42 38.08 8.60
CA THR C 35 22.86 39.19 9.35
C THR C 35 23.35 39.13 10.78
N VAL C 36 23.19 40.27 11.46
CA VAL C 36 23.36 40.39 12.88
C VAL C 36 22.52 39.32 13.59
N ASP C 37 21.27 39.12 13.15
CA ASP C 37 20.36 38.22 13.83
C ASP C 37 20.90 36.80 13.82
N MET C 38 21.51 36.42 12.68
CA MET C 38 22.01 35.08 12.47
C MET C 38 23.21 34.83 13.40
N MET C 39 23.99 35.90 13.68
CA MET C 39 25.17 35.82 14.53
C MET C 39 24.76 35.61 15.99
N TYR C 40 23.72 36.32 16.44
CA TYR C 40 23.19 36.14 17.78
C TYR C 40 22.38 34.85 17.89
N GLY C 41 21.88 34.33 16.76
CA GLY C 41 20.92 33.22 16.78
C GLY C 41 21.54 31.91 16.31
N GLY C 42 22.82 31.71 16.62
CA GLY C 42 23.48 30.41 16.48
C GLY C 42 23.53 29.89 15.05
N MET C 43 23.89 30.79 14.13
CA MET C 43 24.11 30.50 12.72
C MET C 43 22.86 29.97 12.04
N ARG C 44 21.68 30.25 12.61
CA ARG C 44 20.44 29.73 12.08
C ARG C 44 20.25 30.23 10.64
N GLY C 45 20.17 29.29 9.70
CA GLY C 45 19.93 29.60 8.30
C GLY C 45 21.21 29.79 7.49
N MET C 46 22.37 29.68 8.15
CA MET C 46 23.64 30.04 7.55
C MET C 46 24.31 28.80 6.95
N LYS C 47 24.81 28.91 5.71
CA LYS C 47 25.34 27.75 5.00
C LYS C 47 26.84 27.65 5.24
N GLY C 48 27.21 26.98 6.34
CA GLY C 48 28.50 27.19 6.97
C GLY C 48 29.59 26.19 6.58
N LEU C 49 29.18 25.00 6.11
CA LEU C 49 30.13 23.91 5.99
C LEU C 49 29.72 22.92 4.89
N VAL C 50 30.74 22.28 4.31
CA VAL C 50 30.55 21.22 3.34
C VAL C 50 30.60 19.90 4.09
N TYR C 51 29.56 19.10 3.96
CA TYR C 51 29.41 17.84 4.67
C TYR C 51 28.79 16.88 3.65
N GLU C 52 29.57 15.85 3.28
CA GLU C 52 29.30 15.14 2.05
C GLU C 52 28.28 14.02 2.31
N THR C 53 28.26 13.48 3.53
CA THR C 53 27.66 12.17 3.74
C THR C 53 26.14 12.23 3.66
N SER C 54 25.55 13.31 4.14
CA SER C 54 24.10 13.41 4.17
C SER C 54 23.68 14.87 4.09
N VAL C 55 22.50 15.06 3.49
CA VAL C 55 21.93 16.37 3.33
C VAL C 55 20.48 16.29 3.81
N LEU C 56 20.11 17.25 4.65
CA LEU C 56 18.77 17.39 5.17
C LEU C 56 18.05 18.45 4.32
N ASP C 57 17.06 18.00 3.56
CA ASP C 57 16.10 18.90 2.95
C ASP C 57 15.06 19.32 4.00
N PRO C 58 14.83 20.64 4.21
CA PRO C 58 13.80 21.11 5.17
C PRO C 58 12.42 20.43 5.07
N ASP C 59 11.95 20.20 3.84
CA ASP C 59 10.61 19.66 3.63
C ASP C 59 10.61 18.13 3.59
N GLU C 60 11.64 17.51 2.99
CA GLU C 60 11.63 16.09 2.66
C GLU C 60 12.31 15.23 3.73
N GLY C 61 13.27 15.81 4.47
CA GLY C 61 13.99 15.08 5.50
C GLY C 61 15.36 14.61 5.00
N ILE C 62 16.02 13.79 5.81
CA ILE C 62 17.41 13.43 5.57
C ILE C 62 17.52 12.54 4.33
N ARG C 63 18.59 12.77 3.56
CA ARG C 63 19.05 11.88 2.51
C ARG C 63 20.50 11.48 2.78
N PHE C 64 20.75 10.17 2.80
CA PHE C 64 22.07 9.59 2.91
C PHE C 64 22.65 9.32 1.52
N ARG C 65 23.64 10.12 1.12
CA ARG C 65 24.22 10.14 -0.23
C ARG C 65 23.15 10.13 -1.32
N GLY C 66 22.10 10.92 -1.15
CA GLY C 66 21.03 10.97 -2.15
C GLY C 66 19.81 10.10 -1.85
N PHE C 67 19.94 9.12 -0.95
CA PHE C 67 18.88 8.14 -0.76
C PHE C 67 18.02 8.49 0.46
N SER C 68 16.69 8.47 0.24
CA SER C 68 15.74 8.65 1.32
C SER C 68 15.83 7.44 2.25
N ILE C 69 15.25 7.54 3.46
CA ILE C 69 15.21 6.41 4.37
C ILE C 69 14.37 5.27 3.79
N PRO C 70 13.13 5.52 3.29
CA PRO C 70 12.39 4.50 2.56
C PRO C 70 13.17 3.72 1.50
N GLU C 71 14.00 4.41 0.71
CA GLU C 71 14.89 3.78 -0.26
C GLU C 71 15.95 2.93 0.43
N CYS C 72 16.48 3.39 1.56
CA CYS C 72 17.49 2.63 2.27
C CYS C 72 16.88 1.35 2.85
N GLN C 73 15.62 1.46 3.24
CA GLN C 73 14.93 0.32 3.79
C GLN C 73 14.69 -0.73 2.72
N LYS C 74 14.55 -0.29 1.46
CA LYS C 74 14.37 -1.19 0.34
C LYS C 74 15.72 -1.72 -0.16
N LEU C 75 16.75 -0.87 -0.21
CA LEU C 75 17.95 -1.12 -1.00
C LEU C 75 19.10 -1.70 -0.17
N LEU C 76 19.27 -1.24 1.07
CA LEU C 76 20.39 -1.72 1.89
C LEU C 76 20.15 -3.17 2.27
N PRO C 77 21.20 -4.02 2.28
CA PRO C 77 21.10 -5.38 2.81
C PRO C 77 20.52 -5.51 4.22
N LYS C 78 19.74 -6.58 4.38
CA LYS C 78 19.15 -6.97 5.65
C LYS C 78 19.93 -8.17 6.19
N ALA C 79 19.75 -8.49 7.47
CA ALA C 79 20.21 -9.78 7.98
C ALA C 79 19.40 -10.87 7.28
N LYS C 80 19.98 -12.06 7.11
CA LYS C 80 19.37 -13.08 6.27
C LYS C 80 17.92 -13.34 6.70
N GLY C 81 17.63 -13.24 8.00
CA GLY C 81 16.25 -13.43 8.44
C GLY C 81 15.47 -12.13 8.63
N GLY C 82 15.93 -11.00 8.07
CA GLY C 82 15.60 -9.67 8.61
C GLY C 82 14.77 -8.80 7.66
N GLU C 83 14.14 -7.76 8.24
CA GLU C 83 13.39 -6.75 7.48
C GLU C 83 14.13 -5.41 7.43
N GLU C 84 14.90 -5.12 8.48
CA GLU C 84 15.39 -3.77 8.75
C GLU C 84 16.83 -3.64 8.24
N PRO C 85 17.21 -2.51 7.62
CA PRO C 85 18.54 -2.38 7.01
C PRO C 85 19.66 -2.44 8.06
N LEU C 86 20.79 -3.06 7.68
CA LEU C 86 21.92 -3.19 8.59
C LEU C 86 22.72 -1.89 8.61
N PRO C 87 23.06 -1.35 9.80
CA PRO C 87 23.90 -0.16 9.87
C PRO C 87 25.25 -0.33 9.15
N GLU C 88 25.79 -1.55 9.07
CA GLU C 88 26.91 -1.80 8.16
C GLU C 88 26.65 -1.22 6.78
N GLY C 89 25.56 -1.67 6.16
CA GLY C 89 25.27 -1.24 4.80
C GLY C 89 25.18 0.27 4.68
N LEU C 90 24.64 0.92 5.72
CA LEU C 90 24.54 2.36 5.71
C LEU C 90 25.93 2.99 5.74
N PHE C 91 26.82 2.47 6.61
CA PHE C 91 28.16 3.04 6.67
C PHE C 91 28.82 2.97 5.29
N TRP C 92 28.63 1.84 4.61
CA TRP C 92 29.24 1.63 3.31
C TRP C 92 28.71 2.70 2.36
N LEU C 93 27.40 2.95 2.40
CA LEU C 93 26.84 3.96 1.52
C LEU C 93 27.47 5.32 1.80
N LEU C 94 27.62 5.65 3.09
CA LEU C 94 28.07 6.98 3.48
C LEU C 94 29.49 7.20 2.98
N VAL C 95 30.33 6.17 3.17
CA VAL C 95 31.73 6.17 2.80
C VAL C 95 31.91 6.22 1.28
N THR C 96 31.18 5.38 0.52
CA THR C 96 31.46 5.23 -0.91
C THR C 96 30.46 5.95 -1.80
N GLY C 97 29.28 6.22 -1.27
CA GLY C 97 28.21 6.79 -2.07
C GLY C 97 27.44 5.75 -2.86
N HIS C 98 27.74 4.47 -2.64
CA HIS C 98 27.15 3.39 -3.40
C HIS C 98 26.44 2.43 -2.46
N ILE C 99 25.31 1.89 -2.91
CA ILE C 99 24.61 0.86 -2.17
C ILE C 99 25.48 -0.40 -2.21
N PRO C 100 25.83 -1.02 -1.05
CA PRO C 100 26.65 -2.21 -1.05
C PRO C 100 25.88 -3.41 -1.58
N THR C 101 26.63 -4.36 -2.13
CA THR C 101 26.14 -5.72 -2.31
C THR C 101 26.06 -6.43 -0.98
N GLU C 102 25.42 -7.60 -0.97
CA GLU C 102 25.28 -8.43 0.20
C GLU C 102 26.62 -8.88 0.77
N GLU C 103 27.55 -9.22 -0.13
CA GLU C 103 28.84 -9.76 0.31
C GLU C 103 29.66 -8.66 0.99
N GLN C 104 29.57 -7.45 0.45
CA GLN C 104 30.25 -6.26 0.97
C GLN C 104 29.84 -6.01 2.42
N VAL C 105 28.52 -6.10 2.71
CA VAL C 105 28.03 -5.91 4.06
C VAL C 105 28.54 -7.05 4.94
N SER C 106 28.53 -8.27 4.40
CA SER C 106 29.01 -9.43 5.14
CA SER C 106 29.00 -9.42 5.16
C SER C 106 30.46 -9.19 5.55
N TRP C 107 31.28 -8.80 4.58
CA TRP C 107 32.67 -8.45 4.82
C TRP C 107 32.82 -7.43 5.94
N LEU C 108 31.99 -6.37 5.90
CA LEU C 108 32.10 -5.31 6.89
C LEU C 108 31.74 -5.80 8.29
N SER C 109 30.72 -6.68 8.39
CA SER C 109 30.35 -7.29 9.67
C SER C 109 31.52 -8.04 10.28
N LYS C 110 32.19 -8.85 9.48
CA LYS C 110 33.37 -9.58 9.95
C LYS C 110 34.49 -8.60 10.28
N GLU C 111 34.63 -7.56 9.46
CA GLU C 111 35.68 -6.58 9.69
C GLU C 111 35.52 -5.93 11.05
N TRP C 112 34.30 -5.48 11.38
CA TRP C 112 34.07 -4.90 12.69
C TRP C 112 34.12 -5.91 13.83
N ALA C 113 33.96 -7.21 13.54
CA ALA C 113 34.03 -8.23 14.57
C ALA C 113 35.47 -8.46 15.02
N LYS C 114 36.42 -8.43 14.07
CA LYS C 114 37.83 -8.64 14.38
C LYS C 114 38.43 -7.48 15.16
N ARG C 115 37.98 -6.26 14.86
CA ARG C 115 38.55 -5.07 15.43
C ARG C 115 37.96 -4.76 16.79
N ALA C 116 36.89 -5.49 17.19
CA ALA C 116 36.16 -5.16 18.40
C ALA C 116 36.95 -5.67 19.60
N ALA C 117 37.71 -4.77 20.21
CA ALA C 117 38.36 -5.08 21.47
C ALA C 117 38.78 -3.80 22.21
N LEU C 118 38.77 -3.89 23.55
CA LEU C 118 39.13 -2.79 24.45
C LEU C 118 40.45 -3.06 25.15
N PRO C 119 41.33 -2.05 25.31
CA PRO C 119 42.51 -2.19 26.16
C PRO C 119 42.08 -2.33 27.62
N SER C 120 42.88 -3.04 28.42
CA SER C 120 42.60 -3.19 29.84
C SER C 120 42.33 -1.84 30.52
N HIS C 121 43.10 -0.80 30.15
CA HIS C 121 43.08 0.43 30.90
C HIS C 121 41.69 1.06 30.83
N VAL C 122 41.03 0.95 29.68
CA VAL C 122 39.68 1.47 29.50
C VAL C 122 38.64 0.62 30.22
N VAL C 123 38.87 -0.70 30.29
CA VAL C 123 37.98 -1.58 31.04
C VAL C 123 38.06 -1.25 32.54
N THR C 124 39.27 -1.06 33.08
CA THR C 124 39.42 -0.67 34.47
C THR C 124 38.68 0.62 34.75
N MET C 125 38.86 1.60 33.84
CA MET C 125 38.22 2.89 33.99
C MET C 125 36.70 2.74 34.14
N LEU C 126 36.07 1.95 33.26
CA LEU C 126 34.63 1.81 33.24
C LEU C 126 34.15 1.05 34.46
N ASP C 127 34.93 0.04 34.85
CA ASP C 127 34.58 -0.79 35.99
C ASP C 127 34.75 -0.01 37.29
N ASN C 128 35.56 1.05 37.28
CA ASN C 128 35.77 1.86 38.47
C ASN C 128 34.81 3.03 38.53
N PHE C 129 34.08 3.33 37.45
CA PHE C 129 33.17 4.45 37.47
C PHE C 129 32.09 4.24 38.52
N PRO C 130 31.60 5.30 39.19
CA PRO C 130 30.48 5.19 40.12
C PRO C 130 29.11 5.25 39.43
N THR C 131 28.07 4.79 40.13
CA THR C 131 26.77 4.62 39.50
C THR C 131 26.10 5.97 39.23
N ASN C 132 26.62 7.05 39.81
CA ASN C 132 26.03 8.38 39.64
C ASN C 132 26.76 9.15 38.55
N LEU C 133 27.65 8.48 37.81
CA LEU C 133 28.24 9.16 36.67
C LEU C 133 27.42 8.77 35.45
N HIS C 134 26.80 9.77 34.82
CA HIS C 134 25.84 9.55 33.76
C HIS C 134 26.45 8.69 32.65
N PRO C 135 25.67 7.82 31.98
CA PRO C 135 26.25 6.95 30.94
C PRO C 135 26.95 7.68 29.79
N MET C 136 26.43 8.84 29.37
CA MET C 136 27.06 9.60 28.30
C MET C 136 28.42 10.11 28.72
N SER C 137 28.62 10.40 30.01
CA SER C 137 29.90 10.85 30.55
C SER C 137 30.88 9.68 30.57
N GLN C 138 30.38 8.50 30.97
CA GLN C 138 31.21 7.29 30.94
C GLN C 138 31.62 6.97 29.50
N LEU C 139 30.73 7.26 28.55
CA LEU C 139 31.01 6.93 27.19
C LEU C 139 32.11 7.85 26.63
N SER C 140 31.90 9.15 26.76
CA SER C 140 32.86 10.16 26.32
C SER C 140 34.24 9.93 26.92
N ALA C 141 34.31 9.82 28.25
CA ALA C 141 35.57 9.52 28.92
C ALA C 141 36.27 8.26 28.37
N ALA C 142 35.53 7.15 28.18
CA ALA C 142 36.12 5.91 27.69
C ALA C 142 36.66 6.08 26.26
N VAL C 143 35.88 6.73 25.38
CA VAL C 143 36.35 6.97 24.03
C VAL C 143 37.60 7.86 23.99
N THR C 144 37.68 8.85 24.87
CA THR C 144 38.83 9.76 24.94
C THR C 144 40.07 8.97 25.37
N ALA C 145 39.88 8.07 26.35
CA ALA C 145 40.99 7.27 26.84
C ALA C 145 41.37 6.16 25.85
N LEU C 146 40.51 5.89 24.86
CA LEU C 146 40.85 4.96 23.79
C LEU C 146 41.86 5.56 22.81
N ASN C 147 42.10 6.88 22.87
CA ASN C 147 42.94 7.55 21.88
C ASN C 147 44.39 7.13 22.06
N SER C 148 44.68 6.43 23.16
CA SER C 148 45.97 5.77 23.31
C SER C 148 46.17 4.72 22.22
N GLU C 149 45.09 4.32 21.54
CA GLU C 149 45.16 3.35 20.46
C GLU C 149 45.15 4.00 19.09
N SER C 150 45.18 5.34 19.03
CA SER C 150 45.01 5.99 17.73
C SER C 150 46.26 5.82 16.88
N ASN C 151 46.08 5.13 15.74
CA ASN C 151 47.08 5.07 14.67
C ASN C 151 47.38 6.48 14.18
N PHE C 152 46.34 7.27 13.93
CA PHE C 152 46.51 8.57 13.34
C PHE C 152 47.37 9.45 14.26
N ALA C 153 47.09 9.42 15.57
CA ALA C 153 47.80 10.25 16.51
C ALA C 153 49.29 9.95 16.46
N ARG C 154 49.65 8.67 16.47
CA ARG C 154 51.07 8.29 16.54
C ARG C 154 51.75 8.53 15.21
N ALA C 155 51.05 8.22 14.11
CA ALA C 155 51.56 8.49 12.78
C ALA C 155 51.81 9.99 12.60
N TYR C 156 50.88 10.82 13.09
CA TYR C 156 51.06 12.24 12.91
C TYR C 156 52.31 12.68 13.67
N ALA C 157 52.56 12.11 14.86
CA ALA C 157 53.72 12.45 15.67
C ALA C 157 55.03 12.14 14.94
N GLN C 158 55.06 11.00 14.23
CA GLN C 158 56.29 10.58 13.56
C GLN C 158 56.44 11.34 12.25
N GLY C 159 55.39 12.04 11.83
CA GLY C 159 55.45 12.84 10.63
C GLY C 159 54.90 12.05 9.46
N ILE C 160 53.91 12.63 8.80
CA ILE C 160 53.32 11.99 7.66
C ILE C 160 52.78 13.10 6.75
N SER C 161 52.75 12.79 5.45
CA SER C 161 52.22 13.68 4.45
C SER C 161 50.71 13.89 4.60
N ARG C 162 50.29 15.16 4.38
CA ARG C 162 48.90 15.56 4.26
C ARG C 162 48.06 14.56 3.46
N THR C 163 48.58 14.14 2.29
CA THR C 163 47.90 13.24 1.36
C THR C 163 47.49 11.92 2.02
N LYS C 164 48.09 11.58 3.18
CA LYS C 164 47.98 10.25 3.76
C LYS C 164 47.10 10.24 5.00
N TYR C 165 46.67 11.41 5.50
CA TYR C 165 45.88 11.44 6.73
C TYR C 165 44.70 10.49 6.69
N TRP C 166 44.01 10.43 5.55
CA TRP C 166 42.73 9.73 5.47
C TRP C 166 42.86 8.23 5.77
N GLU C 167 43.96 7.61 5.34
CA GLU C 167 44.13 6.17 5.49
C GLU C 167 44.11 5.78 6.97
N LEU C 168 44.92 6.50 7.75
CA LEU C 168 45.00 6.30 9.19
C LEU C 168 43.68 6.67 9.87
N ILE C 169 43.02 7.74 9.39
CA ILE C 169 41.73 8.14 9.92
C ILE C 169 40.72 7.00 9.67
N TYR C 170 40.77 6.43 8.46
CA TYR C 170 39.95 5.26 8.16
C TYR C 170 40.14 4.16 9.20
N GLU C 171 41.40 3.81 9.53
CA GLU C 171 41.67 2.66 10.37
C GLU C 171 41.19 2.94 11.80
N ASP C 172 41.40 4.18 12.25
CA ASP C 172 40.95 4.55 13.59
C ASP C 172 39.43 4.57 13.67
N SER C 173 38.77 5.01 12.57
CA SER C 173 37.32 5.13 12.53
C SER C 173 36.68 3.74 12.53
N MET C 174 37.29 2.80 11.79
CA MET C 174 36.82 1.43 11.72
C MET C 174 37.00 0.76 13.08
N ASP C 175 38.14 1.02 13.73
CA ASP C 175 38.41 0.47 15.05
C ASP C 175 37.41 1.00 16.07
N LEU C 176 37.14 2.31 16.02
CA LEU C 176 36.25 2.93 17.00
C LEU C 176 34.83 2.42 16.82
N ILE C 177 34.36 2.36 15.57
CA ILE C 177 33.05 1.82 15.31
C ILE C 177 32.93 0.39 15.83
N ALA C 178 33.96 -0.43 15.64
CA ALA C 178 33.90 -1.81 16.08
C ALA C 178 33.83 -1.89 17.61
N LYS C 179 34.56 -0.99 18.30
CA LYS C 179 34.69 -1.00 19.75
C LYS C 179 33.46 -0.42 20.45
N LEU C 180 32.64 0.36 19.76
CA LEU C 180 31.70 1.21 20.47
C LEU C 180 30.67 0.36 21.23
N PRO C 181 30.05 -0.69 20.62
CA PRO C 181 29.13 -1.59 21.32
C PRO C 181 29.73 -2.23 22.58
N CYS C 182 31.01 -2.62 22.52
CA CYS C 182 31.71 -3.13 23.69
C CYS C 182 31.71 -2.12 24.84
N VAL C 183 32.14 -0.88 24.54
CA VAL C 183 32.10 0.21 25.51
C VAL C 183 30.66 0.40 26.02
N ALA C 184 29.73 0.62 25.09
CA ALA C 184 28.35 0.95 25.42
C ALA C 184 27.71 -0.15 26.26
N ALA C 185 28.06 -1.42 25.99
CA ALA C 185 27.43 -2.56 26.64
C ALA C 185 28.08 -2.78 28.00
N LYS C 186 29.36 -2.45 28.11
CA LYS C 186 29.99 -2.50 29.42
C LYS C 186 29.34 -1.45 30.35
N ILE C 187 28.94 -0.28 29.81
CA ILE C 187 28.37 0.78 30.63
C ILE C 187 27.04 0.29 31.18
N TYR C 188 26.23 -0.27 30.26
CA TYR C 188 24.87 -0.69 30.54
C TYR C 188 24.88 -1.74 31.65
N ARG C 189 25.71 -2.77 31.44
CA ARG C 189 25.76 -3.88 32.36
C ARG C 189 26.29 -3.46 33.72
N ASN C 190 27.28 -2.56 33.76
CA ASN C 190 27.85 -2.08 35.00
C ASN C 190 26.80 -1.29 35.78
N LEU C 191 25.99 -0.48 35.07
CA LEU C 191 25.01 0.36 35.72
C LEU C 191 23.75 -0.41 36.08
N TYR C 192 23.29 -1.28 35.15
CA TYR C 192 21.93 -1.88 35.30
C TYR C 192 21.85 -3.41 35.27
N ARG C 193 22.97 -4.10 35.03
CA ARG C 193 22.95 -5.58 34.93
C ARG C 193 23.95 -6.15 35.95
N GLU C 194 24.21 -5.36 36.99
CA GLU C 194 25.15 -5.72 38.10
C GLU C 194 26.48 -6.26 37.55
N GLY C 195 27.13 -5.50 36.68
CA GLY C 195 28.44 -5.83 36.11
C GLY C 195 28.50 -7.22 35.51
N SER C 196 27.34 -7.79 35.12
CA SER C 196 27.34 -9.09 34.43
C SER C 196 28.36 -9.12 33.29
N GLY C 197 29.05 -10.25 33.09
CA GLY C 197 30.00 -10.34 32.00
C GLY C 197 29.33 -10.12 30.64
N ILE C 198 29.77 -9.07 29.93
CA ILE C 198 29.09 -8.56 28.74
C ILE C 198 29.08 -9.62 27.64
N GLY C 199 30.14 -10.45 27.60
CA GLY C 199 30.17 -11.61 26.75
C GLY C 199 30.96 -11.35 25.46
N ALA C 200 30.95 -12.36 24.59
CA ALA C 200 31.85 -12.41 23.46
C ALA C 200 31.15 -11.89 22.21
N ILE C 201 31.96 -11.43 21.27
CA ILE C 201 31.52 -11.13 19.93
C ILE C 201 31.41 -12.45 19.18
N ASP C 202 30.38 -12.57 18.35
CA ASP C 202 30.22 -13.70 17.44
C ASP C 202 30.53 -13.20 16.04
N SER C 203 31.62 -13.71 15.43
CA SER C 203 32.12 -13.15 14.19
C SER C 203 31.23 -13.41 12.97
N ASN C 204 30.16 -14.20 13.11
CA ASN C 204 29.27 -14.42 11.98
C ASN C 204 28.04 -13.53 12.10
N LEU C 205 27.85 -12.94 13.29
CA LEU C 205 26.75 -12.02 13.54
C LEU C 205 27.09 -10.60 13.11
N ASP C 206 26.05 -9.85 12.74
CA ASP C 206 26.21 -8.44 12.39
C ASP C 206 26.35 -7.63 13.68
N TRP C 207 26.87 -6.40 13.52
CA TRP C 207 27.23 -5.45 14.57
C TRP C 207 26.09 -5.23 15.58
N SER C 208 24.91 -4.85 15.09
CA SER C 208 23.76 -4.62 15.96
C SER C 208 23.42 -5.88 16.78
N HIS C 209 23.58 -7.07 16.20
CA HIS C 209 23.15 -8.29 16.89
C HIS C 209 24.10 -8.59 18.05
N ASN C 210 25.40 -8.44 17.80
CA ASN C 210 26.38 -8.62 18.86
C ASN C 210 26.13 -7.57 19.95
N PHE C 211 25.63 -6.40 19.55
CA PHE C 211 25.32 -5.33 20.49
C PHE C 211 24.16 -5.75 21.40
N THR C 212 23.01 -6.11 20.82
CA THR C 212 21.84 -6.48 21.62
C THR C 212 22.12 -7.71 22.49
N ASN C 213 22.94 -8.64 22.00
CA ASN C 213 23.42 -9.73 22.84
C ASN C 213 24.19 -9.19 24.03
N MET C 214 25.17 -8.31 23.77
CA MET C 214 26.05 -7.89 24.83
C MET C 214 25.27 -7.06 25.84
N LEU C 215 24.17 -6.43 25.41
CA LEU C 215 23.28 -5.72 26.32
C LEU C 215 22.47 -6.69 27.17
N GLY C 216 22.26 -7.91 26.66
CA GLY C 216 21.50 -8.92 27.35
C GLY C 216 20.06 -9.00 26.85
N TYR C 217 19.88 -8.62 25.59
CA TYR C 217 18.54 -8.72 24.97
C TYR C 217 18.56 -9.91 23.96
N THR C 218 17.41 -10.55 23.72
CA THR C 218 17.38 -11.73 22.82
C THR C 218 16.32 -11.54 21.75
N ASP C 219 15.19 -10.90 22.08
CA ASP C 219 14.08 -10.78 21.10
C ASP C 219 14.65 -10.36 19.74
N HIS C 220 14.61 -11.26 18.76
CA HIS C 220 15.04 -10.88 17.39
C HIS C 220 14.40 -9.54 17.02
N GLN C 221 13.22 -9.25 17.57
CA GLN C 221 12.53 -8.02 17.20
C GLN C 221 13.23 -6.78 17.78
N PHE C 222 13.82 -6.92 18.96
CA PHE C 222 14.62 -5.86 19.51
C PHE C 222 15.88 -5.69 18.67
N THR C 223 16.39 -6.83 18.16
CA THR C 223 17.56 -6.76 17.29
C THR C 223 17.18 -6.00 16.02
N GLU C 224 16.01 -6.31 15.45
CA GLU C 224 15.53 -5.60 14.27
C GLU C 224 15.36 -4.11 14.59
N LEU C 225 14.80 -3.80 15.75
CA LEU C 225 14.58 -2.41 16.14
C LEU C 225 15.93 -1.70 16.18
N THR C 226 16.90 -2.38 16.78
CA THR C 226 18.23 -1.86 16.99
C THR C 226 18.91 -1.62 15.63
N ARG C 227 18.74 -2.57 14.70
CA ARG C 227 19.25 -2.39 13.35
C ARG C 227 18.64 -1.13 12.74
N LEU C 228 17.32 -0.96 12.87
CA LEU C 228 16.66 0.20 12.28
C LEU C 228 17.10 1.51 12.96
N TYR C 229 17.13 1.49 14.30
CA TYR C 229 17.52 2.64 15.10
C TYR C 229 18.95 3.06 14.76
N LEU C 230 19.91 2.14 14.80
CA LEU C 230 21.29 2.53 14.53
C LEU C 230 21.43 3.01 13.08
N THR C 231 20.55 2.56 12.17
CA THR C 231 20.62 3.03 10.80
C THR C 231 20.15 4.48 10.68
N ILE C 232 18.99 4.82 11.25
CA ILE C 232 18.37 6.11 11.01
C ILE C 232 18.96 7.23 11.90
N HIS C 233 19.61 6.91 13.01
CA HIS C 233 20.21 7.94 13.84
C HIS C 233 21.63 8.26 13.35
N SER C 234 22.07 7.58 12.28
CA SER C 234 23.47 7.56 11.89
C SER C 234 24.04 8.95 11.60
N ASP C 235 23.23 9.74 10.90
CA ASP C 235 23.73 11.03 10.40
C ASP C 235 22.55 11.97 10.15
N HIS C 236 22.78 13.28 10.25
CA HIS C 236 21.72 14.29 9.99
C HIS C 236 22.40 15.59 9.51
N GLU C 237 23.11 15.51 8.39
CA GLU C 237 23.88 16.65 7.82
C GLU C 237 24.97 17.10 8.81
N GLY C 238 25.67 18.18 8.50
CA GLY C 238 26.82 18.52 9.36
C GLY C 238 26.59 19.57 10.42
N GLY C 239 25.44 20.22 10.39
CA GLY C 239 25.21 21.35 11.30
C GLY C 239 24.59 20.96 12.62
N ASN C 240 24.16 19.72 12.76
CA ASN C 240 23.68 19.29 14.09
C ASN C 240 24.89 19.42 15.00
N VAL C 241 24.66 19.56 16.29
CA VAL C 241 25.77 19.88 17.20
C VAL C 241 26.81 18.75 17.22
N SER C 242 26.37 17.51 17.29
CA SER C 242 27.29 16.38 17.47
C SER C 242 28.14 16.22 16.20
N ALA C 243 27.51 16.36 15.03
CA ALA C 243 28.22 16.28 13.78
C ALA C 243 29.17 17.45 13.61
N HIS C 244 28.67 18.68 13.82
CA HIS C 244 29.48 19.88 13.77
C HIS C 244 30.69 19.78 14.72
N THR C 245 30.46 19.31 15.94
CA THR C 245 31.52 19.22 16.92
C THR C 245 32.62 18.30 16.39
N SER C 246 32.21 17.13 15.90
CA SER C 246 33.14 16.13 15.37
C SER C 246 33.96 16.78 14.25
N HIS C 247 33.26 17.50 13.37
CA HIS C 247 33.90 18.15 12.24
C HIS C 247 34.93 19.20 12.69
N LEU C 248 34.54 20.05 13.64
CA LEU C 248 35.32 21.20 14.08
C LEU C 248 36.57 20.73 14.81
N VAL C 249 36.40 19.75 15.68
CA VAL C 249 37.50 19.20 16.44
C VAL C 249 38.44 18.45 15.50
N GLY C 250 37.83 17.64 14.63
CA GLY C 250 38.58 16.91 13.63
C GLY C 250 39.39 17.82 12.71
N SER C 251 38.86 19.02 12.42
CA SER C 251 39.56 19.92 11.50
C SER C 251 40.91 20.40 12.06
N ALA C 252 41.15 20.24 13.39
CA ALA C 252 42.43 20.54 14.02
C ALA C 252 43.36 19.33 13.96
N LEU C 253 42.90 18.24 13.31
CA LEU C 253 43.61 16.96 13.12
C LEU C 253 43.67 16.17 14.43
N SER C 254 42.79 16.50 15.37
CA SER C 254 42.52 15.63 16.49
C SER C 254 42.01 14.28 15.96
N ASP C 255 42.44 13.21 16.58
CA ASP C 255 42.17 11.89 16.03
C ASP C 255 40.67 11.59 16.16
N PRO C 256 40.15 10.57 15.45
CA PRO C 256 38.74 10.18 15.54
C PRO C 256 38.24 9.91 16.95
N TYR C 257 39.08 9.33 17.82
CA TYR C 257 38.61 9.09 19.17
C TYR C 257 38.30 10.41 19.89
N LEU C 258 39.23 11.37 19.81
CA LEU C 258 39.04 12.67 20.44
C LEU C 258 37.84 13.35 19.79
N SER C 259 37.75 13.26 18.46
CA SER C 259 36.74 13.95 17.65
C SER C 259 35.33 13.49 18.00
N PHE C 260 35.20 12.17 18.09
CA PHE C 260 33.95 11.53 18.46
C PHE C 260 33.60 11.80 19.94
N ALA C 261 34.56 11.69 20.86
CA ALA C 261 34.24 11.92 22.26
C ALA C 261 33.72 13.33 22.49
N ALA C 262 34.25 14.29 21.73
CA ALA C 262 33.82 15.67 21.85
C ALA C 262 32.39 15.79 21.34
N ALA C 263 32.08 15.04 20.28
CA ALA C 263 30.74 14.98 19.70
C ALA C 263 29.75 14.41 20.70
N MET C 264 30.17 13.44 21.51
CA MET C 264 29.29 12.86 22.51
C MET C 264 29.01 13.89 23.62
N ASN C 265 29.98 14.75 23.94
CA ASN C 265 29.73 15.79 24.95
C ASN C 265 28.67 16.76 24.42
N GLY C 266 28.60 16.95 23.10
CA GLY C 266 27.53 17.77 22.54
C GLY C 266 26.18 17.03 22.49
N LEU C 267 26.22 15.78 22.06
CA LEU C 267 25.03 14.93 22.02
C LEU C 267 24.39 14.82 23.40
N ALA C 268 25.21 14.77 24.48
CA ALA C 268 24.70 14.74 25.84
C ALA C 268 23.91 15.99 26.23
N GLY C 269 23.95 17.09 25.44
CA GLY C 269 23.24 18.31 25.78
C GLY C 269 21.72 18.12 25.76
N PRO C 270 20.97 18.66 26.74
CA PRO C 270 19.50 18.59 26.67
C PRO C 270 18.85 19.04 25.36
N LEU C 271 19.45 19.97 24.62
CA LEU C 271 18.81 20.49 23.40
C LEU C 271 19.19 19.65 22.19
N HIS C 272 19.95 18.59 22.45
CA HIS C 272 20.34 17.65 21.37
C HIS C 272 19.86 16.24 21.67
N GLY C 273 20.72 15.37 22.17
CA GLY C 273 20.41 13.94 22.23
C GLY C 273 19.67 13.51 23.49
N LEU C 274 19.50 14.41 24.46
CA LEU C 274 18.79 14.09 25.69
C LEU C 274 17.28 14.29 25.54
N ALA C 275 16.79 14.55 24.31
CA ALA C 275 15.38 14.85 24.09
C ALA C 275 14.47 13.62 24.15
N ASN C 276 14.95 12.46 23.68
CA ASN C 276 14.20 11.22 23.76
C ASN C 276 13.60 11.07 25.18
N GLN C 277 14.40 11.37 26.21
CA GLN C 277 14.03 11.14 27.60
C GLN C 277 12.96 12.12 28.08
N GLU C 278 13.03 13.37 27.60
CA GLU C 278 12.09 14.38 28.07
C GLU C 278 10.71 14.01 27.54
N VAL C 279 10.67 13.53 26.31
CA VAL C 279 9.42 13.10 25.69
C VAL C 279 8.79 12.03 26.57
N LEU C 280 9.57 11.00 26.89
CA LEU C 280 9.04 9.86 27.62
C LEU C 280 8.60 10.26 29.03
N VAL C 281 9.36 11.11 29.73
CA VAL C 281 8.93 11.58 31.04
C VAL C 281 7.59 12.32 30.88
N TRP C 282 7.47 13.15 29.84
CA TRP C 282 6.26 13.93 29.62
C TRP C 282 5.03 13.06 29.37
N LEU C 283 5.19 12.04 28.52
CA LEU C 283 4.09 11.16 28.15
C LEU C 283 3.63 10.39 29.39
N THR C 284 4.61 9.91 30.16
CA THR C 284 4.35 9.15 31.37
C THR C 284 3.42 9.93 32.28
N GLN C 285 3.78 11.19 32.52
CA GLN C 285 2.96 12.10 33.31
C GLN C 285 1.58 12.22 32.65
N LEU C 286 1.57 12.56 31.37
CA LEU C 286 0.33 12.77 30.64
C LEU C 286 -0.62 11.56 30.77
N GLN C 287 -0.09 10.33 30.77
CA GLN C 287 -0.93 9.14 30.93
C GLN C 287 -1.48 9.06 32.34
N LYS C 288 -0.77 9.70 33.27
CA LYS C 288 -1.17 9.71 34.67
C LYS C 288 -2.24 10.78 34.88
N GLU C 289 -2.08 11.94 34.24
CA GLU C 289 -2.95 13.09 34.46
C GLU C 289 -4.28 12.94 33.70
N VAL C 290 -4.26 12.25 32.56
CA VAL C 290 -5.47 12.05 31.77
C VAL C 290 -5.82 10.57 31.67
N GLY C 291 -5.18 9.74 32.49
CA GLY C 291 -5.45 8.31 32.49
C GLY C 291 -4.94 7.62 31.23
N LYS C 292 -4.92 6.28 31.29
CA LYS C 292 -4.28 5.44 30.28
C LYS C 292 -5.23 5.21 29.11
N ASP C 293 -6.43 5.78 29.17
CA ASP C 293 -7.37 5.80 28.06
C ASP C 293 -8.01 7.19 27.99
N VAL C 294 -7.80 7.91 26.88
CA VAL C 294 -8.20 9.31 26.82
C VAL C 294 -8.79 9.60 25.45
N SER C 295 -9.65 10.63 25.40
CA SER C 295 -10.39 11.00 24.20
C SER C 295 -9.64 12.06 23.39
N ASP C 296 -9.81 12.00 22.06
CA ASP C 296 -9.24 13.01 21.18
C ASP C 296 -9.62 14.38 21.73
N GLU C 297 -10.86 14.47 22.18
CA GLU C 297 -11.43 15.66 22.80
C GLU C 297 -10.59 16.11 24.00
N LYS C 298 -10.40 15.22 24.99
CA LYS C 298 -9.78 15.61 26.24
C LYS C 298 -8.27 15.77 26.07
N LEU C 299 -7.69 15.06 25.10
CA LEU C 299 -6.25 15.17 24.85
C LEU C 299 -5.97 16.52 24.21
N ARG C 300 -6.72 16.85 23.15
CA ARG C 300 -6.58 18.13 22.50
C ARG C 300 -6.72 19.25 23.53
N ASP C 301 -7.63 19.06 24.50
CA ASP C 301 -7.75 19.94 25.65
C ASP C 301 -6.40 20.08 26.37
N TYR C 302 -5.77 18.94 26.69
CA TYR C 302 -4.54 18.93 27.47
C TYR C 302 -3.40 19.63 26.72
N ILE C 303 -3.44 19.63 25.37
CA ILE C 303 -2.38 20.25 24.59
C ILE C 303 -2.49 21.77 24.74
N TRP C 304 -3.71 22.30 24.53
CA TRP C 304 -3.97 23.73 24.57
C TRP C 304 -3.59 24.33 25.92
N ASN C 305 -3.73 23.56 27.00
CA ASN C 305 -3.26 24.00 28.31
C ASN C 305 -1.76 24.22 28.26
N THR C 306 -1.02 23.18 27.84
CA THR C 306 0.42 23.13 27.98
C THR C 306 1.07 24.22 27.11
N LEU C 307 0.32 24.76 26.16
CA LEU C 307 0.77 25.89 25.35
C LEU C 307 0.46 27.20 26.06
N ASN C 308 -0.75 27.33 26.61
CA ASN C 308 -1.14 28.50 27.40
C ASN C 308 -0.31 28.57 28.68
N SER C 309 0.23 27.41 29.09
CA SER C 309 1.19 27.32 30.18
C SER C 309 2.47 28.07 29.83
N GLY C 310 2.82 28.08 28.53
CA GLY C 310 4.03 28.69 28.03
C GLY C 310 5.08 27.65 27.62
N ARG C 311 4.74 26.37 27.87
CA ARG C 311 5.61 25.24 27.63
C ARG C 311 5.31 24.61 26.26
N VAL C 312 6.28 23.83 25.75
CA VAL C 312 6.25 23.30 24.39
C VAL C 312 6.04 21.79 24.45
N VAL C 313 5.32 21.26 23.45
CA VAL C 313 5.10 19.82 23.35
C VAL C 313 6.41 19.17 22.91
N PRO C 314 7.06 18.35 23.75
CA PRO C 314 8.36 17.78 23.40
C PRO C 314 8.26 16.80 22.24
N GLY C 315 9.36 16.73 21.48
CA GLY C 315 9.48 15.88 20.31
C GLY C 315 8.82 16.48 19.07
N TYR C 316 8.30 17.71 19.20
CA TYR C 316 7.76 18.43 18.05
C TYR C 316 8.63 19.65 17.75
N GLY C 317 8.73 20.00 16.46
CA GLY C 317 9.56 21.11 16.01
C GLY C 317 11.02 20.67 15.84
N HIS C 318 11.83 21.57 15.28
CA HIS C 318 13.24 21.27 14.91
C HIS C 318 13.90 22.51 14.30
N ALA C 319 15.22 22.60 14.40
CA ALA C 319 15.94 23.76 13.91
C ALA C 319 15.81 23.90 12.39
N VAL C 320 15.72 22.80 11.61
CA VAL C 320 15.71 22.90 10.15
C VAL C 320 14.58 22.10 9.50
N LEU C 321 14.22 20.94 10.04
CA LEU C 321 13.06 20.21 9.54
C LEU C 321 11.84 21.12 9.59
N ARG C 322 11.06 21.16 8.49
CA ARG C 322 9.79 21.89 8.45
C ARG C 322 8.61 20.94 8.20
N LYS C 323 8.85 19.62 8.24
CA LYS C 323 7.81 18.62 8.06
C LYS C 323 8.10 17.43 8.96
N THR C 324 7.12 16.53 9.08
CA THR C 324 7.27 15.28 9.80
C THR C 324 8.60 14.63 9.42
N ASP C 325 9.30 14.15 10.45
CA ASP C 325 10.63 13.62 10.27
C ASP C 325 10.50 12.18 9.80
N PRO C 326 11.11 11.79 8.65
CA PRO C 326 11.05 10.42 8.17
C PRO C 326 11.62 9.41 9.17
N ARG C 327 12.43 9.90 10.13
CA ARG C 327 12.92 9.07 11.22
C ARG C 327 11.81 8.75 12.21
N TYR C 328 10.87 9.70 12.40
CA TYR C 328 9.65 9.44 13.15
C TYR C 328 8.80 8.42 12.38
N THR C 329 8.62 8.67 11.07
CA THR C 329 7.73 7.86 10.27
C THR C 329 8.11 6.39 10.41
N CYS C 330 9.41 6.10 10.25
CA CYS C 330 9.84 4.72 10.12
C CYS C 330 9.75 4.02 11.48
N GLN C 331 9.85 4.78 12.57
CA GLN C 331 9.57 4.19 13.88
C GLN C 331 8.06 3.94 14.04
N ARG C 332 7.24 4.79 13.41
CA ARG C 332 5.80 4.63 13.50
C ARG C 332 5.44 3.30 12.83
N GLU C 333 5.94 3.11 11.59
CA GLU C 333 5.65 1.92 10.80
C GLU C 333 6.02 0.66 11.56
N PHE C 334 7.18 0.68 12.22
CA PHE C 334 7.68 -0.43 13.02
C PHE C 334 6.74 -0.75 14.18
N ALA C 335 6.31 0.29 14.91
CA ALA C 335 5.37 0.09 16.00
C ALA C 335 4.07 -0.56 15.51
N LEU C 336 3.47 -0.02 14.44
CA LEU C 336 2.14 -0.47 14.06
C LEU C 336 2.23 -1.77 13.26
N LYS C 337 3.45 -2.27 13.08
CA LYS C 337 3.69 -3.62 12.59
C LYS C 337 3.82 -4.59 13.77
N HIS C 338 4.51 -4.17 14.84
CA HIS C 338 5.08 -5.08 15.83
C HIS C 338 4.46 -4.93 17.21
N LEU C 339 3.85 -3.76 17.51
CA LEU C 339 3.27 -3.55 18.83
C LEU C 339 2.15 -2.53 18.79
N PRO C 340 1.20 -2.61 17.83
CA PRO C 340 0.18 -1.57 17.67
C PRO C 340 -0.74 -1.35 18.87
N ASN C 341 -0.72 -2.26 19.87
CA ASN C 341 -1.64 -2.17 21.00
C ASN C 341 -0.90 -1.92 22.31
N ASP C 342 0.30 -1.32 22.25
CA ASP C 342 0.98 -0.84 23.43
C ASP C 342 0.31 0.47 23.84
N PRO C 343 -0.20 0.61 25.09
CA PRO C 343 -0.80 1.87 25.54
C PRO C 343 0.07 3.07 25.19
N MET C 344 1.35 3.04 25.61
CA MET C 344 2.25 4.16 25.41
C MET C 344 2.35 4.47 23.92
N PHE C 345 2.46 3.44 23.06
CA PHE C 345 2.48 3.70 21.62
C PHE C 345 1.19 4.37 21.17
N LYS C 346 0.03 3.91 21.66
CA LYS C 346 -1.24 4.41 21.13
C LYS C 346 -1.41 5.87 21.53
N LEU C 347 -0.87 6.29 22.68
CA LEU C 347 -0.85 7.69 23.06
C LEU C 347 -0.01 8.53 22.09
N VAL C 348 1.22 8.08 21.83
CA VAL C 348 2.08 8.72 20.84
C VAL C 348 1.35 8.80 19.51
N ALA C 349 0.55 7.77 19.21
CA ALA C 349 -0.18 7.67 17.96
C ALA C 349 -1.36 8.64 17.96
N GLN C 350 -1.91 8.93 19.14
CA GLN C 350 -2.98 9.90 19.29
C GLN C 350 -2.42 11.31 19.12
N LEU C 351 -1.22 11.55 19.66
CA LEU C 351 -0.56 12.84 19.56
C LEU C 351 -0.31 13.20 18.09
N TYR C 352 0.10 12.21 17.29
CA TYR C 352 0.36 12.41 15.86
C TYR C 352 -0.86 13.00 15.14
N LYS C 353 -2.04 12.60 15.57
CA LYS C 353 -3.27 13.05 14.86
C LYS C 353 -3.74 14.40 15.38
N ILE C 354 -3.49 14.70 16.66
CA ILE C 354 -4.03 15.96 17.24
C ILE C 354 -2.99 17.09 17.22
N VAL C 355 -1.79 16.85 17.78
CA VAL C 355 -0.81 17.95 18.00
C VAL C 355 -0.49 18.70 16.68
N PRO C 356 -0.21 18.01 15.55
CA PRO C 356 0.01 18.74 14.31
C PRO C 356 -0.90 19.95 14.09
N ASN C 357 -2.19 19.71 13.96
CA ASN C 357 -3.16 20.81 13.67
C ASN C 357 -3.13 21.86 14.78
N VAL C 358 -2.99 21.44 16.04
CA VAL C 358 -2.87 22.39 17.17
C VAL C 358 -1.59 23.23 17.01
N LEU C 359 -0.43 22.66 16.83
CA LEU C 359 0.73 23.60 16.79
C LEU C 359 0.48 24.68 15.71
N LEU C 360 -0.24 24.35 14.64
CA LEU C 360 -0.50 25.27 13.50
C LEU C 360 -1.31 26.50 13.95
N GLU C 361 -2.47 26.28 14.58
CA GLU C 361 -3.33 27.42 15.01
C GLU C 361 -2.53 28.39 15.88
N GLN C 362 -1.82 27.87 16.88
CA GLN C 362 -1.08 28.71 17.80
C GLN C 362 -0.10 29.60 17.03
N GLY C 363 0.35 29.16 15.85
CA GLY C 363 1.08 30.01 14.92
C GLY C 363 2.58 30.07 15.25
N LYS C 364 2.93 29.91 16.51
CA LYS C 364 4.34 30.09 16.96
C LYS C 364 5.35 29.09 16.35
N ALA C 365 5.00 27.82 16.17
CA ALA C 365 6.01 26.84 15.70
C ALA C 365 6.17 26.87 14.17
N LYS C 366 7.38 27.08 13.67
CA LYS C 366 7.63 27.04 12.20
C LYS C 366 7.42 25.62 11.72
N ASN C 367 7.92 24.66 12.48
CA ASN C 367 7.74 23.24 12.26
C ASN C 367 6.72 22.70 13.27
N PRO C 368 5.48 22.39 12.85
CA PRO C 368 4.47 21.79 13.74
C PRO C 368 4.48 20.26 13.87
N TRP C 369 5.46 19.59 13.25
CA TRP C 369 5.42 18.16 13.00
C TRP C 369 6.43 17.43 13.89
N PRO C 370 6.23 16.12 14.19
CA PRO C 370 7.08 15.41 15.13
C PRO C 370 8.48 15.17 14.55
N ASN C 371 9.43 14.98 15.46
CA ASN C 371 10.78 14.64 15.07
C ASN C 371 11.07 13.30 15.72
N VAL C 372 12.28 12.76 15.45
CA VAL C 372 12.59 11.38 15.78
C VAL C 372 12.34 11.09 17.25
N ASP C 373 12.59 12.10 18.11
CA ASP C 373 12.64 11.94 19.56
C ASP C 373 11.23 11.74 20.12
N ALA C 374 10.22 12.06 19.32
CA ALA C 374 8.83 11.83 19.71
C ALA C 374 8.49 10.34 19.85
N HIS C 375 9.25 9.46 19.19
CA HIS C 375 8.83 8.08 19.03
C HIS C 375 9.79 7.08 19.70
N SER C 376 11.08 7.44 19.83
CA SER C 376 12.10 6.45 20.13
C SER C 376 11.93 5.78 21.50
N GLY C 377 11.54 6.52 22.54
CA GLY C 377 11.53 6.01 23.91
C GLY C 377 10.45 4.95 24.16
N VAL C 378 9.27 5.10 23.54
CA VAL C 378 8.18 4.17 23.81
C VAL C 378 8.55 2.79 23.25
N LEU C 379 9.34 2.78 22.17
CA LEU C 379 9.84 1.56 21.54
C LEU C 379 10.87 0.89 22.45
N LEU C 380 11.86 1.67 22.90
CA LEU C 380 12.87 1.12 23.77
C LEU C 380 12.22 0.61 25.06
N GLN C 381 11.32 1.40 25.65
CA GLN C 381 10.68 0.97 26.88
C GLN C 381 9.92 -0.35 26.64
N TYR C 382 9.28 -0.47 25.47
CA TYR C 382 8.45 -1.64 25.20
C TYR C 382 9.25 -2.94 25.20
N TYR C 383 10.51 -2.89 24.73
CA TYR C 383 11.37 -4.07 24.68
C TYR C 383 12.14 -4.24 25.98
N GLY C 384 11.87 -3.40 26.98
CA GLY C 384 12.34 -3.60 28.34
C GLY C 384 13.57 -2.75 28.68
N MET C 385 13.92 -1.89 27.73
CA MET C 385 15.01 -0.93 27.86
C MET C 385 14.44 0.32 28.56
N THR C 386 14.45 0.26 29.90
CA THR C 386 13.73 1.18 30.76
C THR C 386 14.66 2.21 31.43
N GLU C 387 15.97 2.09 31.23
CA GLU C 387 16.93 3.00 31.83
C GLU C 387 17.06 4.24 30.93
N MET C 388 16.20 5.24 31.16
CA MET C 388 16.08 6.38 30.28
C MET C 388 17.39 7.13 30.16
N ASN C 389 18.26 7.12 31.19
CA ASN C 389 19.48 7.89 31.04
C ASN C 389 20.40 7.28 30.00
N TYR C 390 20.15 6.01 29.62
CA TYR C 390 21.06 5.30 28.74
C TYR C 390 20.71 5.59 27.28
N TYR C 391 19.50 6.10 27.04
CA TYR C 391 18.98 6.13 25.68
C TYR C 391 19.98 6.86 24.79
N THR C 392 20.59 7.92 25.31
CA THR C 392 21.41 8.73 24.44
C THR C 392 22.65 7.94 24.02
N VAL C 393 23.04 6.94 24.82
CA VAL C 393 24.19 6.15 24.40
C VAL C 393 23.95 5.42 23.07
N LEU C 394 22.75 4.83 22.88
CA LEU C 394 22.36 4.22 21.61
C LEU C 394 22.51 5.23 20.46
N PHE C 395 22.03 6.47 20.68
CA PHE C 395 22.12 7.55 19.70
C PHE C 395 23.59 7.78 19.36
N GLY C 396 24.44 7.78 20.38
CA GLY C 396 25.86 8.02 20.19
C GLY C 396 26.51 6.96 19.31
N VAL C 397 26.22 5.68 19.59
CA VAL C 397 26.78 4.56 18.82
C VAL C 397 26.36 4.69 17.37
N SER C 398 25.11 5.09 17.13
CA SER C 398 24.61 5.27 15.78
C SER C 398 25.36 6.36 15.03
N ARG C 399 25.42 7.53 15.67
CA ARG C 399 25.90 8.78 15.08
C ARG C 399 27.39 8.63 14.75
N ALA C 400 28.11 7.72 15.41
CA ALA C 400 29.49 7.47 15.03
C ALA C 400 29.60 7.10 13.56
N LEU C 401 28.59 6.40 13.02
CA LEU C 401 28.66 5.91 11.66
C LEU C 401 28.73 7.12 10.73
N GLY C 402 27.90 8.13 10.97
CA GLY C 402 27.85 9.26 10.08
C GLY C 402 29.07 10.18 10.21
N VAL C 403 29.41 10.58 11.45
CA VAL C 403 30.44 11.59 11.63
C VAL C 403 31.81 11.02 11.26
N LEU C 404 32.05 9.73 11.49
CA LEU C 404 33.33 9.12 11.13
C LEU C 404 33.43 8.91 9.62
N ALA C 405 32.32 8.53 8.98
CA ALA C 405 32.26 8.50 7.52
C ALA C 405 32.66 9.87 6.97
N GLN C 406 32.08 10.96 7.50
CA GLN C 406 32.49 12.26 6.99
C GLN C 406 33.92 12.61 7.39
N LEU C 407 34.37 12.21 8.60
CA LEU C 407 35.71 12.60 9.03
C LEU C 407 36.78 12.08 8.04
N ILE C 408 36.55 10.86 7.55
CA ILE C 408 37.46 10.25 6.57
C ILE C 408 37.54 11.13 5.33
N TRP C 409 36.38 11.59 4.88
CA TRP C 409 36.29 12.40 3.69
C TRP C 409 36.91 13.78 3.88
N SER C 410 36.58 14.45 5.00
CA SER C 410 37.16 15.73 5.37
C SER C 410 38.69 15.69 5.29
N ARG C 411 39.33 14.65 5.84
CA ARG C 411 40.77 14.55 5.74
C ARG C 411 41.26 14.15 4.36
N ALA C 412 40.53 13.27 3.67
CA ALA C 412 40.84 12.89 2.29
C ALA C 412 40.83 14.10 1.38
N LEU C 413 39.87 15.01 1.60
CA LEU C 413 39.74 16.19 0.75
C LEU C 413 40.53 17.39 1.26
N GLY C 414 41.35 17.24 2.31
CA GLY C 414 42.19 18.31 2.82
C GLY C 414 41.40 19.51 3.37
N PHE C 415 40.18 19.29 3.90
CA PHE C 415 39.44 20.38 4.55
C PHE C 415 40.30 20.94 5.67
N PRO C 416 40.47 22.28 5.80
CA PRO C 416 41.39 22.83 6.80
C PRO C 416 40.67 23.17 8.11
N LEU C 417 41.45 23.73 9.04
CA LEU C 417 40.95 24.24 10.31
C LEU C 417 39.65 25.03 10.14
N GLU C 418 38.62 24.61 10.86
CA GLU C 418 37.39 25.38 10.95
C GLU C 418 37.64 26.51 11.93
N ARG C 419 37.54 27.74 11.45
CA ARG C 419 38.01 28.88 12.20
C ARG C 419 37.31 30.10 11.62
N PRO C 420 36.03 30.31 12.02
CA PRO C 420 35.32 31.54 11.65
C PRO C 420 35.81 32.75 12.44
N LYS C 421 35.34 33.91 12.05
CA LYS C 421 35.54 35.15 12.79
C LYS C 421 34.38 35.38 13.75
N SER C 422 34.70 35.85 14.97
CA SER C 422 33.69 36.27 15.93
C SER C 422 33.68 37.79 16.07
N MET C 423 32.60 38.30 16.69
CA MET C 423 32.62 39.69 17.09
C MET C 423 31.96 39.82 18.43
N SER C 424 32.26 40.91 19.13
CA SER C 424 31.53 41.26 20.34
C SER C 424 30.28 42.06 19.96
N THR C 425 29.36 42.24 20.92
CA THR C 425 28.22 43.13 20.72
C THR C 425 28.72 44.55 20.49
N GLU C 426 29.71 44.96 21.28
CA GLU C 426 30.34 46.27 21.19
C GLU C 426 30.89 46.51 19.78
N GLY C 427 31.67 45.55 19.27
CA GLY C 427 32.31 45.65 17.97
C GLY C 427 31.32 45.60 16.82
N LEU C 428 30.21 44.86 17.03
CA LEU C 428 29.22 44.64 16.00
C LEU C 428 28.34 45.88 15.85
N MET C 429 28.14 46.60 16.95
CA MET C 429 27.48 47.90 16.97
C MET C 429 28.35 48.93 16.25
N LYS C 430 29.66 48.88 16.49
CA LYS C 430 30.62 49.75 15.81
C LYS C 430 30.65 49.43 14.32
N PHE C 431 30.72 48.14 14.00
CA PHE C 431 30.88 47.70 12.63
C PHE C 431 29.76 48.27 11.77
N VAL C 432 28.54 48.23 12.32
CA VAL C 432 27.31 48.53 11.59
C VAL C 432 27.23 50.03 11.24
N ASP C 433 27.79 50.89 12.10
CA ASP C 433 27.71 52.33 11.90
C ASP C 433 28.65 52.75 10.77
N SER C 434 29.93 52.37 10.91
CA SER C 434 30.96 52.68 9.93
C SER C 434 30.34 53.03 8.58
N SER D 1 -13.02 -9.06 51.36
CA SER D 1 -11.80 -9.42 52.14
C SER D 1 -10.84 -10.18 51.22
N THR D 2 -10.68 -11.47 51.56
CA THR D 2 -9.83 -12.37 50.82
C THR D 2 -10.59 -13.62 50.39
N ASN D 3 -11.91 -13.72 50.68
CA ASN D 3 -12.67 -14.83 50.14
C ASN D 3 -12.93 -14.55 48.66
N LEU D 4 -12.21 -15.26 47.81
CA LEU D 4 -12.33 -15.11 46.37
C LEU D 4 -13.75 -15.39 45.88
N LYS D 5 -14.42 -16.40 46.45
CA LYS D 5 -15.78 -16.74 46.05
C LYS D 5 -16.73 -15.57 46.30
N ASP D 6 -16.52 -14.81 47.37
CA ASP D 6 -17.29 -13.58 47.61
C ASP D 6 -17.04 -12.57 46.50
N ILE D 7 -15.77 -12.35 46.15
CA ILE D 7 -15.41 -11.44 45.07
C ILE D 7 -16.08 -11.86 43.77
N LEU D 8 -16.07 -13.17 43.47
CA LEU D 8 -16.59 -13.70 42.20
C LEU D 8 -18.10 -13.48 42.16
N ALA D 9 -18.76 -13.65 43.32
CA ALA D 9 -20.19 -13.44 43.42
C ALA D 9 -20.59 -11.99 43.16
N ASP D 10 -19.71 -11.00 43.39
CA ASP D 10 -20.02 -9.63 43.01
C ASP D 10 -19.83 -9.42 41.51
N LEU D 11 -18.74 -9.99 40.95
CA LEU D 11 -18.39 -9.75 39.56
C LEU D 11 -19.36 -10.40 38.58
N ILE D 12 -19.80 -11.63 38.86
CA ILE D 12 -20.40 -12.46 37.84
C ILE D 12 -21.62 -11.77 37.24
N PRO D 13 -22.61 -11.31 38.05
CA PRO D 13 -23.81 -10.69 37.52
C PRO D 13 -23.61 -9.48 36.62
N LYS D 14 -22.55 -8.68 36.87
CA LYS D 14 -22.25 -7.55 36.00
C LYS D 14 -21.83 -8.06 34.63
N GLU D 15 -20.92 -9.05 34.59
CA GLU D 15 -20.53 -9.64 33.32
C GLU D 15 -21.71 -10.26 32.58
N GLN D 16 -22.57 -10.97 33.31
CA GLN D 16 -23.77 -11.57 32.72
C GLN D 16 -24.57 -10.49 32.02
N ALA D 17 -24.71 -9.34 32.71
CA ALA D 17 -25.48 -8.21 32.20
C ALA D 17 -24.71 -7.52 31.07
N ARG D 18 -23.38 -7.45 31.17
CA ARG D 18 -22.59 -6.86 30.10
C ARG D 18 -22.75 -7.68 28.81
N ILE D 19 -22.70 -9.01 28.92
CA ILE D 19 -22.65 -9.86 27.75
C ILE D 19 -24.03 -9.98 27.11
N LYS D 20 -25.09 -10.02 27.94
CA LYS D 20 -26.46 -10.07 27.44
C LYS D 20 -26.70 -8.89 26.50
N THR D 21 -26.41 -7.68 27.02
CA THR D 21 -26.55 -6.44 26.26
C THR D 21 -25.71 -6.47 24.98
N PHE D 22 -24.47 -6.94 25.10
CA PHE D 22 -23.57 -6.97 23.97
C PHE D 22 -24.12 -7.89 22.86
N ARG D 23 -24.64 -9.05 23.26
CA ARG D 23 -25.21 -10.01 22.30
C ARG D 23 -26.44 -9.42 21.63
N GLN D 24 -27.24 -8.67 22.40
CA GLN D 24 -28.53 -8.21 21.91
C GLN D 24 -28.34 -7.05 20.93
N GLN D 25 -27.17 -6.39 20.96
CA GLN D 25 -26.74 -5.56 19.85
C GLN D 25 -26.13 -6.46 18.79
N HIS D 26 -25.00 -7.08 19.14
CA HIS D 26 -23.99 -7.43 18.15
C HIS D 26 -23.92 -8.94 17.93
N GLY D 27 -24.90 -9.68 18.46
CA GLY D 27 -24.98 -11.12 18.26
C GLY D 27 -24.88 -11.53 16.79
N LYS D 28 -25.58 -10.82 15.91
CA LYS D 28 -25.65 -11.20 14.50
C LYS D 28 -24.46 -10.65 13.72
N THR D 29 -23.54 -9.96 14.42
CA THR D 29 -22.41 -9.33 13.75
C THR D 29 -21.40 -10.39 13.35
N VAL D 30 -21.03 -10.39 12.08
CA VAL D 30 -20.00 -11.28 11.56
C VAL D 30 -18.62 -10.80 12.01
N VAL D 31 -17.83 -11.70 12.60
CA VAL D 31 -16.50 -11.35 13.07
C VAL D 31 -15.41 -12.07 12.28
N GLY D 32 -15.78 -13.10 11.48
CA GLY D 32 -14.81 -13.87 10.72
C GLY D 32 -15.46 -14.71 9.63
N GLN D 33 -14.65 -15.25 8.72
CA GLN D 33 -15.13 -16.17 7.71
C GLN D 33 -14.63 -17.58 8.06
N ILE D 34 -15.21 -18.61 7.42
CA ILE D 34 -14.66 -19.95 7.51
C ILE D 34 -14.37 -20.42 6.09
N THR D 35 -13.18 -20.96 5.88
CA THR D 35 -12.78 -21.41 4.54
C THR D 35 -12.48 -22.90 4.58
N VAL D 36 -12.47 -23.49 3.39
CA VAL D 36 -12.17 -24.90 3.19
C VAL D 36 -10.80 -25.19 3.79
N ASP D 37 -9.82 -24.32 3.53
CA ASP D 37 -8.47 -24.53 4.02
C ASP D 37 -8.44 -24.56 5.55
N MET D 38 -9.28 -23.73 6.19
CA MET D 38 -9.39 -23.68 7.64
C MET D 38 -9.97 -24.98 8.20
N MET D 39 -10.96 -25.54 7.50
CA MET D 39 -11.60 -26.78 7.94
C MET D 39 -10.58 -27.92 7.84
N TYR D 40 -9.72 -27.88 6.81
CA TYR D 40 -8.64 -28.84 6.68
C TYR D 40 -7.48 -28.53 7.62
N GLY D 41 -7.23 -27.24 7.89
CA GLY D 41 -6.06 -26.82 8.65
C GLY D 41 -6.32 -26.61 10.15
N GLY D 42 -7.17 -27.44 10.76
CA GLY D 42 -7.33 -27.42 12.22
C GLY D 42 -7.83 -26.07 12.75
N MET D 43 -8.76 -25.47 12.00
CA MET D 43 -9.43 -24.26 12.47
C MET D 43 -8.45 -23.07 12.53
N ARG D 44 -7.33 -23.14 11.80
CA ARG D 44 -6.31 -22.11 11.85
C ARG D 44 -6.88 -20.75 11.42
N GLY D 45 -6.84 -19.77 12.34
CA GLY D 45 -7.29 -18.41 12.07
C GLY D 45 -8.79 -18.25 12.25
N MET D 46 -9.46 -19.32 12.66
CA MET D 46 -10.90 -19.25 12.84
C MET D 46 -11.21 -18.75 14.26
N LYS D 47 -12.11 -17.78 14.34
CA LYS D 47 -12.49 -17.20 15.60
C LYS D 47 -13.62 -18.04 16.19
N GLY D 48 -13.25 -18.98 17.06
CA GLY D 48 -14.11 -20.11 17.33
C GLY D 48 -14.78 -20.06 18.70
N LEU D 49 -14.19 -19.33 19.66
CA LEU D 49 -14.73 -19.41 21.01
C LEU D 49 -14.40 -18.15 21.81
N VAL D 50 -15.23 -17.92 22.83
CA VAL D 50 -14.99 -16.89 23.83
C VAL D 50 -14.20 -17.51 24.97
N TYR D 51 -13.11 -16.86 25.34
CA TYR D 51 -12.27 -17.25 26.46
C TYR D 51 -11.83 -15.97 27.14
N GLU D 52 -12.15 -15.79 28.44
CA GLU D 52 -12.08 -14.50 29.09
C GLU D 52 -10.73 -14.28 29.77
N THR D 53 -10.07 -15.34 30.26
CA THR D 53 -8.95 -15.17 31.17
C THR D 53 -7.70 -14.60 30.47
N SER D 54 -7.43 -14.99 29.23
CA SER D 54 -6.22 -14.53 28.56
C SER D 54 -6.47 -14.46 27.06
N VAL D 55 -5.69 -13.60 26.37
CA VAL D 55 -5.82 -13.42 24.94
C VAL D 55 -4.44 -13.33 24.35
N LEU D 56 -4.20 -14.09 23.27
CA LEU D 56 -2.91 -14.14 22.62
C LEU D 56 -2.93 -13.21 21.43
N ASP D 57 -1.97 -12.30 21.42
CA ASP D 57 -1.78 -11.37 20.31
C ASP D 57 -0.74 -12.00 19.38
N PRO D 58 -1.00 -12.17 18.08
CA PRO D 58 -0.05 -12.80 17.16
C PRO D 58 1.30 -12.09 17.12
N ASP D 59 1.29 -10.79 17.36
CA ASP D 59 2.48 -9.95 17.33
C ASP D 59 3.11 -9.84 18.71
N GLU D 60 2.28 -9.53 19.71
CA GLU D 60 2.73 -9.08 21.03
C GLU D 60 2.95 -10.26 21.98
N GLY D 61 2.20 -11.34 21.79
CA GLY D 61 2.22 -12.45 22.72
C GLY D 61 1.01 -12.41 23.64
N ILE D 62 1.12 -13.11 24.77
CA ILE D 62 -0.02 -13.32 25.65
C ILE D 62 -0.22 -12.08 26.52
N ARG D 63 -1.49 -11.74 26.73
CA ARG D 63 -1.93 -10.83 27.78
C ARG D 63 -2.87 -11.60 28.70
N PHE D 64 -2.56 -11.57 30.00
CA PHE D 64 -3.42 -12.09 31.04
C PHE D 64 -4.35 -10.99 31.51
N ARG D 65 -5.64 -11.11 31.16
CA ARG D 65 -6.62 -10.10 31.50
C ARG D 65 -6.09 -8.70 31.15
N GLY D 66 -5.36 -8.59 30.04
CA GLY D 66 -4.85 -7.32 29.56
C GLY D 66 -3.40 -7.05 29.91
N PHE D 67 -2.81 -7.82 30.85
CA PHE D 67 -1.45 -7.58 31.31
C PHE D 67 -0.44 -8.48 30.60
N SER D 68 0.63 -7.87 30.06
CA SER D 68 1.77 -8.55 29.47
C SER D 68 2.56 -9.30 30.53
N ILE D 69 3.46 -10.18 30.09
CA ILE D 69 4.26 -10.91 31.06
C ILE D 69 5.14 -9.96 31.86
N PRO D 70 5.92 -9.05 31.22
CA PRO D 70 6.70 -8.05 31.96
C PRO D 70 5.87 -7.26 32.97
N GLU D 71 4.66 -6.85 32.58
CA GLU D 71 3.77 -6.13 33.50
C GLU D 71 3.41 -7.00 34.70
N CYS D 72 3.14 -8.30 34.47
CA CYS D 72 2.87 -9.24 35.56
C CYS D 72 4.11 -9.51 36.42
N GLN D 73 5.30 -9.45 35.82
CA GLN D 73 6.53 -9.67 36.58
C GLN D 73 6.70 -8.56 37.63
N LYS D 74 6.18 -7.38 37.31
CA LYS D 74 6.30 -6.23 38.18
C LYS D 74 5.14 -6.21 39.19
N LEU D 75 3.91 -6.29 38.68
CA LEU D 75 2.74 -5.92 39.46
C LEU D 75 2.30 -7.05 40.39
N LEU D 76 2.43 -8.31 39.96
CA LEU D 76 1.96 -9.42 40.79
C LEU D 76 2.80 -9.56 42.06
N PRO D 77 2.16 -9.91 43.20
CA PRO D 77 2.88 -10.23 44.43
C PRO D 77 3.92 -11.35 44.30
N LYS D 78 5.04 -11.10 44.97
CA LYS D 78 6.17 -11.99 44.97
C LYS D 78 6.16 -12.65 46.34
N ALA D 79 6.84 -13.80 46.43
CA ALA D 79 7.30 -14.30 47.70
C ALA D 79 8.04 -13.19 48.45
N LYS D 80 8.02 -13.30 49.78
CA LYS D 80 8.64 -12.35 50.68
C LYS D 80 10.16 -12.33 50.45
N GLY D 81 10.81 -13.48 50.36
CA GLY D 81 12.26 -13.49 50.14
C GLY D 81 12.70 -13.45 48.67
N GLY D 82 11.87 -12.97 47.73
CA GLY D 82 12.08 -13.35 46.35
C GLY D 82 11.67 -12.30 45.32
N GLU D 83 11.87 -12.63 44.04
CA GLU D 83 11.78 -11.67 42.96
C GLU D 83 10.79 -12.13 41.88
N GLU D 84 10.27 -13.36 41.93
CA GLU D 84 9.43 -13.88 40.86
C GLU D 84 7.96 -13.81 41.26
N PRO D 85 7.05 -13.54 40.29
CA PRO D 85 5.61 -13.56 40.55
C PRO D 85 5.13 -14.91 41.04
N LEU D 86 4.25 -14.88 42.05
CA LEU D 86 3.62 -16.08 42.58
C LEU D 86 2.46 -16.51 41.69
N PRO D 87 2.34 -17.81 41.36
CA PRO D 87 1.21 -18.27 40.56
C PRO D 87 -0.14 -18.03 41.24
N GLU D 88 -0.19 -18.07 42.57
CA GLU D 88 -1.41 -17.70 43.26
C GLU D 88 -1.94 -16.38 42.72
N GLY D 89 -1.08 -15.37 42.57
CA GLY D 89 -1.56 -14.05 42.17
C GLY D 89 -2.01 -14.03 40.72
N LEU D 90 -1.36 -14.79 39.85
CA LEU D 90 -1.79 -14.84 38.47
C LEU D 90 -3.22 -15.41 38.39
N PHE D 91 -3.43 -16.53 39.10
CA PHE D 91 -4.77 -17.11 39.20
C PHE D 91 -5.76 -16.05 39.64
N TRP D 92 -5.45 -15.34 40.73
CA TRP D 92 -6.34 -14.28 41.17
C TRP D 92 -6.70 -13.35 40.02
N LEU D 93 -5.67 -12.91 39.27
CA LEU D 93 -5.85 -12.01 38.15
C LEU D 93 -6.81 -12.59 37.13
N LEU D 94 -6.51 -13.80 36.62
CA LEU D 94 -7.32 -14.50 35.63
C LEU D 94 -8.78 -14.57 36.09
N VAL D 95 -8.96 -15.00 37.33
CA VAL D 95 -10.30 -15.20 37.88
C VAL D 95 -11.04 -13.88 38.00
N THR D 96 -10.37 -12.78 38.37
CA THR D 96 -11.10 -11.58 38.80
C THR D 96 -11.02 -10.45 37.79
N GLY D 97 -9.97 -10.44 36.97
CA GLY D 97 -9.67 -9.25 36.18
C GLY D 97 -8.80 -8.23 36.91
N HIS D 98 -8.45 -8.48 38.20
CA HIS D 98 -7.77 -7.50 39.02
C HIS D 98 -6.42 -8.01 39.51
N ILE D 99 -5.44 -7.11 39.63
CA ILE D 99 -4.20 -7.48 40.28
C ILE D 99 -4.47 -7.61 41.77
N PRO D 100 -4.12 -8.76 42.42
CA PRO D 100 -4.36 -8.98 43.85
C PRO D 100 -3.43 -8.21 44.77
N THR D 101 -3.87 -8.02 46.00
CA THR D 101 -3.03 -7.48 47.05
C THR D 101 -2.16 -8.62 47.58
N GLU D 102 -1.11 -8.26 48.33
CA GLU D 102 -0.30 -9.26 49.02
C GLU D 102 -1.17 -10.08 49.98
N GLU D 103 -2.20 -9.45 50.57
CA GLU D 103 -3.06 -10.13 51.52
C GLU D 103 -3.95 -11.16 50.81
N GLN D 104 -4.42 -10.82 49.60
CA GLN D 104 -5.28 -11.74 48.88
C GLN D 104 -4.48 -12.98 48.48
N VAL D 105 -3.25 -12.77 48.03
CA VAL D 105 -2.38 -13.87 47.63
C VAL D 105 -2.08 -14.75 48.83
N SER D 106 -1.81 -14.13 49.99
CA SER D 106 -1.51 -14.86 51.21
CA SER D 106 -1.50 -14.87 51.21
C SER D 106 -2.70 -15.74 51.59
N TRP D 107 -3.90 -15.19 51.44
CA TRP D 107 -5.09 -15.95 51.74
C TRP D 107 -5.18 -17.19 50.85
N LEU D 108 -5.04 -17.01 49.54
CA LEU D 108 -5.06 -18.06 48.53
C LEU D 108 -4.01 -19.12 48.82
N SER D 109 -2.78 -18.73 49.20
CA SER D 109 -1.74 -19.70 49.52
C SER D 109 -2.20 -20.64 50.63
N LYS D 110 -2.80 -20.07 51.68
CA LYS D 110 -3.33 -20.86 52.78
C LYS D 110 -4.52 -21.69 52.32
N GLU D 111 -5.38 -21.14 51.45
CA GLU D 111 -6.58 -21.85 51.05
C GLU D 111 -6.20 -23.17 50.38
N TRP D 112 -5.15 -23.12 49.55
CA TRP D 112 -4.71 -24.29 48.81
C TRP D 112 -3.92 -25.23 49.71
N ALA D 113 -3.28 -24.68 50.76
CA ALA D 113 -2.61 -25.52 51.73
C ALA D 113 -3.64 -26.33 52.53
N LYS D 114 -4.80 -25.74 52.82
CA LYS D 114 -5.87 -26.42 53.53
C LYS D 114 -6.53 -27.53 52.70
N ARG D 115 -6.49 -27.43 51.37
CA ARG D 115 -7.26 -28.29 50.48
C ARG D 115 -6.42 -29.41 49.84
N ALA D 116 -5.13 -29.55 50.20
CA ALA D 116 -4.14 -30.27 49.39
C ALA D 116 -4.00 -31.77 49.68
N ALA D 117 -5.05 -32.44 50.18
CA ALA D 117 -4.94 -33.86 50.57
C ALA D 117 -5.55 -34.77 49.51
N LEU D 118 -4.98 -36.00 49.36
CA LEU D 118 -5.46 -36.99 48.41
C LEU D 118 -6.26 -38.09 49.11
N PRO D 119 -7.36 -38.61 48.54
CA PRO D 119 -7.97 -39.84 49.04
C PRO D 119 -7.06 -41.04 48.81
N SER D 120 -7.25 -42.09 49.62
CA SER D 120 -6.29 -43.19 49.66
C SER D 120 -6.33 -44.07 48.40
N HIS D 121 -7.43 -44.09 47.64
CA HIS D 121 -7.46 -44.88 46.41
C HIS D 121 -6.57 -44.26 45.34
N VAL D 122 -6.37 -42.95 45.43
CA VAL D 122 -5.52 -42.28 44.47
C VAL D 122 -4.08 -42.58 44.83
N VAL D 123 -3.79 -42.57 46.13
CA VAL D 123 -2.49 -42.94 46.66
C VAL D 123 -2.13 -44.37 46.26
N THR D 124 -3.08 -45.32 46.51
CA THR D 124 -2.91 -46.72 46.13
C THR D 124 -2.59 -46.84 44.65
N MET D 125 -3.40 -46.19 43.80
CA MET D 125 -3.22 -46.27 42.36
C MET D 125 -1.86 -45.69 41.93
N LEU D 126 -1.49 -44.52 42.47
CA LEU D 126 -0.18 -43.93 42.15
C LEU D 126 0.94 -44.87 42.63
N ASP D 127 0.78 -45.46 43.81
CA ASP D 127 1.88 -46.23 44.37
C ASP D 127 2.11 -47.49 43.54
N ASN D 128 1.06 -47.99 42.88
CA ASN D 128 1.17 -49.27 42.18
C ASN D 128 1.43 -49.08 40.69
N PHE D 129 1.39 -47.84 40.18
CA PHE D 129 1.69 -47.64 38.77
C PHE D 129 3.10 -48.17 38.48
N PRO D 130 3.31 -48.80 37.30
CA PRO D 130 4.64 -49.26 36.92
C PRO D 130 5.52 -48.12 36.42
N THR D 131 6.83 -48.31 36.50
CA THR D 131 7.82 -47.29 36.19
C THR D 131 7.82 -46.95 34.71
N ASN D 132 7.16 -47.76 33.87
CA ASN D 132 7.14 -47.52 32.43
C ASN D 132 5.85 -46.80 32.03
N LEU D 133 5.01 -46.45 32.99
CA LEU D 133 3.85 -45.61 32.68
C LEU D 133 4.28 -44.16 32.76
N HIS D 134 4.09 -43.44 31.63
CA HIS D 134 4.61 -42.10 31.45
C HIS D 134 4.03 -41.15 32.52
N PRO D 135 4.84 -40.25 33.12
CA PRO D 135 4.34 -39.31 34.12
C PRO D 135 3.01 -38.63 33.77
N MET D 136 2.84 -38.23 32.50
CA MET D 136 1.66 -37.48 32.11
C MET D 136 0.43 -38.40 32.16
N SER D 137 0.66 -39.68 31.91
CA SER D 137 -0.39 -40.69 32.01
C SER D 137 -0.80 -40.93 33.45
N GLN D 138 0.18 -41.09 34.34
CA GLN D 138 -0.12 -41.21 35.75
C GLN D 138 -0.92 -40.02 36.27
N LEU D 139 -0.58 -38.83 35.78
CA LEU D 139 -1.20 -37.61 36.24
C LEU D 139 -2.66 -37.62 35.81
N SER D 140 -2.85 -37.89 34.52
CA SER D 140 -4.16 -37.83 33.92
C SER D 140 -5.05 -38.87 34.59
N ALA D 141 -4.52 -40.09 34.80
CA ALA D 141 -5.31 -41.18 35.35
C ALA D 141 -5.67 -40.83 36.78
N ALA D 142 -4.73 -40.18 37.49
CA ALA D 142 -4.93 -39.88 38.91
C ALA D 142 -6.00 -38.80 39.06
N VAL D 143 -5.97 -37.80 38.17
CA VAL D 143 -6.94 -36.72 38.24
C VAL D 143 -8.33 -37.26 37.89
N THR D 144 -8.43 -38.15 36.90
CA THR D 144 -9.67 -38.81 36.55
C THR D 144 -10.23 -39.47 37.81
N ALA D 145 -9.36 -40.21 38.52
CA ALA D 145 -9.75 -40.98 39.69
C ALA D 145 -10.25 -40.07 40.82
N LEU D 146 -9.73 -38.83 40.87
CA LEU D 146 -10.08 -37.85 41.89
C LEU D 146 -11.52 -37.35 41.74
N ASN D 147 -12.16 -37.60 40.59
CA ASN D 147 -13.51 -37.09 40.37
C ASN D 147 -14.53 -37.79 41.28
N SER D 148 -14.15 -38.86 41.97
CA SER D 148 -14.96 -39.35 43.08
C SER D 148 -15.18 -38.26 44.15
N GLU D 149 -14.28 -37.27 44.22
CA GLU D 149 -14.32 -36.22 45.21
C GLU D 149 -15.10 -35.00 44.71
N SER D 150 -15.62 -35.06 43.49
CA SER D 150 -16.23 -33.91 42.86
C SER D 150 -17.57 -33.54 43.49
N ASN D 151 -17.69 -32.27 43.86
CA ASN D 151 -18.88 -31.67 44.43
C ASN D 151 -19.83 -31.33 43.30
N PHE D 152 -19.28 -30.95 42.15
CA PHE D 152 -20.12 -30.64 41.00
C PHE D 152 -20.87 -31.89 40.54
N ALA D 153 -20.15 -33.02 40.38
CA ALA D 153 -20.83 -34.21 39.85
C ALA D 153 -21.96 -34.64 40.79
N ARG D 154 -21.67 -34.66 42.08
CA ARG D 154 -22.66 -35.11 43.04
C ARG D 154 -23.86 -34.15 43.05
N ALA D 155 -23.58 -32.84 43.03
CA ALA D 155 -24.62 -31.82 43.09
C ALA D 155 -25.48 -31.82 41.83
N TYR D 156 -24.89 -32.20 40.70
CA TYR D 156 -25.63 -32.32 39.45
C TYR D 156 -26.64 -33.45 39.55
N ALA D 157 -26.24 -34.56 40.16
CA ALA D 157 -27.11 -35.73 40.29
C ALA D 157 -28.32 -35.44 41.18
N GLN D 158 -28.20 -34.45 42.06
CA GLN D 158 -29.29 -34.09 42.96
C GLN D 158 -30.08 -32.91 42.43
N GLY D 159 -29.85 -32.52 41.17
CA GLY D 159 -30.70 -31.58 40.46
C GLY D 159 -30.45 -30.12 40.80
N ILE D 160 -29.23 -29.79 41.26
CA ILE D 160 -28.82 -28.43 41.62
C ILE D 160 -29.12 -27.43 40.50
N SER D 161 -29.52 -26.20 40.89
CA SER D 161 -29.86 -25.16 39.93
C SER D 161 -28.62 -24.72 39.14
N ARG D 162 -28.82 -24.39 37.86
CA ARG D 162 -27.76 -23.92 36.98
C ARG D 162 -27.08 -22.66 37.55
N THR D 163 -27.84 -21.86 38.30
CA THR D 163 -27.31 -20.65 38.92
C THR D 163 -26.19 -21.00 39.89
N LYS D 164 -26.10 -22.28 40.29
CA LYS D 164 -25.15 -22.70 41.30
C LYS D 164 -23.92 -23.36 40.69
N TYR D 165 -23.94 -23.62 39.38
CA TYR D 165 -22.87 -24.36 38.74
C TYR D 165 -21.52 -23.75 39.04
N TRP D 166 -21.39 -22.43 38.93
CA TRP D 166 -20.08 -21.81 39.06
C TRP D 166 -19.49 -22.04 40.44
N GLU D 167 -20.34 -22.04 41.48
CA GLU D 167 -19.92 -22.21 42.86
C GLU D 167 -19.32 -23.60 43.07
N LEU D 168 -19.95 -24.61 42.46
CA LEU D 168 -19.46 -25.97 42.64
C LEU D 168 -18.19 -26.17 41.82
N ILE D 169 -18.14 -25.56 40.64
CA ILE D 169 -16.94 -25.58 39.81
C ILE D 169 -15.78 -24.90 40.54
N TYR D 170 -16.08 -23.79 41.24
CA TYR D 170 -15.08 -23.04 41.99
C TYR D 170 -14.50 -23.94 43.09
N GLU D 171 -15.37 -24.60 43.85
CA GLU D 171 -14.87 -25.44 44.95
C GLU D 171 -14.06 -26.60 44.40
N ASP D 172 -14.55 -27.28 43.35
CA ASP D 172 -13.81 -28.42 42.81
C ASP D 172 -12.46 -27.96 42.27
N SER D 173 -12.43 -26.79 41.64
CA SER D 173 -11.24 -26.25 40.99
C SER D 173 -10.16 -25.86 41.98
N MET D 174 -10.59 -25.15 43.04
CA MET D 174 -9.75 -24.87 44.18
C MET D 174 -9.19 -26.15 44.80
N ASP D 175 -10.02 -27.18 45.01
CA ASP D 175 -9.52 -28.44 45.55
C ASP D 175 -8.48 -29.07 44.60
N LEU D 176 -8.75 -29.03 43.30
CA LEU D 176 -7.86 -29.72 42.35
C LEU D 176 -6.50 -29.00 42.29
N ILE D 177 -6.52 -27.68 42.13
CA ILE D 177 -5.29 -26.89 42.10
C ILE D 177 -4.47 -27.24 43.33
N ALA D 178 -5.13 -27.24 44.49
CA ALA D 178 -4.48 -27.58 45.76
C ALA D 178 -3.81 -28.95 45.71
N LYS D 179 -4.48 -29.95 45.11
CA LYS D 179 -4.03 -31.32 45.22
C LYS D 179 -2.96 -31.66 44.18
N LEU D 180 -2.86 -30.84 43.14
CA LEU D 180 -2.08 -31.19 41.97
C LEU D 180 -0.61 -31.34 42.31
N PRO D 181 0.01 -30.43 43.10
CA PRO D 181 1.34 -30.69 43.70
C PRO D 181 1.39 -32.06 44.39
N CYS D 182 0.36 -32.43 45.15
CA CYS D 182 0.41 -33.69 45.87
C CYS D 182 0.50 -34.85 44.86
N VAL D 183 -0.34 -34.83 43.81
CA VAL D 183 -0.26 -35.85 42.78
C VAL D 183 1.08 -35.82 42.04
N ALA D 184 1.49 -34.64 41.57
CA ALA D 184 2.67 -34.51 40.74
C ALA D 184 3.95 -34.90 41.49
N ALA D 185 4.00 -34.55 42.77
CA ALA D 185 5.19 -34.86 43.56
C ALA D 185 5.25 -36.34 43.93
N LYS D 186 4.10 -36.97 44.19
CA LYS D 186 4.08 -38.41 44.40
C LYS D 186 4.61 -39.12 43.15
N ILE D 187 4.26 -38.60 41.96
CA ILE D 187 4.70 -39.23 40.72
C ILE D 187 6.22 -39.20 40.66
N TYR D 188 6.77 -38.01 40.94
CA TYR D 188 8.19 -37.75 40.87
C TYR D 188 8.91 -38.69 41.81
N ARG D 189 8.47 -38.79 43.06
CA ARG D 189 9.26 -39.50 44.07
C ARG D 189 9.20 -41.03 43.88
N ASN D 190 8.03 -41.55 43.47
CA ASN D 190 7.87 -42.96 43.15
C ASN D 190 8.74 -43.33 41.95
N LEU D 191 8.83 -42.43 40.97
CA LEU D 191 9.56 -42.72 39.75
C LEU D 191 11.06 -42.54 39.94
N TYR D 192 11.45 -41.45 40.58
CA TYR D 192 12.90 -41.12 40.53
C TYR D 192 13.55 -40.97 41.87
N ARG D 193 12.85 -41.31 42.93
CA ARG D 193 13.41 -41.12 44.28
C ARG D 193 13.12 -42.40 45.10
N GLU D 194 12.90 -43.50 44.39
CA GLU D 194 12.65 -44.80 45.07
C GLU D 194 11.64 -44.64 46.23
N GLY D 195 10.38 -44.34 45.85
CA GLY D 195 9.25 -44.27 46.79
C GLY D 195 9.08 -42.95 47.49
N SER D 196 9.37 -42.91 48.77
CA SER D 196 9.38 -41.66 49.57
C SER D 196 8.21 -40.73 49.26
N GLY D 197 6.95 -41.20 49.23
CA GLY D 197 5.80 -40.35 48.82
C GLY D 197 5.24 -39.51 49.96
N ILE D 198 5.35 -38.18 49.85
CA ILE D 198 4.97 -37.31 51.02
C ILE D 198 3.80 -36.35 50.73
N GLY D 199 3.31 -35.72 51.78
CA GLY D 199 2.29 -34.68 51.68
C GLY D 199 2.82 -33.54 52.51
N ALA D 200 4.13 -33.25 52.45
CA ALA D 200 4.79 -32.15 53.20
C ALA D 200 4.20 -30.78 52.85
N ILE D 201 3.33 -30.27 53.71
CA ILE D 201 2.61 -29.02 53.40
C ILE D 201 2.74 -28.05 54.58
N ASP D 202 3.17 -26.81 54.32
CA ASP D 202 3.24 -25.77 55.38
C ASP D 202 2.15 -24.73 55.12
N SER D 203 1.30 -24.49 56.11
CA SER D 203 0.17 -23.58 55.90
C SER D 203 0.60 -22.14 55.60
N ASN D 204 1.89 -21.81 55.82
CA ASN D 204 2.41 -20.47 55.66
C ASN D 204 3.37 -20.37 54.49
N LEU D 205 3.48 -21.44 53.70
CA LEU D 205 4.29 -21.40 52.48
C LEU D 205 3.37 -21.19 51.28
N ASP D 206 3.92 -20.59 50.23
CA ASP D 206 3.19 -20.52 48.97
C ASP D 206 3.18 -21.90 48.30
N TRP D 207 2.29 -22.00 47.31
CA TRP D 207 1.96 -23.22 46.57
C TRP D 207 3.22 -23.82 45.94
N SER D 208 4.00 -22.97 45.28
CA SER D 208 5.24 -23.32 44.59
C SER D 208 6.24 -23.88 45.59
N HIS D 209 6.24 -23.35 46.81
CA HIS D 209 7.26 -23.74 47.77
C HIS D 209 6.93 -25.11 48.35
N ASN D 210 5.66 -25.34 48.68
CA ASN D 210 5.16 -26.62 49.18
C ASN D 210 5.46 -27.71 48.13
N PHE D 211 5.31 -27.35 46.85
CA PHE D 211 5.60 -28.25 45.74
C PHE D 211 7.08 -28.63 45.67
N THR D 212 7.99 -27.65 45.67
CA THR D 212 9.40 -27.95 45.56
C THR D 212 9.90 -28.69 46.78
N ASN D 213 9.35 -28.40 47.96
CA ASN D 213 9.72 -29.20 49.12
C ASN D 213 9.26 -30.65 48.94
N MET D 214 8.09 -30.84 48.32
CA MET D 214 7.49 -32.15 48.14
C MET D 214 8.29 -32.91 47.08
N LEU D 215 8.98 -32.19 46.18
CA LEU D 215 9.79 -32.80 45.14
C LEU D 215 11.18 -33.13 45.71
N GLY D 216 11.47 -32.56 46.90
CA GLY D 216 12.71 -32.83 47.63
C GLY D 216 13.86 -31.96 47.15
N TYR D 217 13.55 -30.77 46.61
CA TYR D 217 14.55 -29.77 46.29
C TYR D 217 14.68 -28.76 47.44
N THR D 218 15.81 -28.05 47.53
CA THR D 218 15.98 -27.09 48.62
C THR D 218 16.49 -25.74 48.11
N ASP D 219 17.03 -25.74 46.89
CA ASP D 219 17.68 -24.58 46.33
C ASP D 219 16.63 -23.49 46.13
N HIS D 220 16.79 -22.36 46.84
CA HIS D 220 15.88 -21.22 46.74
C HIS D 220 15.61 -20.84 45.28
N GLN D 221 16.66 -20.77 44.44
CA GLN D 221 16.47 -20.34 43.05
C GLN D 221 15.63 -21.33 42.24
N PHE D 222 15.59 -22.61 42.66
CA PHE D 222 14.71 -23.58 42.02
C PHE D 222 13.26 -23.27 42.42
N THR D 223 13.03 -22.95 43.70
CA THR D 223 11.72 -22.45 44.11
C THR D 223 11.34 -21.22 43.28
N GLU D 224 12.27 -20.28 43.08
CA GLU D 224 11.96 -19.06 42.34
C GLU D 224 11.68 -19.38 40.88
N LEU D 225 12.41 -20.36 40.31
CA LEU D 225 12.17 -20.77 38.94
C LEU D 225 10.79 -21.41 38.82
N THR D 226 10.42 -22.21 39.81
CA THR D 226 9.13 -22.89 39.83
C THR D 226 7.99 -21.86 39.87
N ARG D 227 8.14 -20.83 40.72
CA ARG D 227 7.16 -19.75 40.80
C ARG D 227 6.99 -19.15 39.41
N LEU D 228 8.12 -18.79 38.77
CA LEU D 228 8.08 -18.17 37.45
C LEU D 228 7.44 -19.14 36.46
N TYR D 229 7.96 -20.38 36.41
CA TYR D 229 7.47 -21.44 35.52
C TYR D 229 5.96 -21.60 35.61
N LEU D 230 5.44 -21.69 36.84
CA LEU D 230 4.05 -22.03 37.05
C LEU D 230 3.21 -20.82 36.71
N THR D 231 3.81 -19.62 36.84
CA THR D 231 3.11 -18.42 36.44
C THR D 231 3.00 -18.34 34.92
N ILE D 232 4.11 -18.52 34.19
CA ILE D 232 4.06 -18.12 32.79
C ILE D 232 3.47 -19.21 31.90
N HIS D 233 3.27 -20.43 32.41
CA HIS D 233 2.64 -21.47 31.62
C HIS D 233 1.16 -21.60 31.94
N SER D 234 0.58 -20.60 32.63
CA SER D 234 -0.68 -20.81 33.32
C SER D 234 -1.82 -20.85 32.30
N ASP D 235 -1.68 -19.99 31.30
CA ASP D 235 -2.77 -19.81 30.30
C ASP D 235 -2.19 -19.30 28.98
N HIS D 236 -2.85 -19.63 27.87
CA HIS D 236 -2.39 -19.21 26.51
C HIS D 236 -3.64 -19.13 25.64
N GLU D 237 -4.59 -18.36 26.13
CA GLU D 237 -5.90 -18.20 25.43
C GLU D 237 -6.61 -19.57 25.39
N GLY D 238 -7.72 -19.64 24.68
CA GLY D 238 -8.54 -20.88 24.77
C GLY D 238 -8.44 -21.77 23.56
N GLY D 239 -7.67 -21.36 22.56
CA GLY D 239 -7.53 -22.15 21.33
C GLY D 239 -6.39 -23.15 21.38
N ASN D 240 -5.58 -23.10 22.43
CA ASN D 240 -4.55 -24.13 22.50
C ASN D 240 -5.20 -25.47 22.83
N VAL D 241 -4.51 -26.60 22.53
CA VAL D 241 -5.19 -27.89 22.66
C VAL D 241 -5.67 -28.14 24.10
N SER D 242 -4.84 -27.88 25.12
CA SER D 242 -5.23 -28.28 26.46
C SER D 242 -6.39 -27.41 26.93
N ALA D 243 -6.34 -26.12 26.65
CA ALA D 243 -7.35 -25.18 27.12
C ALA D 243 -8.66 -25.50 26.41
N HIS D 244 -8.56 -25.64 25.09
CA HIS D 244 -9.72 -25.97 24.29
C HIS D 244 -10.33 -27.30 24.70
N THR D 245 -9.51 -28.28 25.04
CA THR D 245 -10.05 -29.56 25.45
C THR D 245 -10.81 -29.40 26.76
N SER D 246 -10.20 -28.74 27.75
CA SER D 246 -10.90 -28.49 29.02
C SER D 246 -12.23 -27.81 28.76
N HIS D 247 -12.20 -26.85 27.82
CA HIS D 247 -13.34 -26.00 27.46
C HIS D 247 -14.47 -26.87 26.88
N LEU D 248 -14.07 -27.74 25.94
CA LEU D 248 -14.98 -28.57 25.20
C LEU D 248 -15.59 -29.61 26.15
N VAL D 249 -14.75 -30.27 26.99
CA VAL D 249 -15.23 -31.30 27.88
C VAL D 249 -16.13 -30.69 28.97
N GLY D 250 -15.73 -29.53 29.49
CA GLY D 250 -16.50 -28.88 30.55
C GLY D 250 -17.82 -28.35 30.00
N SER D 251 -17.88 -28.10 28.69
CA SER D 251 -19.12 -27.59 28.10
C SER D 251 -20.24 -28.64 28.18
N ALA D 252 -19.85 -29.91 28.34
CA ALA D 252 -20.79 -31.01 28.54
C ALA D 252 -21.16 -31.19 30.01
N LEU D 253 -20.66 -30.30 30.86
CA LEU D 253 -20.91 -30.26 32.29
C LEU D 253 -20.13 -31.38 32.96
N SER D 254 -19.07 -31.86 32.26
CA SER D 254 -18.08 -32.67 32.96
C SER D 254 -17.44 -31.80 34.04
N ASP D 255 -17.13 -32.45 35.17
CA ASP D 255 -16.65 -31.73 36.34
C ASP D 255 -15.20 -31.29 36.06
N PRO D 256 -14.60 -30.44 36.91
CA PRO D 256 -13.23 -29.98 36.68
C PRO D 256 -12.16 -31.08 36.63
N TYR D 257 -12.35 -32.17 37.38
CA TYR D 257 -11.38 -33.25 37.37
C TYR D 257 -11.33 -33.88 35.96
N LEU D 258 -12.51 -34.24 35.41
CA LEU D 258 -12.61 -34.87 34.11
C LEU D 258 -12.13 -33.91 33.02
N SER D 259 -12.45 -32.62 33.16
CA SER D 259 -12.09 -31.61 32.16
C SER D 259 -10.60 -31.38 32.13
N PHE D 260 -9.99 -31.35 33.31
CA PHE D 260 -8.56 -31.12 33.40
C PHE D 260 -7.80 -32.37 32.91
N ALA D 261 -8.29 -33.56 33.27
CA ALA D 261 -7.65 -34.80 32.87
C ALA D 261 -7.61 -34.95 31.34
N ALA D 262 -8.75 -34.65 30.71
CA ALA D 262 -8.80 -34.56 29.27
C ALA D 262 -7.77 -33.56 28.74
N ALA D 263 -7.70 -32.38 29.35
CA ALA D 263 -6.75 -31.32 28.99
C ALA D 263 -5.30 -31.85 29.02
N MET D 264 -5.01 -32.63 30.05
CA MET D 264 -3.69 -33.21 30.22
C MET D 264 -3.37 -34.19 29.09
N ASN D 265 -4.30 -35.08 28.71
CA ASN D 265 -4.10 -35.96 27.56
C ASN D 265 -3.72 -35.12 26.33
N GLY D 266 -4.34 -33.96 26.13
CA GLY D 266 -3.96 -33.09 25.04
C GLY D 266 -2.55 -32.50 25.20
N LEU D 267 -2.25 -32.02 26.41
CA LEU D 267 -0.96 -31.42 26.72
C LEU D 267 0.14 -32.45 26.50
N ALA D 268 -0.17 -33.73 26.72
CA ALA D 268 0.81 -34.82 26.60
C ALA D 268 1.17 -35.13 25.16
N GLY D 269 0.50 -34.48 24.21
CA GLY D 269 0.86 -34.66 22.82
C GLY D 269 2.18 -33.98 22.43
N PRO D 270 2.99 -34.65 21.57
CA PRO D 270 4.25 -34.07 21.11
C PRO D 270 4.14 -32.68 20.48
N LEU D 271 3.04 -32.39 19.79
CA LEU D 271 2.94 -31.09 19.17
C LEU D 271 2.42 -30.01 20.13
N HIS D 272 2.12 -30.38 21.37
CA HIS D 272 1.71 -29.46 22.40
C HIS D 272 2.74 -29.51 23.53
N GLY D 273 2.29 -29.85 24.75
CA GLY D 273 3.07 -29.68 25.95
C GLY D 273 4.28 -30.62 26.04
N LEU D 274 4.18 -31.78 25.40
CA LEU D 274 5.25 -32.77 25.51
C LEU D 274 6.51 -32.24 24.82
N ALA D 275 6.36 -31.17 24.04
CA ALA D 275 7.50 -30.63 23.33
C ALA D 275 8.60 -30.26 24.31
N ASN D 276 8.23 -29.90 25.57
CA ASN D 276 9.25 -29.48 26.53
C ASN D 276 10.18 -30.66 26.84
N GLN D 277 9.61 -31.88 26.93
CA GLN D 277 10.37 -33.12 27.06
C GLN D 277 11.20 -33.38 25.80
N GLU D 278 10.56 -33.22 24.63
CA GLU D 278 11.16 -33.60 23.37
C GLU D 278 12.34 -32.69 23.03
N VAL D 279 12.29 -31.41 23.43
CA VAL D 279 13.41 -30.50 23.27
C VAL D 279 14.66 -31.11 23.89
N LEU D 280 14.59 -31.53 25.15
CA LEU D 280 15.81 -31.97 25.80
C LEU D 280 16.28 -33.35 25.30
N VAL D 281 15.39 -34.18 24.74
CA VAL D 281 15.82 -35.39 24.05
C VAL D 281 16.64 -35.00 22.81
N TRP D 282 16.06 -34.09 22.01
CA TRP D 282 16.64 -33.63 20.76
C TRP D 282 18.03 -33.03 20.98
N LEU D 283 18.15 -32.24 22.04
CA LEU D 283 19.37 -31.53 22.42
C LEU D 283 20.41 -32.51 22.94
N THR D 284 19.99 -33.45 23.78
CA THR D 284 20.85 -34.54 24.23
C THR D 284 21.45 -35.25 23.00
N GLN D 285 20.56 -35.65 22.08
CA GLN D 285 20.92 -36.36 20.86
C GLN D 285 21.90 -35.55 20.02
N LEU D 286 21.62 -34.25 19.88
CA LEU D 286 22.52 -33.31 19.22
C LEU D 286 23.92 -33.37 19.86
N GLN D 287 23.99 -33.34 21.19
CA GLN D 287 25.32 -33.29 21.86
C GLN D 287 26.10 -34.58 21.56
N LYS D 288 25.41 -35.70 21.41
CA LYS D 288 26.08 -37.01 21.15
C LYS D 288 26.47 -37.15 19.66
N GLU D 289 25.65 -36.63 18.75
CA GLU D 289 25.93 -36.80 17.31
C GLU D 289 26.94 -35.77 16.79
N VAL D 290 27.03 -34.60 17.43
CA VAL D 290 27.86 -33.52 16.82
C VAL D 290 28.76 -32.83 17.86
N GLY D 291 28.68 -33.17 19.15
CA GLY D 291 29.61 -32.60 20.14
C GLY D 291 28.94 -31.56 21.03
N LYS D 292 29.59 -31.16 22.14
CA LYS D 292 28.94 -30.24 23.11
C LYS D 292 28.97 -28.82 22.52
N ASP D 293 30.15 -28.30 22.23
CA ASP D 293 30.23 -26.99 21.53
C ASP D 293 30.61 -27.32 20.09
N VAL D 294 29.88 -26.76 19.12
CA VAL D 294 30.20 -27.00 17.68
C VAL D 294 29.96 -25.73 16.87
N SER D 295 30.31 -25.76 15.59
CA SER D 295 30.11 -24.66 14.69
C SER D 295 28.62 -24.49 14.38
N ASP D 296 28.31 -23.35 13.76
CA ASP D 296 26.97 -23.06 13.28
C ASP D 296 26.62 -23.99 12.13
N GLU D 297 27.61 -24.32 11.30
CA GLU D 297 27.38 -25.21 10.12
C GLU D 297 26.90 -26.56 10.64
N LYS D 298 27.59 -27.10 11.63
CA LYS D 298 27.24 -28.43 12.17
C LYS D 298 25.87 -28.47 12.86
N LEU D 299 25.44 -27.39 13.48
CA LEU D 299 24.07 -27.45 14.07
C LEU D 299 23.06 -27.42 12.92
N ARG D 300 23.37 -26.62 11.91
CA ARG D 300 22.46 -26.48 10.77
C ARG D 300 22.31 -27.87 10.13
N ASP D 301 23.40 -28.59 9.99
CA ASP D 301 23.39 -29.97 9.53
C ASP D 301 22.38 -30.77 10.34
N TYR D 302 22.51 -30.77 11.68
CA TYR D 302 21.65 -31.62 12.48
C TYR D 302 20.20 -31.16 12.33
N ILE D 303 19.97 -29.85 12.23
CA ILE D 303 18.62 -29.34 12.13
C ILE D 303 17.96 -29.83 10.83
N TRP D 304 18.69 -29.68 9.72
CA TRP D 304 18.19 -30.07 8.42
C TRP D 304 17.93 -31.58 8.39
N ASN D 305 18.75 -32.33 9.10
CA ASN D 305 18.56 -33.76 9.26
C ASN D 305 17.13 -34.00 9.76
N THR D 306 16.75 -33.32 10.85
CA THR D 306 15.44 -33.53 11.43
C THR D 306 14.34 -33.18 10.45
N LEU D 307 14.49 -32.01 9.81
CA LEU D 307 13.44 -31.52 8.94
C LEU D 307 13.28 -32.47 7.75
N ASN D 308 14.39 -32.97 7.22
CA ASN D 308 14.35 -33.84 6.05
C ASN D 308 13.80 -35.24 6.40
N SER D 309 13.81 -35.63 7.69
CA SER D 309 13.26 -36.90 8.14
C SER D 309 11.76 -36.87 8.39
N GLY D 310 11.12 -35.74 8.12
CA GLY D 310 9.67 -35.65 8.22
C GLY D 310 9.25 -35.43 9.67
N ARG D 311 10.18 -34.84 10.43
CA ARG D 311 10.00 -34.54 11.84
C ARG D 311 10.01 -33.02 12.02
N VAL D 312 9.51 -32.53 13.18
CA VAL D 312 9.62 -31.12 13.53
C VAL D 312 10.80 -30.87 14.49
N VAL D 313 11.30 -29.62 14.46
CA VAL D 313 12.17 -29.12 15.51
C VAL D 313 11.30 -28.82 16.72
N PRO D 314 11.39 -29.57 17.86
CA PRO D 314 10.57 -29.23 19.03
C PRO D 314 10.94 -27.86 19.61
N GLY D 315 9.92 -27.17 20.14
CA GLY D 315 10.09 -25.90 20.83
C GLY D 315 9.98 -24.71 19.86
N TYR D 316 9.84 -25.02 18.57
CA TYR D 316 9.79 -23.98 17.56
C TYR D 316 8.44 -24.02 16.86
N GLY D 317 7.99 -22.85 16.39
CA GLY D 317 6.71 -22.75 15.72
C GLY D 317 5.57 -22.46 16.68
N HIS D 318 4.49 -21.94 16.12
CA HIS D 318 3.27 -21.70 16.87
C HIS D 318 2.16 -21.42 15.89
N ALA D 319 0.91 -21.75 16.25
CA ALA D 319 -0.21 -21.59 15.33
C ALA D 319 -0.71 -20.15 15.28
N VAL D 320 -0.38 -19.32 16.26
CA VAL D 320 -0.86 -17.93 16.21
C VAL D 320 0.26 -16.92 16.48
N LEU D 321 1.21 -17.24 17.36
CA LEU D 321 2.31 -16.34 17.61
C LEU D 321 3.10 -16.16 16.31
N ARG D 322 3.37 -14.90 15.93
CA ARG D 322 4.15 -14.63 14.72
C ARG D 322 5.52 -14.05 15.07
N LYS D 323 5.86 -14.02 16.37
CA LYS D 323 7.17 -13.61 16.84
C LYS D 323 7.67 -14.60 17.88
N THR D 324 8.92 -14.40 18.30
CA THR D 324 9.45 -15.09 19.47
C THR D 324 8.45 -14.92 20.61
N ASP D 325 8.22 -16.03 21.34
CA ASP D 325 7.28 -16.10 22.44
C ASP D 325 7.85 -15.32 23.61
N PRO D 326 7.10 -14.37 24.21
CA PRO D 326 7.59 -13.69 25.41
C PRO D 326 7.91 -14.61 26.59
N ARG D 327 7.27 -15.77 26.64
CA ARG D 327 7.57 -16.74 27.69
C ARG D 327 8.97 -17.31 27.43
N TYR D 328 9.37 -17.40 26.16
CA TYR D 328 10.74 -17.81 25.90
C TYR D 328 11.70 -16.74 26.42
N THR D 329 11.47 -15.49 26.05
CA THR D 329 12.33 -14.37 26.43
C THR D 329 12.45 -14.27 27.95
N CYS D 330 11.32 -14.48 28.63
CA CYS D 330 11.25 -14.40 30.08
C CYS D 330 12.14 -15.46 30.74
N GLN D 331 12.20 -16.65 30.12
CA GLN D 331 13.00 -17.76 30.64
C GLN D 331 14.49 -17.51 30.36
N ARG D 332 14.78 -16.94 29.18
CA ARG D 332 16.13 -16.47 28.84
C ARG D 332 16.62 -15.44 29.87
N GLU D 333 15.76 -14.47 30.22
CA GLU D 333 16.07 -13.48 31.25
C GLU D 333 16.50 -14.19 32.54
N PHE D 334 15.75 -15.21 32.94
CA PHE D 334 16.00 -15.88 34.21
C PHE D 334 17.31 -16.67 34.14
N ALA D 335 17.63 -17.30 33.01
CA ALA D 335 18.92 -17.96 32.83
C ALA D 335 20.05 -16.95 32.94
N LEU D 336 19.97 -15.84 32.20
CA LEU D 336 21.14 -14.96 32.13
C LEU D 336 21.42 -14.30 33.48
N LYS D 337 20.42 -14.20 34.36
CA LYS D 337 20.63 -13.71 35.72
C LYS D 337 21.26 -14.79 36.60
N HIS D 338 20.81 -16.05 36.49
CA HIS D 338 21.16 -17.06 37.49
C HIS D 338 22.02 -18.22 36.95
N LEU D 339 22.09 -18.41 35.63
CA LEU D 339 22.96 -19.45 35.11
C LEU D 339 23.49 -19.06 33.74
N PRO D 340 24.11 -17.87 33.60
CA PRO D 340 24.47 -17.35 32.27
C PRO D 340 25.52 -18.17 31.51
N ASN D 341 26.19 -19.10 32.20
CA ASN D 341 27.35 -19.77 31.66
C ASN D 341 27.13 -21.27 31.47
N ASP D 342 25.98 -21.80 31.94
CA ASP D 342 25.61 -23.19 31.71
C ASP D 342 25.75 -23.49 30.23
N PRO D 343 26.43 -24.59 29.83
CA PRO D 343 26.60 -24.96 28.42
C PRO D 343 25.32 -25.29 27.65
N MET D 344 24.33 -25.92 28.31
CA MET D 344 23.08 -26.26 27.63
C MET D 344 22.30 -25.01 27.30
N PHE D 345 22.29 -24.02 28.23
CA PHE D 345 21.68 -22.73 27.98
C PHE D 345 22.34 -22.07 26.77
N LYS D 346 23.68 -22.17 26.71
CA LYS D 346 24.46 -21.67 25.59
C LYS D 346 24.01 -22.33 24.28
N LEU D 347 23.73 -23.64 24.32
CA LEU D 347 23.34 -24.38 23.12
C LEU D 347 21.94 -23.94 22.67
N VAL D 348 21.03 -23.75 23.64
CA VAL D 348 19.69 -23.26 23.34
C VAL D 348 19.86 -21.89 22.69
N ALA D 349 20.79 -21.10 23.25
CA ALA D 349 21.00 -19.74 22.78
C ALA D 349 21.62 -19.73 21.39
N GLN D 350 22.43 -20.75 21.04
CA GLN D 350 23.02 -20.76 19.71
C GLN D 350 21.97 -21.23 18.71
N LEU D 351 21.09 -22.14 19.13
CA LEU D 351 19.99 -22.57 18.27
C LEU D 351 19.11 -21.38 17.91
N TYR D 352 18.94 -20.43 18.83
CA TYR D 352 18.07 -19.30 18.52
C TYR D 352 18.56 -18.59 17.26
N LYS D 353 19.88 -18.51 17.09
CA LYS D 353 20.46 -17.76 15.99
C LYS D 353 20.37 -18.53 14.67
N ILE D 354 20.14 -19.85 14.76
CA ILE D 354 20.27 -20.73 13.61
C ILE D 354 18.91 -21.21 13.13
N VAL D 355 18.08 -21.77 14.01
CA VAL D 355 16.81 -22.47 13.60
C VAL D 355 15.83 -21.59 12.82
N PRO D 356 15.53 -20.36 13.23
CA PRO D 356 14.60 -19.57 12.47
C PRO D 356 14.94 -19.41 10.98
N ASN D 357 16.21 -19.20 10.64
CA ASN D 357 16.62 -19.10 9.21
C ASN D 357 16.42 -20.43 8.45
N VAL D 358 16.69 -21.56 9.09
CA VAL D 358 16.57 -22.90 8.44
C VAL D 358 15.07 -23.15 8.23
N LEU D 359 14.27 -22.79 9.23
CA LEU D 359 12.84 -23.08 9.14
C LEU D 359 12.22 -22.27 7.99
N LEU D 360 12.61 -20.99 7.90
CA LEU D 360 12.14 -20.11 6.85
C LEU D 360 12.52 -20.65 5.47
N GLU D 361 13.69 -21.27 5.40
CA GLU D 361 14.19 -21.79 4.11
C GLU D 361 13.36 -23.03 3.73
N GLN D 362 13.16 -23.92 4.71
CA GLN D 362 12.28 -25.08 4.45
C GLN D 362 10.90 -24.47 4.20
N GLY D 363 10.67 -23.30 4.79
CA GLY D 363 9.37 -22.62 4.70
C GLY D 363 8.51 -23.28 5.72
N LYS D 364 7.53 -24.08 5.22
CA LYS D 364 6.58 -24.92 5.99
C LYS D 364 5.87 -24.11 7.06
N ALA D 365 6.59 -23.84 8.11
CA ALA D 365 6.03 -23.14 9.29
C ALA D 365 5.89 -21.64 9.05
N LYS D 366 4.73 -21.06 9.39
CA LYS D 366 4.56 -19.59 9.25
C LYS D 366 5.39 -18.86 10.31
N ASN D 367 5.79 -19.54 11.40
CA ASN D 367 6.53 -18.90 12.52
C ASN D 367 7.77 -19.75 12.82
N PRO D 368 9.03 -19.27 12.55
CA PRO D 368 10.26 -20.02 12.76
C PRO D 368 10.79 -19.68 14.13
N TRP D 369 10.02 -18.91 14.90
CA TRP D 369 10.49 -18.44 16.23
C TRP D 369 10.15 -19.45 17.32
N PRO D 370 10.92 -19.48 18.43
CA PRO D 370 10.68 -20.43 19.50
C PRO D 370 9.42 -20.13 20.31
N ASN D 371 8.87 -21.19 20.90
CA ASN D 371 7.82 -21.11 21.90
C ASN D 371 8.42 -21.45 23.25
N VAL D 372 7.57 -21.38 24.29
CA VAL D 372 7.97 -21.55 25.67
C VAL D 372 8.70 -22.87 25.88
N ASP D 373 8.34 -23.89 25.09
CA ASP D 373 8.84 -25.24 25.30
C ASP D 373 10.30 -25.37 24.88
N ALA D 374 10.81 -24.45 24.05
CA ALA D 374 12.22 -24.41 23.64
C ALA D 374 13.18 -24.19 24.81
N HIS D 375 12.74 -23.56 25.90
CA HIS D 375 13.69 -23.04 26.88
C HIS D 375 13.46 -23.62 28.27
N SER D 376 12.30 -24.27 28.50
CA SER D 376 11.88 -24.55 29.86
C SER D 376 12.78 -25.62 30.46
N GLY D 377 13.11 -26.64 29.66
CA GLY D 377 13.77 -27.82 30.16
C GLY D 377 15.21 -27.56 30.58
N VAL D 378 15.95 -26.74 29.81
CA VAL D 378 17.35 -26.46 30.15
C VAL D 378 17.44 -25.71 31.47
N LEU D 379 16.40 -24.96 31.86
CA LEU D 379 16.40 -24.38 33.20
C LEU D 379 16.28 -25.50 34.24
N LEU D 380 15.30 -26.39 34.07
CA LEU D 380 15.13 -27.43 35.06
C LEU D 380 16.40 -28.25 35.23
N GLN D 381 16.99 -28.72 34.11
CA GLN D 381 18.20 -29.55 34.12
C GLN D 381 19.29 -28.98 35.03
N TYR D 382 19.44 -27.65 35.00
CA TYR D 382 20.47 -26.92 35.72
C TYR D 382 20.39 -27.12 37.23
N TYR D 383 19.17 -27.23 37.77
CA TYR D 383 18.99 -27.30 39.20
C TYR D 383 18.90 -28.77 39.63
N GLY D 384 19.09 -29.69 38.67
CA GLY D 384 19.24 -31.11 38.99
C GLY D 384 18.04 -31.95 38.56
N MET D 385 16.94 -31.31 38.11
CA MET D 385 15.78 -32.02 37.60
C MET D 385 16.04 -32.44 36.14
N THR D 386 16.75 -33.56 36.01
CA THR D 386 17.25 -34.10 34.76
C THR D 386 16.25 -35.06 34.11
N GLU D 387 15.15 -35.33 34.81
CA GLU D 387 14.19 -36.32 34.37
C GLU D 387 13.23 -35.69 33.35
N MET D 388 13.62 -35.74 32.07
CA MET D 388 12.94 -34.99 31.03
C MET D 388 11.52 -35.51 30.80
N ASN D 389 11.27 -36.79 31.11
CA ASN D 389 9.94 -37.35 30.92
C ASN D 389 8.97 -36.82 31.97
N TYR D 390 9.43 -36.06 32.97
CA TYR D 390 8.58 -35.47 33.98
C TYR D 390 8.14 -34.05 33.63
N TYR D 391 8.80 -33.44 32.65
CA TYR D 391 8.74 -32.01 32.43
C TYR D 391 7.31 -31.56 32.10
N THR D 392 6.57 -32.36 31.33
CA THR D 392 5.23 -31.96 30.91
C THR D 392 4.27 -31.98 32.11
N VAL D 393 4.62 -32.72 33.17
CA VAL D 393 3.86 -32.65 34.41
C VAL D 393 3.92 -31.26 35.03
N LEU D 394 5.08 -30.56 35.01
CA LEU D 394 5.12 -29.21 35.55
C LEU D 394 4.22 -28.30 34.71
N PHE D 395 4.25 -28.46 33.38
CA PHE D 395 3.40 -27.66 32.53
C PHE D 395 1.94 -27.91 32.94
N GLY D 396 1.58 -29.18 33.17
CA GLY D 396 0.22 -29.58 33.52
C GLY D 396 -0.23 -28.86 34.79
N VAL D 397 0.65 -28.86 35.78
CA VAL D 397 0.30 -28.24 37.05
C VAL D 397 0.01 -26.75 36.89
N SER D 398 0.82 -26.03 36.09
CA SER D 398 0.64 -24.63 35.73
C SER D 398 -0.69 -24.37 35.02
N ARG D 399 -0.94 -25.16 33.97
CA ARG D 399 -2.05 -24.87 33.06
C ARG D 399 -3.40 -25.09 33.74
N ALA D 400 -3.43 -25.83 34.84
CA ALA D 400 -4.61 -25.90 35.69
C ALA D 400 -5.13 -24.50 36.03
N LEU D 401 -4.21 -23.56 36.34
CA LEU D 401 -4.58 -22.22 36.81
C LEU D 401 -5.39 -21.51 35.72
N GLY D 402 -4.93 -21.57 34.48
CA GLY D 402 -5.65 -20.90 33.42
C GLY D 402 -7.00 -21.56 33.15
N VAL D 403 -7.00 -22.89 33.00
CA VAL D 403 -8.15 -23.54 32.41
C VAL D 403 -9.29 -23.60 33.42
N LEU D 404 -8.95 -23.70 34.71
CA LEU D 404 -9.97 -23.76 35.73
C LEU D 404 -10.49 -22.36 36.03
N ALA D 405 -9.64 -21.32 35.91
CA ALA D 405 -10.09 -19.95 36.06
C ALA D 405 -11.18 -19.66 35.03
N GLN D 406 -11.00 -20.13 33.79
CA GLN D 406 -11.99 -19.94 32.74
C GLN D 406 -13.21 -20.86 32.94
N LEU D 407 -12.99 -22.09 33.37
CA LEU D 407 -14.08 -23.04 33.55
C LEU D 407 -15.09 -22.47 34.54
N ILE D 408 -14.62 -21.84 35.62
CA ILE D 408 -15.51 -21.12 36.52
C ILE D 408 -16.39 -20.16 35.71
N TRP D 409 -15.75 -19.34 34.89
CA TRP D 409 -16.43 -18.30 34.15
C TRP D 409 -17.34 -18.90 33.07
N SER D 410 -16.90 -19.94 32.36
CA SER D 410 -17.78 -20.56 31.37
C SER D 410 -19.10 -20.97 32.00
N ARG D 411 -19.08 -21.46 33.24
CA ARG D 411 -20.32 -21.90 33.85
C ARG D 411 -21.08 -20.71 34.46
N ALA D 412 -20.33 -19.73 34.99
CA ALA D 412 -20.96 -18.54 35.57
C ALA D 412 -21.79 -17.87 34.49
N LEU D 413 -21.27 -17.91 33.25
CA LEU D 413 -21.90 -17.21 32.14
C LEU D 413 -22.86 -18.07 31.33
N GLY D 414 -23.03 -19.37 31.66
CA GLY D 414 -23.97 -20.27 31.02
C GLY D 414 -23.58 -20.65 29.59
N PHE D 415 -22.28 -20.58 29.28
CA PHE D 415 -21.77 -21.08 28.02
C PHE D 415 -22.33 -22.48 27.76
N PRO D 416 -22.93 -22.72 26.59
CA PRO D 416 -23.57 -24.00 26.30
C PRO D 416 -22.59 -25.05 25.77
N LEU D 417 -23.14 -26.22 25.44
CA LEU D 417 -22.38 -27.29 24.82
C LEU D 417 -21.68 -26.78 23.58
N GLU D 418 -20.38 -27.06 23.47
CA GLU D 418 -19.63 -26.81 22.25
C GLU D 418 -19.88 -27.95 21.26
N ARG D 419 -20.50 -27.62 20.13
CA ARG D 419 -20.95 -28.61 19.17
C ARG D 419 -20.95 -27.98 17.79
N PRO D 420 -19.78 -27.88 17.13
CA PRO D 420 -19.70 -27.42 15.75
C PRO D 420 -20.26 -28.46 14.79
N LYS D 421 -20.40 -28.05 13.53
CA LYS D 421 -20.75 -28.93 12.44
C LYS D 421 -19.47 -29.43 11.79
N SER D 422 -19.47 -30.70 11.41
CA SER D 422 -18.43 -31.27 10.58
C SER D 422 -18.94 -31.59 9.18
N MET D 423 -18.00 -31.71 8.26
CA MET D 423 -18.28 -32.21 6.93
C MET D 423 -17.20 -33.20 6.53
N SER D 424 -17.57 -34.12 5.62
CA SER D 424 -16.66 -35.04 4.95
C SER D 424 -16.10 -34.35 3.73
N THR D 425 -15.01 -34.88 3.18
CA THR D 425 -14.44 -34.29 1.98
C THR D 425 -15.47 -34.33 0.85
N GLU D 426 -16.10 -35.52 0.68
CA GLU D 426 -17.20 -35.70 -0.23
C GLU D 426 -18.24 -34.61 -0.04
N GLY D 427 -18.75 -34.50 1.20
CA GLY D 427 -19.77 -33.54 1.53
C GLY D 427 -19.35 -32.10 1.25
N LEU D 428 -18.08 -31.79 1.51
CA LEU D 428 -17.54 -30.45 1.30
C LEU D 428 -17.34 -30.20 -0.21
N MET D 429 -16.97 -31.24 -0.97
CA MET D 429 -16.93 -31.13 -2.42
C MET D 429 -18.33 -30.80 -2.96
N LYS D 430 -19.37 -31.38 -2.37
CA LYS D 430 -20.72 -31.13 -2.85
C LYS D 430 -21.15 -29.71 -2.46
N PHE D 431 -20.92 -29.35 -1.19
CA PHE D 431 -21.41 -28.11 -0.61
C PHE D 431 -20.79 -26.90 -1.30
N VAL D 432 -19.57 -27.07 -1.81
CA VAL D 432 -18.95 -26.06 -2.66
C VAL D 432 -19.62 -26.05 -4.04
N ASP D 433 -20.32 -27.12 -4.41
CA ASP D 433 -21.02 -27.19 -5.69
C ASP D 433 -22.53 -27.16 -5.47
N SER D 434 -23.01 -26.14 -4.76
CA SER D 434 -24.45 -25.96 -4.53
C SER D 434 -24.69 -24.74 -3.64
C1 CIT E . -9.16 -5.71 -15.57
O1 CIT E . -9.66 -5.70 -14.44
O2 CIT E . -7.98 -5.33 -15.81
C2 CIT E . -10.01 -6.17 -16.73
C3 CIT E . -11.33 -6.91 -16.42
O7 CIT E . -11.12 -8.01 -15.54
C4 CIT E . -11.89 -7.42 -17.76
C5 CIT E . -10.87 -8.16 -18.60
O3 CIT E . -10.54 -7.66 -19.70
O4 CIT E . -10.39 -9.22 -18.15
C6 CIT E . -12.40 -5.93 -15.84
O5 CIT E . -13.43 -6.41 -15.35
O6 CIT E . -12.15 -4.73 -15.88
C1 CIT F . -2.16 19.33 -21.48
O1 CIT F . -1.08 19.43 -22.14
O2 CIT F . -2.25 18.79 -20.37
C2 CIT F . -3.42 19.97 -22.02
C3 CIT F . -3.29 20.84 -23.29
O7 CIT F . -2.29 21.82 -23.09
C4 CIT F . -4.61 21.61 -23.48
C5 CIT F . -4.53 23.11 -23.14
O3 CIT F . -4.64 23.89 -24.11
O4 CIT F . -4.39 23.48 -21.94
C6 CIT F . -3.04 19.96 -24.55
O5 CIT F . -2.66 20.52 -25.57
O6 CIT F . -3.24 18.75 -24.48
C1 CIT G . 19.67 18.35 14.25
O1 CIT G . 19.53 17.80 13.14
O2 CIT G . 19.89 19.58 14.36
C2 CIT G . 19.65 17.52 15.51
C3 CIT G . 19.13 16.07 15.43
O7 CIT G . 17.88 16.05 14.73
C4 CIT G . 18.91 15.50 16.83
C5 CIT G . 17.94 16.26 17.72
O3 CIT G . 16.71 16.17 17.47
O4 CIT G . 18.43 16.94 18.65
C6 CIT G . 20.19 15.16 14.72
O5 CIT G . 19.83 14.06 14.40
O6 CIT G . 21.35 15.58 14.60
C1 CIT H . -0.71 -22.73 21.85
O1 CIT H . -0.95 -21.63 22.45
O2 CIT H . -1.26 -23.06 20.78
C2 CIT H . 0.22 -23.77 22.45
C3 CIT H . 1.12 -23.39 23.64
O7 CIT H . 1.91 -22.25 23.30
C4 CIT H . 2.09 -24.57 23.87
C5 CIT H . 3.42 -24.46 23.13
O3 CIT H . 4.48 -24.50 23.80
O4 CIT H . 3.39 -24.31 21.90
C6 CIT H . 0.31 -23.18 24.96
O5 CIT H . 0.87 -22.55 25.85
O6 CIT H . -0.84 -23.66 25.06
#